data_7NBC
#
_entry.id   7NBC
#
_cell.length_a   48.150
_cell.length_b   154.860
_cell.length_c   85.480
_cell.angle_alpha   90.000
_cell.angle_beta   98.080
_cell.angle_gamma   90.000
#
_symmetry.space_group_name_H-M   'P 1 21 1'
#
loop_
_entity.id
_entity.type
_entity.pdbx_description
1 polymer 'Serine racemase'
2 non-polymer "PYRIDOXAL-5'-PHOSPHATE"
3 non-polymer GLYCEROL
4 non-polymer 'CALCIUM ION'
5 non-polymer 'MAGNESIUM ION'
6 non-polymer 1,2-ETHANEDIOL
7 non-polymer 'SODIUM ION'
8 non-polymer 2-(2-METHOXYETHOXY)ETHANOL
9 non-polymer 'biphenyl-4-ylacetic acid'
10 water water
#
_entity_poly.entity_id   1
_entity_poly.type   'polypeptide(L)'
_entity_poly.pdbx_seq_one_letter_code
;MDAQYDISFADVEKAHINIRDSIHLTPVLTSSILNQLTGRNLFFKCELFQKTGSFKIRGALNAVRSLVPDALERKPKAVV
THSSGNHGQALTYAAKLEGIPAYIVVPQTAPDCKKLAIQAYGASIVYCEPSDESRENVAKRVTEETEGIMVHPNQEPAVI
AGQGTIALEVLNQVPLVDALVVPVGGGGMLAGIAITVKALKPSVKVYAAEPSNADDCYQSKLKGKLMPNLYPPETIADGV
KSSIGLNTWPIIRDLVDDIFTVTEDEIKCATQLVWERMKLLIEPTAGVGVAAVLSQHFQTVSPEVKNICIVLSGGNVDLT
SSITWVKQAERPASYQSVSVHHHHHH
;
_entity_poly.pdbx_strand_id   AAA,BBB,CCC,DDD
#
# COMPACT_ATOMS: atom_id res chain seq x y z
N GLN A 4 12.34 25.11 -26.76
N GLN A 4 12.86 24.19 -26.16
CA GLN A 4 13.32 24.21 -27.44
CA GLN A 4 13.76 23.78 -27.27
C GLN A 4 12.57 23.20 -28.31
C GLN A 4 13.06 22.78 -28.18
N TYR A 5 11.97 22.17 -27.68
CA TYR A 5 11.21 21.17 -28.44
C TYR A 5 9.75 21.60 -28.57
N ASP A 6 8.97 20.79 -29.30
CA ASP A 6 7.57 21.13 -29.55
C ASP A 6 6.70 20.98 -28.31
N ILE A 7 7.18 20.27 -27.27
CA ILE A 7 6.55 20.27 -25.96
C ILE A 7 7.65 20.46 -24.91
N SER A 8 7.23 20.85 -23.69
CA SER A 8 8.08 20.92 -22.52
C SER A 8 7.48 20.04 -21.43
N PHE A 9 8.24 19.89 -20.34
CA PHE A 9 7.74 19.17 -19.19
C PHE A 9 6.49 19.85 -18.65
N ALA A 10 6.47 21.20 -18.69
CA ALA A 10 5.27 21.90 -18.24
C ALA A 10 4.03 21.42 -19.00
N ASP A 11 4.18 21.18 -20.31
CA ASP A 11 3.06 20.72 -21.12
C ASP A 11 2.57 19.35 -20.67
N VAL A 12 3.50 18.47 -20.34
CA VAL A 12 3.16 17.14 -19.85
C VAL A 12 2.35 17.21 -18.57
N GLU A 13 2.80 18.07 -17.65
N GLU A 13 2.84 18.01 -17.61
CA GLU A 13 2.08 18.24 -16.40
CA GLU A 13 2.16 18.11 -16.34
C GLU A 13 0.71 18.86 -16.64
C GLU A 13 0.76 18.68 -16.57
N LYS A 14 0.62 19.84 -17.54
N LYS A 14 0.68 19.72 -17.42
CA LYS A 14 -0.70 20.39 -17.85
CA LYS A 14 -0.60 20.32 -17.79
C LYS A 14 -1.62 19.31 -18.41
C LYS A 14 -1.56 19.25 -18.31
N ALA A 15 -1.05 18.40 -19.21
CA ALA A 15 -1.80 17.26 -19.75
C ALA A 15 -2.30 16.33 -18.64
N HIS A 16 -1.42 15.97 -17.68
N HIS A 16 -1.42 16.02 -17.67
CA HIS A 16 -1.84 15.07 -16.61
CA HIS A 16 -1.81 15.17 -16.53
C HIS A 16 -2.99 15.70 -15.83
C HIS A 16 -2.99 15.80 -15.81
N ILE A 17 -2.89 17.01 -15.61
N ILE A 17 -2.90 17.12 -15.57
CA ILE A 17 -3.95 17.69 -14.86
CA ILE A 17 -3.95 17.82 -14.85
C ILE A 17 -5.25 17.62 -15.66
C ILE A 17 -5.25 17.72 -15.65
N ASN A 18 -5.13 17.88 -16.97
CA ASN A 18 -6.28 17.87 -17.87
C ASN A 18 -7.00 16.52 -17.95
N ILE A 19 -6.26 15.39 -17.83
CA ILE A 19 -6.85 14.10 -18.22
C ILE A 19 -7.09 13.19 -17.03
N ARG A 20 -6.56 13.53 -15.84
CA ARG A 20 -6.47 12.60 -14.71
C ARG A 20 -7.85 12.08 -14.28
N ASP A 21 -8.88 12.92 -14.38
CA ASP A 21 -10.18 12.55 -13.84
C ASP A 21 -10.88 11.53 -14.76
N SER A 22 -10.28 11.21 -15.90
CA SER A 22 -10.99 10.39 -16.88
C SER A 22 -10.16 9.19 -17.36
N ILE A 23 -8.94 9.04 -16.86
CA ILE A 23 -8.13 7.89 -17.28
C ILE A 23 -7.83 7.05 -16.05
N HIS A 24 -7.25 5.87 -16.30
CA HIS A 24 -6.86 4.99 -15.21
C HIS A 24 -5.37 5.17 -14.93
N LEU A 25 -5.02 5.20 -13.63
N LEU A 25 -5.06 5.30 -13.63
CA LEU A 25 -3.61 5.13 -13.24
CA LEU A 25 -3.71 5.04 -13.17
C LEU A 25 -3.23 3.66 -13.22
C LEU A 25 -3.50 3.54 -13.30
N THR A 26 -2.81 3.15 -14.38
CA THR A 26 -2.66 1.72 -14.65
C THR A 26 -1.60 1.13 -13.74
N PRO A 27 -1.76 -0.14 -13.32
CA PRO A 27 -0.78 -0.77 -12.45
C PRO A 27 0.52 -1.11 -13.16
N VAL A 28 1.55 -1.29 -12.32
CA VAL A 28 2.82 -1.84 -12.76
C VAL A 28 2.91 -3.23 -12.17
N LEU A 29 3.05 -4.23 -13.05
CA LEU A 29 3.05 -5.63 -12.65
C LEU A 29 4.43 -6.20 -12.91
N THR A 30 4.72 -7.33 -12.26
CA THR A 30 6.03 -7.92 -12.40
C THR A 30 5.83 -9.39 -12.74
N SER A 31 6.92 -10.01 -13.18
CA SER A 31 6.96 -11.42 -13.54
C SER A 31 8.31 -12.01 -13.17
N SER A 32 8.33 -13.01 -12.30
CA SER A 32 9.55 -13.69 -11.94
C SER A 32 10.16 -14.33 -13.18
N ILE A 33 9.32 -14.93 -14.02
CA ILE A 33 9.75 -15.66 -15.19
C ILE A 33 10.51 -14.72 -16.12
N LEU A 34 9.91 -13.53 -16.39
CA LEU A 34 10.57 -12.58 -17.28
C LEU A 34 11.88 -12.03 -16.69
N ASN A 35 11.85 -11.82 -15.36
N ASN A 35 12.01 -11.96 -15.37
CA ASN A 35 13.00 -11.44 -14.53
CA ASN A 35 13.32 -11.58 -14.83
C ASN A 35 14.06 -12.53 -14.63
C ASN A 35 14.42 -12.56 -15.26
N GLN A 36 13.61 -13.79 -14.48
N GLN A 36 14.13 -13.86 -15.19
CA GLN A 36 14.49 -14.93 -14.62
CA GLN A 36 15.12 -14.90 -15.44
C GLN A 36 15.10 -14.97 -16.02
C GLN A 36 15.60 -14.88 -16.89
N LEU A 37 14.31 -14.61 -17.06
N LEU A 37 14.67 -14.80 -17.84
CA LEU A 37 14.78 -14.80 -18.43
CA LEU A 37 15.04 -14.75 -19.25
C LEU A 37 15.77 -13.72 -18.88
C LEU A 37 15.93 -13.54 -19.52
N THR A 38 15.49 -12.44 -18.59
N THR A 38 15.96 -12.59 -18.58
CA THR A 38 16.13 -11.33 -19.31
CA THR A 38 16.71 -11.34 -18.73
C THR A 38 17.43 -10.89 -18.64
C THR A 38 17.76 -11.20 -17.63
N GLY A 39 17.64 -11.32 -17.38
N GLY A 39 17.50 -11.74 -16.43
CA GLY A 39 18.79 -10.88 -16.60
CA GLY A 39 18.36 -11.34 -15.33
C GLY A 39 18.44 -9.72 -15.68
C GLY A 39 18.38 -9.82 -15.20
N ARG A 40 17.31 -9.07 -15.98
N ARG A 40 17.19 -9.28 -14.88
CA ARG A 40 16.96 -7.78 -15.42
CA ARG A 40 16.98 -7.87 -14.61
C ARG A 40 15.77 -7.91 -14.47
C ARG A 40 15.68 -7.78 -13.81
N ASN A 41 15.57 -6.84 -13.69
N ASN A 41 15.44 -6.63 -13.17
CA ASN A 41 14.43 -6.66 -12.80
CA ASN A 41 14.19 -6.45 -12.47
C ASN A 41 13.37 -5.84 -13.55
C ASN A 41 13.24 -5.74 -13.42
N LEU A 42 12.30 -6.49 -14.02
CA LEU A 42 11.37 -5.88 -14.96
C LEU A 42 10.11 -5.39 -14.26
N PHE A 43 9.54 -4.33 -14.82
CA PHE A 43 8.29 -3.76 -14.33
C PHE A 43 7.46 -3.42 -15.56
N PHE A 44 6.17 -3.78 -15.55
CA PHE A 44 5.34 -3.70 -16.74
C PHE A 44 4.22 -2.71 -16.48
N LYS A 45 4.31 -1.56 -17.15
CA LYS A 45 3.30 -0.53 -17.05
C LYS A 45 2.14 -0.93 -17.97
N CYS A 46 0.99 -1.21 -17.36
CA CYS A 46 -0.08 -1.93 -18.03
C CYS A 46 -1.08 -1.01 -18.72
N GLU A 47 -0.61 -0.30 -19.76
CA GLU A 47 -1.50 0.53 -20.54
C GLU A 47 -2.51 -0.30 -21.34
N LEU A 48 -2.33 -1.64 -21.38
CA LEU A 48 -3.38 -2.44 -22.00
C LEU A 48 -4.67 -2.39 -21.18
N PHE A 49 -4.57 -2.00 -19.91
CA PHE A 49 -5.76 -1.87 -19.06
C PHE A 49 -6.34 -0.44 -19.13
N GLN A 50 -5.72 0.47 -19.89
CA GLN A 50 -6.19 1.84 -19.99
C GLN A 50 -7.58 1.89 -20.63
N LYS A 51 -8.34 2.98 -20.37
CA LYS A 51 -9.58 3.20 -21.10
C LYS A 51 -9.30 3.12 -22.59
N THR A 52 -10.19 2.46 -23.31
CA THR A 52 -10.16 2.26 -24.75
C THR A 52 -9.19 1.17 -25.18
N GLY A 53 -8.43 0.60 -24.23
CA GLY A 53 -7.53 -0.51 -24.55
C GLY A 53 -6.09 -0.13 -24.90
N SER A 54 -5.75 1.18 -24.85
CA SER A 54 -4.39 1.59 -25.14
C SER A 54 -4.15 2.95 -24.50
N PHE A 55 -2.87 3.35 -24.47
CA PHE A 55 -2.48 4.58 -23.82
C PHE A 55 -3.00 5.78 -24.60
N LYS A 56 -3.47 5.57 -25.84
CA LYS A 56 -3.73 6.71 -26.72
C LYS A 56 -4.85 7.63 -26.21
N ILE A 57 -5.65 7.15 -25.25
CA ILE A 57 -6.64 8.02 -24.63
C ILE A 57 -5.97 9.23 -23.97
N ARG A 58 -4.71 9.09 -23.55
CA ARG A 58 -4.05 10.17 -22.84
C ARG A 58 -3.88 11.36 -23.78
N GLY A 59 -3.20 11.13 -24.91
CA GLY A 59 -3.00 12.20 -25.87
C GLY A 59 -4.32 12.69 -26.47
N ALA A 60 -5.25 11.77 -26.74
CA ALA A 60 -6.49 12.12 -27.42
C ALA A 60 -7.33 13.02 -26.50
N LEU A 61 -7.42 12.66 -25.21
CA LEU A 61 -8.20 13.49 -24.30
C LEU A 61 -7.51 14.84 -24.07
N ASN A 62 -6.17 14.84 -24.01
CA ASN A 62 -5.48 16.11 -23.80
C ASN A 62 -5.76 17.03 -24.99
N ALA A 63 -5.78 16.46 -26.19
CA ALA A 63 -6.03 17.25 -27.38
C ALA A 63 -7.45 17.83 -27.36
N VAL A 64 -8.43 16.99 -27.02
CA VAL A 64 -9.81 17.46 -26.99
C VAL A 64 -9.95 18.57 -25.95
N ARG A 65 -9.25 18.44 -24.81
CA ARG A 65 -9.40 19.39 -23.72
C ARG A 65 -8.49 20.61 -23.83
N SER A 66 -7.58 20.65 -24.82
N SER A 66 -7.56 20.60 -24.81
CA SER A 66 -6.67 21.80 -24.84
CA SER A 66 -6.52 21.60 -24.90
C SER A 66 -6.62 22.52 -26.18
C SER A 66 -6.65 22.47 -26.14
N LEU A 67 -6.98 21.85 -27.28
CA LEU A 67 -6.85 22.48 -28.60
C LEU A 67 -8.06 23.36 -28.90
N VAL A 68 -7.83 24.44 -29.66
CA VAL A 68 -8.94 25.29 -30.11
C VAL A 68 -9.13 25.11 -31.61
N PRO A 69 -10.38 25.09 -32.13
CA PRO A 69 -10.61 24.92 -33.56
C PRO A 69 -10.19 26.12 -34.41
N ASP A 70 -10.15 27.29 -33.77
N ASP A 70 -10.18 27.31 -33.80
CA ASP A 70 -10.09 28.55 -34.50
CA ASP A 70 -9.83 28.50 -34.57
C ASP A 70 -9.66 29.68 -33.57
C ASP A 70 -9.71 29.68 -33.61
N ALA A 71 -9.17 30.79 -34.15
CA ALA A 71 -8.90 31.98 -33.36
C ALA A 71 -10.16 32.49 -32.69
N LEU A 72 -11.32 32.22 -33.30
CA LEU A 72 -12.55 32.88 -32.86
C LEU A 72 -13.44 31.92 -32.07
N GLU A 73 -12.98 30.69 -31.84
N GLU A 73 -12.96 30.69 -31.84
CA GLU A 73 -13.77 29.74 -31.08
CA GLU A 73 -13.73 29.69 -31.11
C GLU A 73 -12.85 28.94 -30.18
C GLU A 73 -12.80 28.95 -30.17
N ARG A 74 -13.07 29.02 -28.87
CA ARG A 74 -12.24 28.38 -27.86
C ARG A 74 -12.53 26.88 -27.74
N LYS A 75 -13.78 26.45 -28.02
CA LYS A 75 -14.20 25.08 -27.76
C LYS A 75 -14.29 24.28 -29.06
N PRO A 76 -13.58 23.13 -29.19
CA PRO A 76 -13.78 22.24 -30.34
C PRO A 76 -15.21 21.74 -30.42
N LYS A 77 -15.77 21.71 -31.64
CA LYS A 77 -17.14 21.26 -31.84
C LYS A 77 -17.24 19.87 -32.45
N ALA A 78 -16.09 19.24 -32.74
CA ALA A 78 -16.04 17.88 -33.26
C ALA A 78 -14.56 17.47 -33.25
N VAL A 79 -14.28 16.19 -33.47
CA VAL A 79 -12.90 15.76 -33.66
C VAL A 79 -12.85 15.01 -34.98
N VAL A 80 -11.68 15.09 -35.64
CA VAL A 80 -11.52 14.49 -36.95
C VAL A 80 -10.14 13.84 -36.96
N THR A 81 -10.06 12.64 -37.55
CA THR A 81 -8.75 12.01 -37.76
C THR A 81 -8.85 11.00 -38.92
N HIS A 82 -7.68 10.75 -39.54
CA HIS A 82 -7.49 9.73 -40.55
C HIS A 82 -7.11 8.39 -39.92
N SER A 83 -6.86 8.36 -38.61
N SER A 83 -6.89 8.35 -38.61
CA SER A 83 -6.52 7.10 -37.95
CA SER A 83 -6.52 7.11 -37.93
C SER A 83 -7.77 6.31 -37.58
C SER A 83 -7.74 6.30 -37.54
N SER A 84 -7.78 5.02 -37.93
CA SER A 84 -8.95 4.19 -37.66
C SER A 84 -8.67 3.14 -36.58
N GLY A 85 -7.42 3.08 -36.09
CA GLY A 85 -7.03 2.07 -35.12
C GLY A 85 -7.16 2.59 -33.67
N ASN A 86 -6.17 2.28 -32.82
CA ASN A 86 -6.18 2.70 -31.42
C ASN A 86 -6.37 4.21 -31.29
N HIS A 87 -5.80 5.02 -32.19
CA HIS A 87 -6.00 6.46 -32.07
C HIS A 87 -7.45 6.86 -32.30
N GLY A 88 -8.06 6.37 -33.38
CA GLY A 88 -9.45 6.75 -33.68
C GLY A 88 -10.39 6.28 -32.58
N GLN A 89 -10.10 5.08 -32.06
CA GLN A 89 -10.91 4.61 -30.95
C GLN A 89 -10.76 5.53 -29.73
N ALA A 90 -9.53 5.91 -29.39
CA ALA A 90 -9.27 6.78 -28.24
C ALA A 90 -9.93 8.15 -28.48
N LEU A 91 -9.72 8.68 -29.68
CA LEU A 91 -10.25 10.02 -29.95
C LEU A 91 -11.77 10.02 -29.88
N THR A 92 -12.40 8.96 -30.39
CA THR A 92 -13.86 8.91 -30.31
C THR A 92 -14.34 8.91 -28.87
N TYR A 93 -13.69 8.12 -28.02
CA TYR A 93 -14.03 8.05 -26.61
C TYR A 93 -13.85 9.43 -25.95
N ALA A 94 -12.74 10.12 -26.26
CA ALA A 94 -12.47 11.44 -25.70
C ALA A 94 -13.58 12.42 -26.11
N ALA A 95 -13.99 12.35 -27.40
CA ALA A 95 -15.06 13.17 -27.95
C ALA A 95 -16.38 12.90 -27.24
N LYS A 96 -16.71 11.61 -27.03
N LYS A 96 -16.70 11.61 -27.03
CA LYS A 96 -17.92 11.25 -26.31
CA LYS A 96 -17.91 11.25 -26.32
C LYS A 96 -17.90 11.86 -24.90
C LYS A 96 -17.91 11.83 -24.89
N LEU A 97 -16.76 11.76 -24.21
CA LEU A 97 -16.67 12.30 -22.85
C LEU A 97 -16.98 13.79 -22.85
N GLU A 98 -16.56 14.49 -23.91
CA GLU A 98 -16.78 15.92 -23.96
C GLU A 98 -18.09 16.31 -24.67
N GLY A 99 -18.88 15.32 -25.12
CA GLY A 99 -20.20 15.58 -25.71
C GLY A 99 -20.14 16.14 -27.14
N ILE A 100 -19.04 15.85 -27.87
CA ILE A 100 -18.90 16.36 -29.23
C ILE A 100 -18.76 15.18 -30.19
N PRO A 101 -19.16 15.35 -31.45
CA PRO A 101 -19.09 14.25 -32.42
C PRO A 101 -17.69 13.95 -32.90
N ALA A 102 -17.44 12.68 -33.28
CA ALA A 102 -16.16 12.27 -33.83
C ALA A 102 -16.33 11.80 -35.28
N TYR A 103 -15.43 12.22 -36.17
CA TYR A 103 -15.43 11.79 -37.56
C TYR A 103 -14.10 11.13 -37.89
N ILE A 104 -14.17 9.94 -38.48
CA ILE A 104 -13.00 9.23 -38.95
C ILE A 104 -13.06 9.23 -40.47
N VAL A 105 -12.01 9.75 -41.11
CA VAL A 105 -11.96 9.80 -42.56
C VAL A 105 -11.36 8.48 -43.03
N VAL A 106 -12.12 7.72 -43.80
CA VAL A 106 -11.78 6.35 -44.13
C VAL A 106 -11.80 6.25 -45.66
N PRO A 107 -10.77 5.65 -46.31
CA PRO A 107 -10.84 5.34 -47.75
C PRO A 107 -11.95 4.33 -48.06
N GLN A 108 -12.52 4.44 -49.27
CA GLN A 108 -13.56 3.55 -49.78
C GLN A 108 -13.10 2.09 -49.70
N THR A 109 -11.78 1.89 -49.83
CA THR A 109 -11.16 0.57 -49.92
C THR A 109 -10.93 -0.06 -48.56
N ALA A 110 -11.37 0.61 -47.48
CA ALA A 110 -11.18 0.04 -46.16
C ALA A 110 -11.96 -1.28 -46.06
N PRO A 111 -11.38 -2.32 -45.40
CA PRO A 111 -12.12 -3.55 -45.10
C PRO A 111 -13.46 -3.27 -44.40
N ASP A 112 -14.44 -4.11 -44.71
CA ASP A 112 -15.77 -3.99 -44.14
C ASP A 112 -15.71 -4.04 -42.61
N CYS A 113 -14.83 -4.88 -42.07
CA CYS A 113 -14.71 -5.06 -40.63
C CYS A 113 -14.25 -3.75 -39.96
N LYS A 114 -13.36 -3.02 -40.63
CA LYS A 114 -12.83 -1.75 -40.13
C LYS A 114 -13.95 -0.69 -40.10
N LYS A 115 -14.81 -0.69 -41.13
CA LYS A 115 -15.95 0.22 -41.21
C LYS A 115 -16.95 -0.09 -40.09
N LEU A 116 -17.19 -1.38 -39.83
CA LEU A 116 -18.04 -1.80 -38.73
C LEU A 116 -17.44 -1.44 -37.38
N ALA A 117 -16.14 -1.69 -37.20
CA ALA A 117 -15.47 -1.42 -35.94
C ALA A 117 -15.49 0.08 -35.61
N ILE A 118 -15.40 0.95 -36.63
CA ILE A 118 -15.45 2.38 -36.38
C ILE A 118 -16.84 2.76 -35.91
N GLN A 119 -17.86 2.20 -36.56
CA GLN A 119 -19.24 2.52 -36.22
C GLN A 119 -19.56 1.94 -34.84
N ALA A 120 -18.89 0.82 -34.51
CA ALA A 120 -19.06 0.17 -33.23
C ALA A 120 -18.56 1.06 -32.10
N TYR A 121 -17.49 1.82 -32.34
CA TYR A 121 -16.92 2.59 -31.24
C TYR A 121 -17.58 3.97 -31.14
N GLY A 122 -18.49 4.27 -32.07
CA GLY A 122 -19.45 5.37 -31.95
C GLY A 122 -19.02 6.61 -32.73
N ALA A 123 -18.08 6.45 -33.66
CA ALA A 123 -17.69 7.54 -34.54
C ALA A 123 -18.55 7.54 -35.82
N SER A 124 -18.59 8.68 -36.54
CA SER A 124 -19.15 8.76 -37.88
C SER A 124 -18.04 8.62 -38.90
N ILE A 125 -18.34 7.90 -40.00
CA ILE A 125 -17.40 7.69 -41.09
C ILE A 125 -17.60 8.78 -42.15
N VAL A 126 -16.49 9.34 -42.63
CA VAL A 126 -16.50 10.14 -43.84
C VAL A 126 -15.55 9.50 -44.84
N TYR A 127 -16.05 9.20 -46.05
CA TYR A 127 -15.27 8.45 -47.02
C TYR A 127 -14.41 9.38 -47.86
N CYS A 128 -13.20 8.90 -48.18
CA CYS A 128 -12.33 9.60 -49.13
C CYS A 128 -11.86 8.59 -50.18
N GLU A 129 -11.15 9.09 -51.20
N GLU A 129 -11.15 9.09 -51.20
CA GLU A 129 -10.44 8.17 -52.07
CA GLU A 129 -10.42 8.20 -52.09
C GLU A 129 -9.22 7.62 -51.36
C GLU A 129 -9.22 7.63 -51.37
N PRO A 130 -8.77 6.42 -51.77
CA PRO A 130 -7.50 5.85 -51.33
C PRO A 130 -6.32 6.83 -51.30
N SER A 131 -6.43 7.93 -52.06
CA SER A 131 -5.34 8.88 -52.29
C SER A 131 -5.19 9.88 -51.14
N ASP A 132 -4.00 10.49 -51.06
CA ASP A 132 -3.68 11.43 -49.98
C ASP A 132 -4.28 12.79 -50.31
N GLU A 133 -4.24 13.19 -51.59
CA GLU A 133 -4.90 14.39 -52.05
C GLU A 133 -6.37 14.40 -51.58
N SER A 134 -7.06 13.26 -51.74
CA SER A 134 -8.45 13.14 -51.33
C SER A 134 -8.57 13.10 -49.80
N ARG A 135 -7.66 12.35 -49.17
CA ARG A 135 -7.69 12.11 -47.75
C ARG A 135 -7.59 13.46 -47.03
N GLU A 136 -6.66 14.28 -47.50
CA GLU A 136 -6.37 15.58 -46.93
C GLU A 136 -7.53 16.54 -47.24
N ASN A 137 -7.89 16.63 -48.52
CA ASN A 137 -9.10 17.33 -48.88
C ASN A 137 -10.21 17.04 -47.88
N VAL A 138 -10.51 15.74 -47.68
CA VAL A 138 -11.70 15.37 -46.95
C VAL A 138 -11.56 15.76 -45.48
N ALA A 139 -10.46 15.34 -44.83
CA ALA A 139 -10.32 15.62 -43.40
C ALA A 139 -10.31 17.11 -43.12
N LYS A 140 -9.55 17.87 -43.92
CA LYS A 140 -9.48 19.31 -43.70
C LYS A 140 -10.86 19.91 -43.91
N ARG A 141 -11.60 19.37 -44.89
CA ARG A 141 -12.93 19.87 -45.20
C ARG A 141 -13.90 19.55 -44.07
N VAL A 142 -13.86 18.32 -43.55
CA VAL A 142 -14.72 17.95 -42.43
C VAL A 142 -14.40 18.84 -41.23
N THR A 143 -13.09 19.03 -40.94
CA THR A 143 -12.65 19.86 -39.81
C THR A 143 -13.23 21.26 -39.95
N GLU A 144 -13.13 21.84 -41.13
CA GLU A 144 -13.60 23.19 -41.34
C GLU A 144 -15.12 23.29 -41.14
N GLU A 145 -15.88 22.36 -41.73
CA GLU A 145 -17.33 22.48 -41.77
C GLU A 145 -17.97 22.17 -40.42
N THR A 146 -17.31 21.36 -39.58
CA THR A 146 -17.88 20.96 -38.31
C THR A 146 -17.33 21.84 -37.19
N GLU A 147 -16.44 22.78 -37.52
CA GLU A 147 -15.71 23.53 -36.51
C GLU A 147 -14.97 22.59 -35.55
N GLY A 148 -14.32 21.58 -36.12
CA GLY A 148 -13.67 20.56 -35.31
C GLY A 148 -12.17 20.84 -35.13
N ILE A 149 -11.52 19.98 -34.35
CA ILE A 149 -10.07 19.88 -34.35
C ILE A 149 -9.67 18.59 -35.07
N MET A 150 -8.65 18.69 -35.93
N MET A 150 -8.65 18.68 -35.92
CA MET A 150 -8.00 17.54 -36.53
CA MET A 150 -8.03 17.53 -36.54
C MET A 150 -6.91 17.11 -35.57
C MET A 150 -6.91 17.10 -35.60
N VAL A 151 -6.89 15.82 -35.18
CA VAL A 151 -5.98 15.40 -34.13
C VAL A 151 -5.07 14.30 -34.66
N HIS A 152 -3.82 14.69 -34.96
CA HIS A 152 -2.85 13.76 -35.52
C HIS A 152 -2.45 12.72 -34.47
N PRO A 153 -2.32 11.42 -34.85
CA PRO A 153 -2.03 10.38 -33.87
C PRO A 153 -0.68 10.48 -33.13
N ASN A 154 0.28 11.25 -33.67
CA ASN A 154 1.59 11.25 -33.03
C ASN A 154 2.39 12.54 -33.15
N GLN A 155 2.01 13.48 -34.04
CA GLN A 155 2.82 14.68 -34.24
C GLN A 155 2.20 15.92 -33.59
N GLU A 156 0.95 15.80 -33.15
N GLU A 156 0.93 15.83 -33.17
CA GLU A 156 0.21 16.88 -32.51
CA GLU A 156 0.26 16.96 -32.56
C GLU A 156 0.83 17.13 -31.12
C GLU A 156 0.84 17.13 -31.15
N PRO A 157 1.40 18.32 -30.82
CA PRO A 157 1.99 18.58 -29.50
C PRO A 157 1.10 18.19 -28.32
N ALA A 158 -0.19 18.50 -28.40
CA ALA A 158 -1.04 18.14 -27.26
C ALA A 158 -1.11 16.63 -27.08
N VAL A 159 -1.03 15.89 -28.20
CA VAL A 159 -1.04 14.44 -28.13
C VAL A 159 0.28 13.95 -27.51
N ILE A 160 1.42 14.51 -27.96
CA ILE A 160 2.72 14.11 -27.42
C ILE A 160 2.75 14.34 -25.91
N ALA A 161 2.25 15.51 -25.49
CA ALA A 161 2.30 15.89 -24.07
C ALA A 161 1.46 14.90 -23.25
N GLY A 162 0.28 14.53 -23.78
CA GLY A 162 -0.58 13.55 -23.12
C GLY A 162 0.12 12.20 -22.96
N GLN A 163 0.74 11.71 -24.04
CA GLN A 163 1.42 10.41 -23.93
C GLN A 163 2.50 10.43 -22.85
N GLY A 164 3.21 11.56 -22.69
CA GLY A 164 4.28 11.71 -21.72
C GLY A 164 3.86 11.45 -20.27
N THR A 165 2.55 11.59 -19.98
CA THR A 165 2.04 11.36 -18.63
C THR A 165 2.28 9.92 -18.18
N ILE A 166 2.45 8.99 -19.12
CA ILE A 166 2.80 7.63 -18.71
C ILE A 166 4.04 7.67 -17.82
N ALA A 167 5.03 8.49 -18.22
CA ALA A 167 6.31 8.56 -17.51
C ALA A 167 6.16 9.19 -16.12
N LEU A 168 5.23 10.13 -15.96
CA LEU A 168 4.98 10.70 -14.62
C LEU A 168 4.53 9.59 -13.69
N GLU A 169 3.66 8.70 -14.18
CA GLU A 169 3.15 7.60 -13.38
C GLU A 169 4.26 6.59 -13.09
N VAL A 170 5.01 6.23 -14.13
CA VAL A 170 6.04 5.23 -13.96
C VAL A 170 7.06 5.68 -12.90
N LEU A 171 7.50 6.94 -12.97
CA LEU A 171 8.52 7.41 -12.02
C LEU A 171 8.02 7.38 -10.59
N ASN A 172 6.70 7.61 -10.39
CA ASN A 172 6.05 7.55 -9.09
C ASN A 172 5.87 6.10 -8.65
N GLN A 173 5.55 5.23 -9.60
CA GLN A 173 5.21 3.86 -9.25
C GLN A 173 6.45 3.02 -9.05
N VAL A 174 7.56 3.44 -9.67
CA VAL A 174 8.77 2.63 -9.64
C VAL A 174 9.92 3.57 -9.32
N PRO A 175 10.05 4.01 -8.05
CA PRO A 175 11.03 5.03 -7.68
C PRO A 175 12.48 4.62 -7.99
N LEU A 176 12.78 3.31 -8.01
CA LEU A 176 14.15 2.94 -8.32
C LEU A 176 14.33 2.56 -9.81
N VAL A 177 13.41 2.96 -10.68
CA VAL A 177 13.55 2.62 -12.10
C VAL A 177 14.86 3.17 -12.69
N ASP A 178 15.52 2.36 -13.54
CA ASP A 178 16.79 2.69 -14.18
C ASP A 178 16.60 3.01 -15.67
N ALA A 179 15.50 2.48 -16.25
CA ALA A 179 15.27 2.69 -17.67
C ALA A 179 13.78 2.45 -17.97
N LEU A 180 13.29 3.15 -18.99
CA LEU A 180 12.00 2.81 -19.59
C LEU A 180 12.24 2.31 -21.01
N VAL A 181 11.48 1.28 -21.41
CA VAL A 181 11.50 0.73 -22.75
C VAL A 181 10.14 0.97 -23.38
N VAL A 182 10.15 1.65 -24.54
CA VAL A 182 8.95 2.22 -25.16
C VAL A 182 8.89 1.78 -26.62
N PRO A 183 7.81 1.09 -27.07
CA PRO A 183 7.67 0.78 -28.51
C PRO A 183 7.50 2.11 -29.25
N VAL A 184 8.07 2.19 -30.45
CA VAL A 184 8.02 3.43 -31.22
C VAL A 184 7.38 3.16 -32.60
N GLY A 185 6.39 4.01 -32.95
CA GLY A 185 5.94 4.17 -34.32
C GLY A 185 6.15 5.62 -34.74
N GLY A 186 5.10 6.43 -34.58
CA GLY A 186 5.24 7.85 -34.91
C GLY A 186 6.07 8.60 -33.85
N GLY A 187 6.24 7.98 -32.68
CA GLY A 187 7.12 8.53 -31.66
C GLY A 187 6.44 9.54 -30.72
N GLY A 188 5.10 9.60 -30.72
CA GLY A 188 4.43 10.49 -29.78
C GLY A 188 4.62 10.03 -28.34
N MET A 189 4.43 8.72 -28.14
CA MET A 189 4.67 8.14 -26.83
C MET A 189 6.16 8.24 -26.44
N LEU A 190 7.07 7.83 -27.32
CA LEU A 190 8.49 7.91 -27.03
C LEU A 190 8.93 9.33 -26.68
N ALA A 191 8.50 10.31 -27.51
CA ALA A 191 8.92 11.70 -27.33
C ALA A 191 8.36 12.28 -26.03
N GLY A 192 7.07 12.00 -25.76
CA GLY A 192 6.48 12.54 -24.53
C GLY A 192 7.18 11.96 -23.30
N ILE A 193 7.39 10.64 -23.33
CA ILE A 193 8.11 9.98 -22.24
C ILE A 193 9.53 10.55 -22.12
N ALA A 194 10.26 10.70 -23.25
CA ALA A 194 11.63 11.17 -23.19
C ALA A 194 11.69 12.58 -22.57
N ILE A 195 10.79 13.49 -23.00
CA ILE A 195 10.76 14.84 -22.45
C ILE A 195 10.62 14.77 -20.93
N THR A 196 9.72 13.88 -20.49
CA THR A 196 9.35 13.83 -19.08
C THR A 196 10.49 13.30 -18.23
N VAL A 197 11.04 12.16 -18.66
CA VAL A 197 12.11 11.50 -17.92
C VAL A 197 13.33 12.41 -17.84
N LYS A 198 13.67 13.04 -18.96
CA LYS A 198 14.88 13.84 -19.02
C LYS A 198 14.71 15.16 -18.24
N ALA A 199 13.47 15.68 -18.11
CA ALA A 199 13.22 16.84 -17.27
C ALA A 199 13.37 16.49 -15.79
N LEU A 200 12.94 15.27 -15.41
CA LEU A 200 12.78 14.96 -14.00
C LEU A 200 13.99 14.22 -13.44
N LYS A 201 14.48 13.23 -14.19
CA LYS A 201 15.55 12.39 -13.66
C LYS A 201 16.36 11.85 -14.82
N PRO A 202 17.19 12.71 -15.44
CA PRO A 202 17.86 12.35 -16.68
C PRO A 202 18.82 11.16 -16.60
N SER A 203 19.19 10.74 -15.38
CA SER A 203 19.99 9.53 -15.19
C SER A 203 19.22 8.24 -15.54
N VAL A 204 17.90 8.33 -15.60
CA VAL A 204 17.07 7.23 -16.09
C VAL A 204 17.15 7.19 -17.62
N LYS A 205 17.47 6.01 -18.18
CA LYS A 205 17.58 5.76 -19.61
C LYS A 205 16.19 5.67 -20.23
N VAL A 206 16.11 6.17 -21.46
CA VAL A 206 14.91 6.00 -22.27
C VAL A 206 15.30 5.26 -23.54
N TYR A 207 14.76 4.04 -23.69
CA TYR A 207 15.10 3.20 -24.82
C TYR A 207 13.88 2.98 -25.68
N ALA A 208 14.08 3.01 -27.00
CA ALA A 208 13.00 2.73 -27.92
C ALA A 208 13.15 1.29 -28.42
N ALA A 209 12.00 0.71 -28.74
CA ALA A 209 11.95 -0.64 -29.26
C ALA A 209 11.15 -0.58 -30.55
N GLU A 210 11.67 -1.23 -31.61
CA GLU A 210 11.06 -1.03 -32.92
C GLU A 210 11.16 -2.31 -33.74
N PRO A 211 10.16 -2.67 -34.58
CA PRO A 211 10.32 -3.79 -35.53
C PRO A 211 11.41 -3.50 -36.56
N SER A 212 12.29 -4.48 -36.78
N SER A 212 12.29 -4.49 -36.75
N SER A 212 12.30 -4.48 -36.76
CA SER A 212 13.33 -4.34 -37.79
CA SER A 212 13.30 -4.51 -37.81
CA SER A 212 13.33 -4.35 -37.80
C SER A 212 12.72 -4.23 -39.19
C SER A 212 12.67 -4.14 -39.14
C SER A 212 12.67 -4.13 -39.16
N ASN A 213 11.47 -4.70 -39.34
CA ASN A 213 10.73 -4.55 -40.58
C ASN A 213 10.19 -3.14 -40.80
N ALA A 214 10.26 -2.28 -39.79
CA ALA A 214 9.78 -0.92 -39.92
C ALA A 214 10.73 0.02 -39.19
N ASP A 215 12.01 0.04 -39.57
CA ASP A 215 13.08 0.50 -38.69
C ASP A 215 13.50 1.96 -38.97
N ASP A 216 12.55 2.82 -39.34
CA ASP A 216 12.85 4.23 -39.61
C ASP A 216 13.42 4.95 -38.35
N CYS A 217 12.97 4.60 -37.15
CA CYS A 217 13.50 5.33 -36.00
C CYS A 217 14.98 4.97 -35.77
N TYR A 218 15.30 3.67 -35.87
CA TYR A 218 16.68 3.21 -35.86
C TYR A 218 17.48 3.90 -36.97
N GLN A 219 16.98 3.88 -38.22
CA GLN A 219 17.78 4.41 -39.32
C GLN A 219 17.97 5.91 -39.16
N SER A 220 16.95 6.58 -38.59
CA SER A 220 17.04 8.03 -38.40
C SER A 220 18.10 8.32 -37.32
N LYS A 221 18.08 7.55 -36.24
CA LYS A 221 19.04 7.79 -35.17
C LYS A 221 20.46 7.45 -35.64
N LEU A 222 20.59 6.37 -36.43
CA LEU A 222 21.87 6.00 -37.04
C LEU A 222 22.41 7.12 -37.94
N LYS A 223 21.57 7.64 -38.84
CA LYS A 223 22.02 8.62 -39.81
C LYS A 223 22.16 10.01 -39.19
N GLY A 224 21.40 10.27 -38.12
CA GLY A 224 21.35 11.59 -37.52
C GLY A 224 20.44 12.58 -38.26
N LYS A 225 19.52 12.07 -39.11
CA LYS A 225 18.45 12.90 -39.65
C LYS A 225 17.19 12.04 -39.85
N LEU A 226 16.07 12.71 -40.05
CA LEU A 226 14.78 12.05 -40.18
C LEU A 226 14.74 11.29 -41.51
N MET A 227 14.60 9.97 -41.42
CA MET A 227 14.59 9.05 -42.55
C MET A 227 13.34 8.19 -42.43
N PRO A 228 12.18 8.64 -42.93
CA PRO A 228 10.94 7.87 -42.76
C PRO A 228 10.99 6.60 -43.60
N ASN A 229 10.15 5.62 -43.27
CA ASN A 229 9.99 4.46 -44.15
C ASN A 229 9.66 4.96 -45.55
N LEU A 230 10.37 4.44 -46.55
CA LEU A 230 10.11 4.79 -47.94
C LEU A 230 8.83 4.14 -48.42
N TYR A 231 8.49 2.96 -47.86
CA TYR A 231 7.29 2.25 -48.28
C TYR A 231 6.51 1.79 -47.04
N PRO A 232 5.18 1.53 -47.16
CA PRO A 232 4.41 1.01 -46.03
C PRO A 232 5.06 -0.27 -45.51
N PRO A 233 5.38 -0.37 -44.19
CA PRO A 233 6.03 -1.56 -43.64
C PRO A 233 5.11 -2.75 -43.47
N GLU A 234 5.66 -3.95 -43.60
N GLU A 234 5.69 -3.95 -43.58
CA GLU A 234 4.84 -5.11 -43.29
CA GLU A 234 5.01 -5.21 -43.29
C GLU A 234 5.35 -5.64 -41.95
C GLU A 234 5.41 -5.64 -41.89
N THR A 235 4.46 -5.66 -40.96
CA THR A 235 4.79 -6.13 -39.62
C THR A 235 3.50 -6.51 -38.90
N ILE A 236 3.63 -7.49 -38.01
CA ILE A 236 2.56 -7.90 -37.12
C ILE A 236 2.29 -6.80 -36.09
N ALA A 237 3.28 -5.92 -35.86
CA ALA A 237 3.15 -4.80 -34.91
C ALA A 237 2.40 -3.63 -35.56
N ASP A 238 1.08 -3.81 -35.73
CA ASP A 238 0.26 -2.96 -36.58
C ASP A 238 0.17 -1.54 -36.04
N GLY A 239 0.40 -1.35 -34.73
CA GLY A 239 0.26 -0.05 -34.09
C GLY A 239 1.50 0.83 -34.26
N VAL A 240 2.58 0.28 -34.86
CA VAL A 240 3.80 1.06 -35.04
C VAL A 240 4.26 1.05 -36.50
N LYS A 241 3.31 1.17 -37.41
CA LYS A 241 3.63 1.24 -38.83
C LYS A 241 3.89 2.68 -39.25
N SER A 242 3.47 3.67 -38.47
CA SER A 242 3.79 5.07 -38.79
C SER A 242 5.30 5.30 -38.69
N SER A 243 5.83 6.26 -39.46
CA SER A 243 7.19 6.71 -39.29
C SER A 243 7.20 7.81 -38.22
N ILE A 244 8.37 8.08 -37.65
CA ILE A 244 8.54 9.27 -36.85
C ILE A 244 8.39 10.46 -37.77
N GLY A 245 8.12 11.62 -37.16
CA GLY A 245 7.78 12.80 -37.92
C GLY A 245 8.55 14.02 -37.42
N LEU A 246 8.21 15.19 -37.97
CA LEU A 246 9.06 16.34 -37.75
C LEU A 246 9.01 16.86 -36.32
N ASN A 247 7.92 16.58 -35.57
CA ASN A 247 7.80 17.07 -34.20
C ASN A 247 8.43 16.08 -33.21
N THR A 248 8.31 14.79 -33.50
CA THR A 248 8.87 13.82 -32.55
C THR A 248 10.37 13.58 -32.77
N TRP A 249 10.85 13.69 -34.02
CA TRP A 249 12.24 13.33 -34.33
C TRP A 249 13.27 14.12 -33.50
N PRO A 250 13.20 15.47 -33.39
CA PRO A 250 14.20 16.20 -32.63
C PRO A 250 14.30 15.72 -31.18
N ILE A 251 13.16 15.42 -30.55
CA ILE A 251 13.16 14.89 -29.19
C ILE A 251 13.86 13.54 -29.14
N ILE A 252 13.51 12.67 -30.08
CA ILE A 252 14.05 11.32 -30.08
C ILE A 252 15.55 11.38 -30.33
N ARG A 253 15.96 12.26 -31.25
CA ARG A 253 17.37 12.40 -31.57
C ARG A 253 18.15 12.76 -30.30
N ASP A 254 17.64 13.75 -29.56
CA ASP A 254 18.42 14.38 -28.49
C ASP A 254 18.27 13.63 -27.15
N LEU A 255 17.11 13.00 -26.92
CA LEU A 255 16.78 12.66 -25.54
C LEU A 255 16.56 11.15 -25.38
N VAL A 256 16.61 10.39 -26.48
CA VAL A 256 16.43 8.95 -26.35
C VAL A 256 17.82 8.30 -26.39
N ASP A 257 18.08 7.41 -25.43
CA ASP A 257 19.43 6.89 -25.19
C ASP A 257 19.81 5.87 -26.26
N ASP A 258 18.88 4.98 -26.63
CA ASP A 258 19.20 3.97 -27.62
C ASP A 258 17.91 3.38 -28.21
N ILE A 259 18.04 2.69 -29.35
N ILE A 259 18.06 2.63 -29.28
CA ILE A 259 16.93 2.08 -30.08
CA ILE A 259 16.95 2.05 -30.01
C ILE A 259 17.31 0.63 -30.38
C ILE A 259 17.34 0.61 -30.32
N PHE A 260 16.40 -0.29 -30.07
CA PHE A 260 16.63 -1.72 -30.25
C PHE A 260 15.61 -2.21 -31.27
N THR A 261 16.10 -2.88 -32.31
CA THR A 261 15.16 -3.38 -33.31
C THR A 261 14.96 -4.88 -33.11
N VAL A 262 13.79 -5.38 -33.48
CA VAL A 262 13.46 -6.77 -33.21
C VAL A 262 12.77 -7.33 -34.45
N THR A 263 13.05 -8.61 -34.70
CA THR A 263 12.48 -9.31 -35.84
C THR A 263 11.02 -9.67 -35.58
N GLU A 264 10.32 -10.00 -36.67
CA GLU A 264 8.95 -10.46 -36.61
C GLU A 264 8.86 -11.67 -35.66
N ASP A 265 9.80 -12.63 -35.81
CA ASP A 265 9.74 -13.81 -34.97
C ASP A 265 9.94 -13.42 -33.50
N GLU A 266 10.80 -12.43 -33.24
CA GLU A 266 11.04 -12.02 -31.85
C GLU A 266 9.77 -11.37 -31.27
N ILE A 267 9.09 -10.56 -32.08
CA ILE A 267 7.85 -9.91 -31.64
C ILE A 267 6.82 -10.98 -31.31
N LYS A 268 6.70 -11.98 -32.20
CA LYS A 268 5.70 -13.01 -32.01
C LYS A 268 5.97 -13.82 -30.75
N CYS A 269 7.22 -14.22 -30.54
N CYS A 269 7.23 -14.21 -30.57
CA CYS A 269 7.59 -15.07 -29.42
CA CYS A 269 7.70 -15.03 -29.46
C CYS A 269 7.44 -14.30 -28.11
C CYS A 269 7.44 -14.30 -28.15
N ALA A 270 7.78 -13.01 -28.11
CA ALA A 270 7.65 -12.23 -26.89
C ALA A 270 6.17 -12.03 -26.59
N THR A 271 5.34 -11.86 -27.62
CA THR A 271 3.90 -11.67 -27.38
C THR A 271 3.31 -12.93 -26.75
N GLN A 272 3.66 -14.09 -27.30
N GLN A 272 3.67 -14.08 -27.34
CA GLN A 272 3.09 -15.33 -26.79
CA GLN A 272 3.22 -15.39 -26.90
C GLN A 272 3.60 -15.59 -25.39
C GLN A 272 3.62 -15.60 -25.44
N LEU A 273 4.87 -15.22 -25.12
CA LEU A 273 5.44 -15.37 -23.79
C LEU A 273 4.62 -14.57 -22.77
N VAL A 274 4.28 -13.32 -23.11
CA VAL A 274 3.49 -12.50 -22.21
C VAL A 274 2.11 -13.11 -22.02
N TRP A 275 1.46 -13.54 -23.10
CA TRP A 275 0.16 -14.20 -22.98
C TRP A 275 0.26 -15.40 -22.03
N GLU A 276 1.20 -16.30 -22.28
CA GLU A 276 1.23 -17.59 -21.60
C GLU A 276 1.75 -17.47 -20.17
N ARG A 277 2.73 -16.59 -19.96
CA ARG A 277 3.45 -16.58 -18.70
C ARG A 277 2.99 -15.43 -17.81
N MET A 278 2.44 -14.36 -18.39
CA MET A 278 1.92 -13.28 -17.58
C MET A 278 0.40 -13.24 -17.59
N LYS A 279 -0.25 -13.93 -18.54
CA LYS A 279 -1.71 -13.93 -18.66
C LYS A 279 -2.25 -12.54 -18.98
N LEU A 280 -1.45 -11.75 -19.71
CA LEU A 280 -1.87 -10.40 -20.13
C LEU A 280 -2.11 -10.45 -21.63
N LEU A 281 -3.31 -10.05 -22.05
N LEU A 281 -3.30 -10.06 -22.08
CA LEU A 281 -3.70 -10.02 -23.45
CA LEU A 281 -3.61 -10.16 -23.51
C LEU A 281 -3.18 -8.74 -24.09
C LEU A 281 -3.18 -8.89 -24.24
N ILE A 282 -1.86 -8.66 -24.28
CA ILE A 282 -1.27 -7.56 -25.04
C ILE A 282 -1.49 -7.75 -26.54
N GLU A 283 -1.56 -6.63 -27.26
CA GLU A 283 -1.51 -6.74 -28.71
C GLU A 283 -0.04 -6.94 -29.11
N PRO A 284 0.24 -7.53 -30.28
CA PRO A 284 1.63 -7.80 -30.69
C PRO A 284 2.48 -6.52 -30.69
N THR A 285 1.86 -5.36 -30.96
CA THR A 285 2.63 -4.13 -30.94
C THR A 285 3.26 -3.90 -29.56
N ALA A 286 2.51 -4.25 -28.51
CA ALA A 286 3.00 -4.08 -27.15
C ALA A 286 4.04 -5.16 -26.81
N GLY A 287 4.14 -6.18 -27.66
CA GLY A 287 5.18 -7.21 -27.48
C GLY A 287 6.57 -6.69 -27.91
N VAL A 288 6.60 -5.57 -28.64
CA VAL A 288 7.85 -5.10 -29.25
C VAL A 288 8.85 -4.75 -28.15
N GLY A 289 8.37 -4.06 -27.10
CA GLY A 289 9.23 -3.64 -26.01
C GLY A 289 9.76 -4.84 -25.23
N VAL A 290 8.90 -5.86 -25.09
CA VAL A 290 9.32 -7.08 -24.40
C VAL A 290 10.39 -7.78 -25.23
N ALA A 291 10.16 -7.91 -26.54
CA ALA A 291 11.14 -8.50 -27.44
C ALA A 291 12.48 -7.76 -27.32
N ALA A 292 12.43 -6.42 -27.26
CA ALA A 292 13.65 -5.64 -27.22
C ALA A 292 14.51 -6.04 -26.02
N VAL A 293 13.86 -6.21 -24.86
CA VAL A 293 14.60 -6.51 -23.65
C VAL A 293 15.16 -7.93 -23.70
N LEU A 294 14.50 -8.81 -24.46
CA LEU A 294 14.95 -10.19 -24.61
C LEU A 294 16.02 -10.35 -25.70
N SER A 295 16.22 -9.31 -26.51
CA SER A 295 17.03 -9.43 -27.72
C SER A 295 18.52 -9.46 -27.40
N GLN A 296 19.31 -9.99 -28.34
N GLN A 296 19.31 -9.98 -28.34
CA GLN A 296 20.76 -10.09 -28.22
CA GLN A 296 20.76 -10.09 -28.16
C GLN A 296 21.37 -8.73 -27.91
C GLN A 296 21.38 -8.72 -27.89
N HIS A 297 20.97 -7.69 -28.65
CA HIS A 297 21.61 -6.39 -28.54
C HIS A 297 21.37 -5.72 -27.17
N PHE A 298 20.25 -6.07 -26.52
CA PHE A 298 19.97 -5.52 -25.20
C PHE A 298 21.02 -5.97 -24.17
N GLN A 299 21.76 -7.04 -24.46
CA GLN A 299 22.82 -7.48 -23.56
C GLN A 299 23.94 -6.45 -23.46
N THR A 300 24.02 -5.51 -24.42
CA THR A 300 25.02 -4.45 -24.39
C THR A 300 24.67 -3.39 -23.34
N VAL A 301 23.43 -3.42 -22.84
CA VAL A 301 23.01 -2.48 -21.82
C VAL A 301 23.76 -2.81 -20.52
N SER A 302 24.39 -1.78 -19.94
CA SER A 302 25.16 -1.88 -18.72
C SER A 302 24.41 -2.67 -17.65
N PRO A 303 25.12 -3.54 -16.91
CA PRO A 303 24.50 -4.26 -15.79
C PRO A 303 24.02 -3.34 -14.67
N GLU A 304 24.45 -2.06 -14.68
CA GLU A 304 24.00 -1.07 -13.72
C GLU A 304 22.52 -0.71 -13.97
N VAL A 305 22.07 -0.92 -15.21
CA VAL A 305 20.69 -0.63 -15.59
C VAL A 305 19.85 -1.86 -15.25
N LYS A 306 19.37 -1.95 -14.00
CA LYS A 306 18.81 -3.19 -13.47
C LYS A 306 17.28 -3.16 -13.50
N ASN A 307 16.70 -2.04 -13.07
CA ASN A 307 15.26 -1.89 -12.90
C ASN A 307 14.68 -1.28 -14.18
N ILE A 308 14.02 -2.10 -15.00
CA ILE A 308 13.60 -1.65 -16.32
C ILE A 308 12.07 -1.75 -16.40
N CYS A 309 11.43 -0.64 -16.71
CA CYS A 309 9.99 -0.61 -16.87
C CYS A 309 9.66 -0.64 -18.36
N ILE A 310 8.92 -1.67 -18.79
CA ILE A 310 8.48 -1.79 -20.18
C ILE A 310 7.03 -1.33 -20.29
N VAL A 311 6.73 -0.45 -21.26
CA VAL A 311 5.36 -0.03 -21.44
C VAL A 311 4.61 -1.07 -22.27
N LEU A 312 3.61 -1.75 -21.67
CA LEU A 312 2.72 -2.63 -22.43
C LEU A 312 1.59 -1.75 -22.96
N SER A 313 1.77 -1.28 -24.21
CA SER A 313 1.09 -0.10 -24.65
C SER A 313 -0.38 -0.34 -25.01
N GLY A 314 -0.80 -1.58 -25.28
CA GLY A 314 -2.18 -1.76 -25.70
C GLY A 314 -2.59 -3.23 -25.62
N GLY A 315 -3.91 -3.45 -25.61
CA GLY A 315 -4.44 -4.81 -25.57
C GLY A 315 -5.57 -5.01 -26.60
N ASN A 316 -5.58 -4.17 -27.65
CA ASN A 316 -6.68 -4.23 -28.61
C ASN A 316 -6.37 -5.27 -29.68
N VAL A 317 -6.53 -6.54 -29.32
CA VAL A 317 -6.18 -7.64 -30.22
C VAL A 317 -7.48 -8.35 -30.61
N ASP A 318 -7.58 -8.71 -31.90
CA ASP A 318 -8.75 -9.41 -32.38
C ASP A 318 -8.50 -10.91 -32.28
N LEU A 319 -8.92 -11.50 -31.15
CA LEU A 319 -8.67 -12.90 -30.85
C LEU A 319 -9.42 -13.79 -31.85
N THR A 320 -10.55 -13.26 -32.36
CA THR A 320 -11.51 -14.02 -33.15
C THR A 320 -11.14 -14.01 -34.63
N SER A 321 -10.18 -13.15 -35.03
CA SER A 321 -9.86 -12.99 -36.44
C SER A 321 -8.36 -12.83 -36.65
N SER A 322 -7.76 -11.85 -35.98
CA SER A 322 -6.35 -11.52 -36.19
C SER A 322 -5.49 -12.77 -35.96
N ILE A 323 -5.78 -13.48 -34.87
CA ILE A 323 -5.01 -14.68 -34.51
C ILE A 323 -5.01 -15.65 -35.69
N THR A 324 -3.82 -15.88 -36.22
CA THR A 324 -3.60 -16.72 -37.39
C THR A 324 -2.14 -17.18 -37.39
N TRP A 325 -1.29 -16.38 -36.73
CA TRP A 325 0.15 -16.59 -36.69
C TRP A 325 0.51 -17.57 -35.57
N VAL A 326 -0.45 -17.84 -34.68
CA VAL A 326 -0.27 -18.77 -33.57
C VAL A 326 -0.64 -20.19 -34.05
N GLN B 4 0.63 -28.72 26.99
CA GLN B 4 1.84 -28.60 27.86
C GLN B 4 1.75 -27.33 28.71
N TYR B 5 1.47 -26.19 28.07
CA TYR B 5 1.44 -24.90 28.74
C TYR B 5 0.00 -24.51 29.05
N ASP B 6 -0.17 -23.39 29.77
CA ASP B 6 -1.48 -22.91 30.17
C ASP B 6 -2.28 -22.38 28.98
N ILE B 7 -1.58 -22.02 27.90
CA ILE B 7 -2.25 -21.68 26.64
C ILE B 7 -1.54 -22.39 25.50
N SER B 8 -2.22 -22.43 24.35
CA SER B 8 -1.62 -22.84 23.10
C SER B 8 -1.75 -21.71 22.06
N PHE B 9 -1.12 -21.92 20.92
CA PHE B 9 -1.29 -21.03 19.79
C PHE B 9 -2.76 -20.93 19.39
N ALA B 10 -3.45 -22.08 19.36
CA ALA B 10 -4.89 -22.13 19.10
C ALA B 10 -5.64 -21.11 19.96
N ASP B 11 -5.27 -21.00 21.25
CA ASP B 11 -5.95 -20.07 22.14
C ASP B 11 -5.69 -18.62 21.72
N VAL B 12 -4.48 -18.34 21.24
CA VAL B 12 -4.14 -16.98 20.82
C VAL B 12 -4.98 -16.60 19.59
N GLU B 13 -5.13 -17.54 18.65
CA GLU B 13 -5.90 -17.20 17.47
C GLU B 13 -7.34 -16.99 17.85
N LYS B 14 -7.86 -17.85 18.75
N LYS B 14 -7.86 -17.86 18.74
CA LYS B 14 -9.23 -17.70 19.21
CA LYS B 14 -9.23 -17.72 19.23
C LYS B 14 -9.41 -16.31 19.83
C LYS B 14 -9.40 -16.33 19.84
N ALA B 15 -8.42 -15.90 20.63
CA ALA B 15 -8.40 -14.57 21.23
C ALA B 15 -8.50 -13.49 20.14
N HIS B 16 -7.69 -13.62 19.08
N HIS B 16 -7.68 -13.61 19.09
CA HIS B 16 -7.66 -12.56 18.06
CA HIS B 16 -7.65 -12.60 18.04
C HIS B 16 -9.04 -12.46 17.39
C HIS B 16 -9.03 -12.46 17.41
N ILE B 17 -9.65 -13.61 17.10
CA ILE B 17 -10.97 -13.66 16.50
C ILE B 17 -11.97 -12.98 17.43
N ASN B 18 -11.82 -13.24 18.74
N ASN B 18 -11.84 -13.25 18.74
CA ASN B 18 -12.72 -12.75 19.77
CA ASN B 18 -12.72 -12.74 19.78
C ASN B 18 -12.67 -11.22 19.92
C ASN B 18 -12.67 -11.21 19.88
N ILE B 19 -11.47 -10.63 19.73
CA ILE B 19 -11.29 -9.23 20.09
C ILE B 19 -11.13 -8.30 18.88
N ARG B 20 -10.86 -8.83 17.70
CA ARG B 20 -10.36 -7.97 16.63
C ARG B 20 -11.32 -6.84 16.28
N ASP B 21 -12.62 -7.02 16.50
CA ASP B 21 -13.56 -6.00 16.03
C ASP B 21 -13.57 -4.81 16.98
N SER B 22 -12.85 -4.93 18.11
CA SER B 22 -12.93 -3.92 19.16
C SER B 22 -11.57 -3.32 19.54
N ILE B 23 -10.47 -3.79 18.95
CA ILE B 23 -9.16 -3.20 19.24
C ILE B 23 -8.61 -2.59 17.96
N HIS B 24 -7.56 -1.78 18.10
CA HIS B 24 -6.84 -1.26 16.95
C HIS B 24 -5.73 -2.24 16.55
N LEU B 25 -5.62 -2.48 15.24
CA LEU B 25 -4.41 -3.02 14.64
C LEU B 25 -3.40 -1.88 14.62
N THR B 26 -2.63 -1.74 15.71
CA THR B 26 -1.83 -0.55 15.89
C THR B 26 -0.67 -0.56 14.89
N PRO B 27 -0.19 0.62 14.45
CA PRO B 27 0.90 0.70 13.46
C PRO B 27 2.27 0.31 13.98
N VAL B 28 3.15 -0.03 13.03
CA VAL B 28 4.55 -0.27 13.31
C VAL B 28 5.31 0.92 12.73
N LEU B 29 5.99 1.68 13.59
CA LEU B 29 6.71 2.87 13.16
C LEU B 29 8.22 2.61 13.19
N THR B 30 8.99 3.46 12.50
CA THR B 30 10.43 3.32 12.51
C THR B 30 11.08 4.66 12.86
N SER B 31 12.40 4.62 13.13
CA SER B 31 13.18 5.78 13.53
C SER B 31 14.61 5.63 13.02
N SER B 32 15.05 6.53 12.10
CA SER B 32 16.44 6.52 11.62
C SER B 32 17.41 6.70 12.79
N ILE B 33 17.05 7.61 13.70
CA ILE B 33 17.93 7.97 14.79
C ILE B 33 18.18 6.74 15.65
N LEU B 34 17.10 6.03 16.02
CA LEU B 34 17.23 4.86 16.88
C LEU B 34 17.98 3.74 16.17
N ASN B 35 17.80 3.62 14.84
CA ASN B 35 18.56 2.68 14.02
C ASN B 35 20.05 2.98 14.12
N GLN B 36 20.43 4.26 13.94
CA GLN B 36 21.83 4.68 14.02
C GLN B 36 22.41 4.31 15.38
N LEU B 37 21.65 4.54 16.46
CA LEU B 37 22.17 4.35 17.79
C LEU B 37 22.39 2.87 18.11
N THR B 38 21.61 1.97 17.49
CA THR B 38 21.61 0.58 17.93
C THR B 38 22.42 -0.30 16.98
N GLY B 39 22.60 0.16 15.75
CA GLY B 39 23.19 -0.66 14.71
C GLY B 39 22.21 -1.72 14.18
N ARG B 40 20.91 -1.55 14.46
CA ARG B 40 19.91 -2.52 14.02
C ARG B 40 18.81 -1.83 13.22
N ASN B 41 17.89 -2.64 12.70
N ASN B 41 17.96 -2.63 12.59
CA ASN B 41 16.75 -2.18 11.94
CA ASN B 41 16.75 -2.12 11.95
C ASN B 41 15.51 -2.31 12.81
C ASN B 41 15.61 -2.33 12.93
N LEU B 42 15.11 -1.20 13.47
CA LEU B 42 14.10 -1.28 14.52
C LEU B 42 12.71 -0.99 13.97
N PHE B 43 11.73 -1.66 14.58
CA PHE B 43 10.31 -1.52 14.27
C PHE B 43 9.61 -1.36 15.61
N PHE B 44 8.74 -0.36 15.71
CA PHE B 44 8.10 -0.07 16.98
C PHE B 44 6.61 -0.38 16.86
N LYS B 45 6.17 -1.41 17.59
CA LYS B 45 4.75 -1.79 17.59
C LYS B 45 4.04 -0.88 18.59
N CYS B 46 3.14 -0.03 18.07
CA CYS B 46 2.67 1.10 18.86
C CYS B 46 1.42 0.79 19.67
N GLU B 47 1.57 -0.05 20.71
CA GLU B 47 0.47 -0.36 21.59
C GLU B 47 0.13 0.85 22.47
N LEU B 48 0.98 1.89 22.48
CA LEU B 48 0.61 3.15 23.14
C LEU B 48 -0.61 3.78 22.46
N PHE B 49 -0.89 3.37 21.21
CA PHE B 49 -2.06 3.93 20.51
C PHE B 49 -3.28 3.02 20.66
N GLN B 50 -3.14 1.94 21.44
CA GLN B 50 -4.25 1.00 21.55
C GLN B 50 -5.38 1.64 22.34
N LYS B 51 -6.60 1.14 22.12
CA LYS B 51 -7.71 1.45 23.01
C LYS B 51 -7.29 1.31 24.49
N THR B 52 -7.71 2.27 25.33
CA THR B 52 -7.35 2.38 26.74
C THR B 52 -5.91 2.85 27.02
N GLY B 53 -5.06 3.00 25.99
CA GLY B 53 -3.70 3.52 26.17
C GLY B 53 -2.61 2.45 26.40
N SER B 54 -2.99 1.16 26.39
CA SER B 54 -2.01 0.09 26.48
C SER B 54 -2.53 -1.17 25.79
N PHE B 55 -1.65 -2.18 25.67
CA PHE B 55 -2.04 -3.44 25.05
C PHE B 55 -3.04 -4.21 25.90
N LYS B 56 -3.20 -3.85 27.18
CA LYS B 56 -3.88 -4.73 28.13
C LYS B 56 -5.37 -4.94 27.79
N ILE B 57 -5.95 -4.08 26.93
CA ILE B 57 -7.32 -4.30 26.46
C ILE B 57 -7.42 -5.64 25.72
N ARG B 58 -6.33 -6.12 25.10
CA ARG B 58 -6.37 -7.39 24.38
C ARG B 58 -6.73 -8.53 25.32
N GLY B 59 -5.95 -8.70 26.39
CA GLY B 59 -6.21 -9.76 27.36
C GLY B 59 -7.52 -9.54 28.11
N ALA B 60 -7.81 -8.28 28.46
CA ALA B 60 -8.97 -7.96 29.27
C ALA B 60 -10.24 -8.31 28.49
N LEU B 61 -10.31 -7.87 27.22
CA LEU B 61 -11.48 -8.13 26.41
C LEU B 61 -11.61 -9.64 26.13
N ASN B 62 -10.49 -10.31 25.90
CA ASN B 62 -10.56 -11.75 25.68
C ASN B 62 -11.12 -12.46 26.90
N ALA B 63 -10.77 -11.97 28.10
CA ALA B 63 -11.23 -12.61 29.33
C ALA B 63 -12.73 -12.36 29.52
N VAL B 64 -13.17 -11.13 29.23
CA VAL B 64 -14.56 -10.77 29.48
C VAL B 64 -15.47 -11.49 28.48
N ARG B 65 -15.02 -11.58 27.22
CA ARG B 65 -15.78 -12.22 26.15
C ARG B 65 -15.68 -13.74 26.14
N SER B 66 -14.67 -14.31 26.82
N SER B 66 -14.66 -14.29 26.82
CA SER B 66 -14.47 -15.75 26.84
CA SER B 66 -14.48 -15.72 26.95
C SER B 66 -14.92 -16.36 28.16
C SER B 66 -15.16 -16.23 28.22
N LEU B 67 -15.05 -15.52 29.19
N LEU B 67 -14.77 -15.66 29.37
CA LEU B 67 -15.49 -15.97 30.50
CA LEU B 67 -15.26 -16.10 30.66
C LEU B 67 -16.82 -15.29 30.84
C LEU B 67 -16.63 -15.48 30.94
N PRO B 76 -20.31 -13.71 33.84
CA PRO B 76 -21.37 -13.32 34.78
C PRO B 76 -21.74 -11.83 34.78
N LYS B 77 -22.15 -11.34 35.95
CA LYS B 77 -22.91 -10.11 36.09
C LYS B 77 -21.99 -8.90 36.22
N ALA B 78 -20.75 -9.14 36.69
CA ALA B 78 -19.83 -8.05 36.95
C ALA B 78 -18.37 -8.48 36.74
N VAL B 79 -17.52 -7.46 36.60
CA VAL B 79 -16.08 -7.64 36.51
C VAL B 79 -15.44 -6.84 37.64
N VAL B 80 -14.44 -7.44 38.28
CA VAL B 80 -13.80 -6.85 39.45
C VAL B 80 -12.28 -6.98 39.31
N THR B 81 -11.56 -5.94 39.74
CA THR B 81 -10.13 -6.00 39.96
C THR B 81 -9.73 -4.91 40.94
N HIS B 82 -8.57 -5.09 41.56
CA HIS B 82 -8.06 -4.08 42.47
C HIS B 82 -6.92 -3.30 41.81
N SER B 83 -7.05 -3.11 40.49
CA SER B 83 -6.03 -2.41 39.70
C SER B 83 -6.54 -1.02 39.31
N SER B 84 -5.78 -0.01 39.70
CA SER B 84 -6.03 1.35 39.30
C SER B 84 -5.23 1.66 38.04
N GLY B 85 -4.34 0.73 37.66
CA GLY B 85 -3.43 0.98 36.55
C GLY B 85 -3.97 0.52 35.21
N ASN B 86 -3.05 0.19 34.29
CA ASN B 86 -3.44 -0.15 32.93
C ASN B 86 -4.46 -1.29 32.89
N HIS B 87 -4.31 -2.30 33.75
CA HIS B 87 -5.21 -3.45 33.77
C HIS B 87 -6.63 -3.00 34.11
N GLY B 88 -6.77 -2.17 35.14
CA GLY B 88 -8.10 -1.75 35.56
C GLY B 88 -8.78 -0.90 34.50
N GLN B 89 -8.00 -0.04 33.85
CA GLN B 89 -8.51 0.78 32.76
C GLN B 89 -8.97 -0.10 31.60
N ALA B 90 -8.20 -1.16 31.32
CA ALA B 90 -8.55 -2.02 30.18
C ALA B 90 -9.80 -2.84 30.52
N LEU B 91 -9.85 -3.38 31.73
N LEU B 91 -9.84 -3.37 31.74
CA LEU B 91 -10.93 -4.22 32.20
CA LEU B 91 -10.91 -4.22 32.25
C LEU B 91 -12.23 -3.43 32.28
C LEU B 91 -12.22 -3.43 32.28
N THR B 92 -12.14 -2.17 32.73
CA THR B 92 -13.26 -1.23 32.73
C THR B 92 -13.86 -1.06 31.35
N TYR B 93 -13.01 -0.81 30.34
CA TYR B 93 -13.47 -0.62 28.98
C TYR B 93 -14.03 -1.93 28.41
N ALA B 94 -13.40 -3.07 28.73
CA ALA B 94 -13.90 -4.34 28.20
C ALA B 94 -15.31 -4.60 28.74
N ALA B 95 -15.50 -4.29 30.03
CA ALA B 95 -16.77 -4.44 30.72
C ALA B 95 -17.84 -3.58 30.05
N LYS B 96 -17.46 -2.34 29.70
CA LYS B 96 -18.37 -1.42 29.02
C LYS B 96 -18.84 -1.98 27.69
N LEU B 97 -17.90 -2.40 26.82
CA LEU B 97 -18.24 -2.99 25.54
C LEU B 97 -19.24 -4.12 25.70
N GLU B 98 -19.10 -4.88 26.78
CA GLU B 98 -19.89 -6.07 27.00
C GLU B 98 -21.18 -5.75 27.75
N GLY B 99 -21.33 -4.48 28.18
CA GLY B 99 -22.50 -4.03 28.92
C GLY B 99 -22.60 -4.63 30.32
N ILE B 100 -21.46 -4.76 31.02
CA ILE B 100 -21.49 -5.21 32.40
C ILE B 100 -20.74 -4.20 33.27
N PRO B 101 -21.17 -4.00 34.53
CA PRO B 101 -20.45 -3.10 35.43
C PRO B 101 -19.05 -3.60 35.75
N ALA B 102 -18.10 -2.66 35.84
CA ALA B 102 -16.75 -2.90 36.31
C ALA B 102 -16.58 -2.31 37.70
N TYR B 103 -16.10 -3.12 38.65
CA TYR B 103 -15.78 -2.61 39.97
C TYR B 103 -14.27 -2.63 40.15
N ILE B 104 -13.74 -1.48 40.61
CA ILE B 104 -12.31 -1.36 40.93
C ILE B 104 -12.17 -1.16 42.42
N VAL B 105 -11.44 -2.10 43.05
CA VAL B 105 -11.21 -2.06 44.48
C VAL B 105 -9.97 -1.21 44.74
N VAL B 106 -10.17 -0.08 45.45
CA VAL B 106 -9.08 0.82 45.80
C VAL B 106 -8.82 0.78 47.31
N PRO B 107 -7.54 0.89 47.73
CA PRO B 107 -7.23 1.16 49.14
C PRO B 107 -7.80 2.52 49.53
N GLN B 108 -8.17 2.65 50.80
CA GLN B 108 -8.63 3.91 51.39
C GLN B 108 -7.51 4.96 51.32
N THR B 109 -6.25 4.49 51.20
CA THR B 109 -5.08 5.34 51.28
C THR B 109 -4.61 5.78 49.90
N ALA B 110 -5.21 5.22 48.84
CA ALA B 110 -4.93 5.67 47.49
C ALA B 110 -5.27 7.16 47.40
N PRO B 111 -4.49 7.99 46.66
CA PRO B 111 -4.73 9.44 46.61
C PRO B 111 -5.99 9.82 45.82
N ASP B 112 -6.62 10.92 46.22
CA ASP B 112 -7.91 11.32 45.66
C ASP B 112 -7.82 11.50 44.15
N CYS B 113 -6.64 11.86 43.62
CA CYS B 113 -6.50 12.04 42.17
C CYS B 113 -6.73 10.71 41.44
N LYS B 114 -6.23 9.60 42.00
CA LYS B 114 -6.45 8.26 41.44
C LYS B 114 -7.93 7.92 41.50
N LYS B 115 -8.55 8.18 42.65
CA LYS B 115 -9.95 7.85 42.89
C LYS B 115 -10.82 8.53 41.83
N LEU B 116 -10.55 9.80 41.53
CA LEU B 116 -11.37 10.59 40.63
C LEU B 116 -11.18 10.15 39.18
N ALA B 117 -9.98 9.64 38.85
CA ALA B 117 -9.67 9.18 37.51
C ALA B 117 -10.30 7.82 37.23
N ILE B 118 -10.35 6.96 38.25
CA ILE B 118 -10.97 5.65 38.11
C ILE B 118 -12.45 5.86 37.82
N GLN B 119 -13.08 6.71 38.65
CA GLN B 119 -14.48 7.10 38.49
C GLN B 119 -14.68 7.65 37.08
N ALA B 120 -13.76 8.52 36.66
CA ALA B 120 -13.86 9.25 35.40
C ALA B 120 -13.83 8.31 34.20
N TYR B 121 -13.06 7.21 34.26
CA TYR B 121 -12.99 6.30 33.14
C TYR B 121 -14.20 5.36 33.13
N GLY B 122 -15.07 5.46 34.14
CA GLY B 122 -16.40 4.86 34.10
C GLY B 122 -16.62 3.73 35.11
N ALA B 123 -15.60 3.43 35.92
CA ALA B 123 -15.68 2.32 36.86
C ALA B 123 -16.40 2.78 38.12
N SER B 124 -16.96 1.82 38.88
CA SER B 124 -17.38 2.06 40.25
C SER B 124 -16.26 1.62 41.19
N ILE B 125 -16.10 2.39 42.29
CA ILE B 125 -15.05 2.19 43.26
C ILE B 125 -15.61 1.48 44.49
N VAL B 126 -14.82 0.56 45.06
CA VAL B 126 -15.05 -0.05 46.35
C VAL B 126 -13.73 -0.03 47.13
N TYR B 127 -13.80 0.20 48.46
CA TYR B 127 -12.64 0.53 49.26
C TYR B 127 -12.17 -0.64 50.13
N CYS B 128 -10.85 -0.88 50.15
CA CYS B 128 -10.24 -1.87 51.02
C CYS B 128 -9.23 -1.21 51.96
N GLU B 129 -8.61 -2.03 52.82
CA GLU B 129 -7.49 -1.56 53.63
C GLU B 129 -6.25 -1.51 52.74
N PRO B 130 -5.26 -0.64 53.05
CA PRO B 130 -4.09 -0.45 52.18
C PRO B 130 -3.12 -1.62 52.10
N SER B 131 -3.56 -2.81 52.53
CA SER B 131 -2.74 -4.01 52.49
C SER B 131 -3.01 -4.82 51.22
N ASP B 132 -2.31 -5.97 51.10
CA ASP B 132 -2.50 -6.89 49.99
C ASP B 132 -3.66 -7.82 50.30
N GLU B 133 -3.73 -8.26 51.56
CA GLU B 133 -4.75 -9.20 52.01
C GLU B 133 -6.14 -8.60 51.84
N SER B 134 -6.27 -7.30 52.12
CA SER B 134 -7.56 -6.63 52.01
C SER B 134 -7.91 -6.42 50.54
N ARG B 135 -7.00 -5.78 49.79
CA ARG B 135 -7.16 -5.57 48.36
C ARG B 135 -7.79 -6.82 47.75
N GLU B 136 -7.22 -7.98 48.08
CA GLU B 136 -7.67 -9.29 47.61
C GLU B 136 -9.03 -9.64 48.21
N ASN B 137 -9.14 -9.56 49.54
CA ASN B 137 -10.34 -9.97 50.27
C ASN B 137 -11.56 -9.15 49.84
N VAL B 138 -11.42 -7.82 49.77
CA VAL B 138 -12.53 -6.95 49.44
C VAL B 138 -12.95 -7.18 47.98
N ALA B 139 -11.95 -7.38 47.10
CA ALA B 139 -12.25 -7.67 45.70
C ALA B 139 -13.03 -8.99 45.61
N LYS B 140 -12.62 -9.98 46.40
CA LYS B 140 -13.24 -11.30 46.40
C LYS B 140 -14.67 -11.20 46.94
N ARG B 141 -14.86 -10.33 47.96
CA ARG B 141 -16.15 -10.07 48.58
C ARG B 141 -17.11 -9.42 47.57
N VAL B 142 -16.62 -8.48 46.76
N VAL B 142 -16.58 -8.48 46.78
CA VAL B 142 -17.50 -7.83 45.79
CA VAL B 142 -17.38 -7.78 45.78
C VAL B 142 -17.75 -8.77 44.62
C VAL B 142 -17.74 -8.78 44.68
N THR B 143 -16.76 -9.62 44.31
CA THR B 143 -16.94 -10.67 43.31
C THR B 143 -18.10 -11.58 43.73
N GLU B 144 -18.10 -12.03 45.00
CA GLU B 144 -19.15 -12.89 45.53
C GLU B 144 -20.49 -12.18 45.51
N GLU B 145 -20.55 -10.97 46.08
CA GLU B 145 -21.77 -10.17 46.17
C GLU B 145 -22.37 -9.90 44.79
N THR B 146 -21.54 -9.62 43.78
CA THR B 146 -22.01 -9.19 42.48
C THR B 146 -22.23 -10.39 41.56
N GLU B 147 -21.82 -11.58 42.05
CA GLU B 147 -21.77 -12.80 41.27
C GLU B 147 -20.97 -12.56 39.99
N GLY B 148 -19.86 -11.83 40.12
CA GLY B 148 -19.04 -11.49 38.96
C GLY B 148 -17.73 -12.27 38.95
N ILE B 149 -16.78 -11.77 38.16
CA ILE B 149 -15.50 -12.45 38.02
C ILE B 149 -14.36 -11.45 38.27
N MET B 150 -13.30 -11.97 38.87
CA MET B 150 -12.05 -11.24 38.85
C MET B 150 -11.22 -11.69 37.66
N VAL B 151 -10.48 -10.74 37.10
CA VAL B 151 -9.60 -11.02 35.98
C VAL B 151 -8.19 -10.64 36.42
N HIS B 152 -7.36 -11.67 36.62
CA HIS B 152 -5.96 -11.48 36.98
C HIS B 152 -5.24 -10.73 35.85
N PRO B 153 -4.36 -9.77 36.18
CA PRO B 153 -3.64 -9.01 35.15
C PRO B 153 -2.66 -9.78 34.25
N ASN B 154 -2.25 -11.00 34.64
CA ASN B 154 -1.16 -11.62 33.90
C ASN B 154 -1.14 -13.16 34.00
N GLN B 155 -1.86 -13.76 34.95
CA GLN B 155 -1.80 -15.22 35.10
C GLN B 155 -3.04 -15.92 34.55
N GLU B 156 -4.11 -15.17 34.31
CA GLU B 156 -5.32 -15.78 33.74
C GLU B 156 -5.04 -16.21 32.30
N PRO B 157 -5.24 -17.49 31.93
CA PRO B 157 -4.96 -17.94 30.56
C PRO B 157 -5.61 -17.10 29.45
N ALA B 158 -6.89 -16.73 29.60
CA ALA B 158 -7.54 -15.89 28.59
C ALA B 158 -6.79 -14.57 28.41
N VAL B 159 -6.21 -14.03 29.51
CA VAL B 159 -5.47 -12.79 29.42
C VAL B 159 -4.19 -13.00 28.64
N ILE B 160 -3.48 -14.09 28.94
CA ILE B 160 -2.19 -14.38 28.31
C ILE B 160 -2.42 -14.56 26.81
N ALA B 161 -3.50 -15.29 26.48
CA ALA B 161 -3.79 -15.57 25.07
C ALA B 161 -4.07 -14.25 24.34
N GLY B 162 -4.88 -13.38 24.96
CA GLY B 162 -5.19 -12.10 24.34
C GLY B 162 -3.91 -11.28 24.10
N GLN B 163 -2.99 -11.25 25.08
CA GLN B 163 -1.81 -10.42 24.90
C GLN B 163 -0.95 -10.95 23.74
N GLY B 164 -0.94 -12.28 23.61
CA GLY B 164 -0.26 -12.97 22.52
C GLY B 164 -0.62 -12.47 21.12
N THR B 165 -1.82 -11.88 20.98
CA THR B 165 -2.25 -11.40 19.67
C THR B 165 -1.34 -10.29 19.14
N ILE B 166 -0.59 -9.60 20.02
CA ILE B 166 0.39 -8.62 19.54
C ILE B 166 1.33 -9.28 18.53
N ALA B 167 1.75 -10.51 18.83
CA ALA B 167 2.70 -11.21 17.99
C ALA B 167 2.10 -11.58 16.61
N LEU B 168 0.80 -11.88 16.55
CA LEU B 168 0.19 -12.20 15.26
C LEU B 168 0.30 -10.98 14.35
N GLU B 169 0.03 -9.79 14.92
CA GLU B 169 0.09 -8.58 14.14
C GLU B 169 1.53 -8.29 13.72
N VAL B 170 2.47 -8.30 14.68
CA VAL B 170 3.86 -8.01 14.36
C VAL B 170 4.37 -8.91 13.23
N LEU B 171 4.14 -10.23 13.34
CA LEU B 171 4.64 -11.16 12.31
C LEU B 171 4.05 -10.83 10.94
N ASN B 172 2.80 -10.34 10.90
CA ASN B 172 2.19 -9.95 9.64
C ASN B 172 2.73 -8.62 9.15
N GLN B 173 2.96 -7.66 10.06
CA GLN B 173 3.32 -6.31 9.68
C GLN B 173 4.81 -6.20 9.35
N VAL B 174 5.62 -7.12 9.87
CA VAL B 174 7.08 -7.07 9.71
C VAL B 174 7.54 -8.47 9.30
N PRO B 175 7.30 -8.86 8.03
CA PRO B 175 7.57 -10.22 7.57
C PRO B 175 9.03 -10.66 7.75
N LEU B 176 9.97 -9.71 7.70
CA LEU B 176 11.39 -10.04 7.86
C LEU B 176 11.86 -9.86 9.30
N VAL B 177 10.96 -9.77 10.28
CA VAL B 177 11.40 -9.58 11.66
C VAL B 177 12.32 -10.73 12.12
N ASP B 178 13.34 -10.40 12.91
CA ASP B 178 14.29 -11.39 13.43
C ASP B 178 14.11 -11.62 14.92
N ALA B 179 13.48 -10.65 15.64
CA ALA B 179 13.31 -10.76 17.07
C ALA B 179 12.23 -9.79 17.53
N LEU B 180 11.54 -10.15 18.61
CA LEU B 180 10.64 -9.21 19.28
C LEU B 180 11.22 -8.97 20.66
N VAL B 181 11.12 -7.70 21.10
CA VAL B 181 11.63 -7.28 22.39
C VAL B 181 10.43 -6.81 23.19
N VAL B 182 10.26 -7.42 24.37
CA VAL B 182 9.02 -7.28 25.12
C VAL B 182 9.32 -6.94 26.57
N PRO B 183 8.76 -5.85 27.13
CA PRO B 183 8.92 -5.60 28.58
C PRO B 183 8.15 -6.66 29.38
N VAL B 184 8.72 -7.11 30.51
CA VAL B 184 8.12 -8.19 31.30
C VAL B 184 7.89 -7.71 32.74
N GLY B 185 6.66 -7.91 33.19
CA GLY B 185 6.31 -7.85 34.60
C GLY B 185 5.78 -9.20 35.04
N GLY B 186 4.45 -9.38 35.04
CA GLY B 186 3.86 -10.67 35.33
C GLY B 186 4.10 -11.68 34.20
N GLY B 187 4.42 -11.18 33.01
CA GLY B 187 4.79 -12.02 31.87
C GLY B 187 3.59 -12.55 31.08
N GLY B 188 2.40 -11.95 31.25
CA GLY B 188 1.29 -12.30 30.39
C GLY B 188 1.59 -11.94 28.94
N MET B 189 2.11 -10.74 28.73
CA MET B 189 2.46 -10.36 27.38
C MET B 189 3.65 -11.18 26.84
N LEU B 190 4.71 -11.26 27.62
CA LEU B 190 5.84 -12.05 27.14
C LEU B 190 5.43 -13.47 26.80
N ALA B 191 4.69 -14.13 27.70
CA ALA B 191 4.34 -15.53 27.50
C ALA B 191 3.43 -15.70 26.27
N GLY B 192 2.42 -14.81 26.12
CA GLY B 192 1.54 -14.93 24.95
C GLY B 192 2.30 -14.72 23.65
N ILE B 193 3.20 -13.74 23.66
CA ILE B 193 4.03 -13.48 22.48
C ILE B 193 4.96 -14.66 22.18
N ALA B 194 5.59 -15.24 23.21
CA ALA B 194 6.49 -16.37 23.01
C ALA B 194 5.74 -17.57 22.40
N ILE B 195 4.58 -17.93 22.97
CA ILE B 195 3.77 -19.04 22.45
C ILE B 195 3.52 -18.84 20.97
N THR B 196 3.21 -17.59 20.59
CA THR B 196 2.77 -17.33 19.22
C THR B 196 3.96 -17.42 18.26
N VAL B 197 5.04 -16.69 18.58
CA VAL B 197 6.22 -16.65 17.74
C VAL B 197 6.79 -18.06 17.56
N LYS B 198 6.87 -18.81 18.66
CA LYS B 198 7.53 -20.12 18.56
C LYS B 198 6.65 -21.12 17.79
N ALA B 199 5.33 -20.94 17.84
CA ALA B 199 4.41 -21.81 17.11
C ALA B 199 4.56 -21.54 15.62
N LEU B 200 4.76 -20.26 15.28
CA LEU B 200 4.61 -19.82 13.90
C LEU B 200 5.96 -19.81 13.18
N LYS B 201 6.98 -19.31 13.87
CA LYS B 201 8.26 -19.10 13.25
C LYS B 201 9.34 -19.10 14.30
N PRO B 202 9.72 -20.27 14.84
CA PRO B 202 10.63 -20.33 15.99
C PRO B 202 12.05 -19.82 15.76
N SER B 203 12.43 -19.56 14.50
CA SER B 203 13.72 -18.95 14.23
C SER B 203 13.73 -17.48 14.70
N VAL B 204 12.53 -16.90 14.91
CA VAL B 204 12.41 -15.52 15.36
C VAL B 204 12.65 -15.48 16.88
N LYS B 205 13.59 -14.63 17.30
CA LYS B 205 13.96 -14.59 18.72
C LYS B 205 12.87 -13.89 19.52
N VAL B 206 12.65 -14.33 20.76
CA VAL B 206 11.81 -13.59 21.67
C VAL B 206 12.68 -13.16 22.84
N TYR B 207 12.79 -11.84 23.06
CA TYR B 207 13.65 -11.31 24.10
C TYR B 207 12.81 -10.55 25.11
N ALA B 208 13.11 -10.74 26.41
CA ALA B 208 12.44 -9.97 27.44
C ALA B 208 13.31 -8.79 27.89
N ALA B 209 12.65 -7.72 28.36
CA ALA B 209 13.35 -6.59 28.93
C ALA B 209 12.76 -6.27 30.29
N GLU B 210 13.62 -5.97 31.26
CA GLU B 210 13.16 -5.92 32.63
C GLU B 210 14.01 -4.91 33.37
N PRO B 211 13.45 -4.09 34.29
CA PRO B 211 14.29 -3.25 35.15
C PRO B 211 15.17 -4.11 36.03
N SER B 212 16.46 -3.74 36.10
N SER B 212 16.46 -3.73 36.11
CA SER B 212 17.39 -4.41 37.00
CA SER B 212 17.41 -4.34 37.03
C SER B 212 16.89 -4.34 38.44
C SER B 212 16.87 -4.34 38.45
N ASN B 213 16.14 -3.28 38.79
CA ASN B 213 15.58 -3.13 40.14
C ASN B 213 14.44 -4.11 40.40
N ALA B 214 14.01 -4.83 39.36
CA ALA B 214 12.92 -5.78 39.55
C ALA B 214 13.20 -7.05 38.73
N ASP B 215 14.30 -7.74 39.04
CA ASP B 215 14.90 -8.64 38.05
C ASP B 215 14.52 -10.11 38.29
N ASP B 216 13.29 -10.36 38.72
CA ASP B 216 12.83 -11.73 38.98
C ASP B 216 12.85 -12.59 37.71
N CYS B 217 12.53 -12.00 36.55
CA CYS B 217 12.47 -12.82 35.36
C CYS B 217 13.89 -13.29 35.00
N TYR B 218 14.84 -12.35 35.01
CA TYR B 218 16.25 -12.66 34.80
C TYR B 218 16.74 -13.69 35.81
N GLN B 219 16.48 -13.46 37.10
CA GLN B 219 17.00 -14.37 38.13
C GLN B 219 16.39 -15.75 37.92
N SER B 220 15.09 -15.80 37.58
CA SER B 220 14.38 -17.06 37.37
C SER B 220 15.03 -17.86 36.23
N LYS B 221 15.30 -17.18 35.12
CA LYS B 221 15.95 -17.82 33.98
C LYS B 221 17.35 -18.29 34.38
N LEU B 222 18.05 -17.48 35.18
CA LEU B 222 19.40 -17.79 35.59
C LEU B 222 19.39 -19.04 36.48
N LYS B 223 18.40 -19.14 37.37
CA LYS B 223 18.38 -20.20 38.36
C LYS B 223 17.70 -21.43 37.78
N GLY B 224 16.92 -21.26 36.71
CA GLY B 224 16.13 -22.35 36.14
C GLY B 224 14.94 -22.69 37.03
N LYS B 225 14.50 -21.71 37.83
CA LYS B 225 13.40 -21.94 38.75
C LYS B 225 12.70 -20.61 38.98
N LEU B 226 11.41 -20.64 39.31
CA LEU B 226 10.64 -19.44 39.57
C LEU B 226 11.12 -18.82 40.88
N MET B 227 11.64 -17.60 40.76
CA MET B 227 12.22 -16.84 41.86
C MET B 227 11.57 -15.47 41.89
N PRO B 228 10.37 -15.30 42.49
CA PRO B 228 9.68 -14.00 42.47
C PRO B 228 10.49 -12.95 43.25
N ASN B 229 10.17 -11.66 43.05
CA ASN B 229 10.75 -10.62 43.87
C ASN B 229 10.34 -10.87 45.31
N LEU B 230 11.31 -10.77 46.23
CA LEU B 230 11.08 -10.98 47.65
C LEU B 230 10.29 -9.82 48.27
N TYR B 231 10.55 -8.60 47.77
N TYR B 231 10.55 -8.60 47.77
CA TYR B 231 9.86 -7.40 48.21
CA TYR B 231 9.90 -7.38 48.23
C TYR B 231 9.36 -6.60 47.01
C TYR B 231 9.37 -6.60 47.02
N PRO B 232 8.32 -5.77 47.19
CA PRO B 232 7.82 -4.91 46.11
C PRO B 232 8.98 -4.09 45.57
N PRO B 233 9.25 -4.16 44.25
CA PRO B 233 10.37 -3.45 43.67
C PRO B 233 10.11 -1.95 43.62
N GLU B 234 11.19 -1.18 43.55
N GLU B 234 11.20 -1.18 43.62
CA GLU B 234 11.07 0.25 43.35
CA GLU B 234 11.16 0.24 43.35
C GLU B 234 11.67 0.58 41.98
C GLU B 234 11.65 0.43 41.91
N THR B 235 10.79 1.01 41.07
CA THR B 235 11.16 1.30 39.69
C THR B 235 10.16 2.32 39.14
N ILE B 236 10.64 3.20 38.27
N ILE B 236 10.65 3.17 38.24
CA ILE B 236 9.77 4.11 37.55
CA ILE B 236 9.81 4.12 37.53
C ILE B 236 8.84 3.29 36.65
C ILE B 236 9.02 3.41 36.43
N ALA B 237 9.32 2.12 36.21
CA ALA B 237 8.58 1.31 35.23
C ALA B 237 7.44 0.65 35.98
N ASP B 238 6.42 1.46 36.31
N ASP B 238 6.42 1.47 36.29
CA ASP B 238 5.40 1.11 37.28
CA ASP B 238 5.39 1.14 37.25
C ASP B 238 4.52 -0.04 36.77
C ASP B 238 4.54 -0.03 36.77
N GLY B 239 4.51 -0.27 35.45
CA GLY B 239 3.69 -1.33 34.87
C GLY B 239 4.31 -2.73 34.95
N VAL B 240 5.56 -2.85 35.40
CA VAL B 240 6.25 -4.14 35.42
C VAL B 240 6.80 -4.44 36.82
N LYS B 241 6.01 -4.09 37.83
CA LYS B 241 6.38 -4.36 39.21
C LYS B 241 5.98 -5.77 39.66
N SER B 242 5.00 -6.38 38.97
CA SER B 242 4.56 -7.74 39.26
C SER B 242 5.71 -8.71 38.98
N SER B 243 5.79 -9.80 39.78
CA SER B 243 6.65 -10.92 39.44
C SER B 243 5.95 -11.81 38.42
N ILE B 244 6.73 -12.64 37.73
CA ILE B 244 6.17 -13.73 36.94
C ILE B 244 5.56 -14.74 37.90
N GLY B 245 4.68 -15.58 37.39
CA GLY B 245 3.91 -16.50 38.20
C GLY B 245 3.88 -17.87 37.56
N LEU B 246 3.09 -18.78 38.13
CA LEU B 246 3.18 -20.18 37.73
C LEU B 246 2.62 -20.43 36.33
N ASN B 247 1.76 -19.53 35.84
CA ASN B 247 1.16 -19.73 34.52
C ASN B 247 2.09 -19.22 33.44
N THR B 248 2.88 -18.18 33.72
CA THR B 248 3.70 -17.56 32.68
C THR B 248 5.13 -18.09 32.74
N TRP B 249 5.60 -18.52 33.93
CA TRP B 249 6.98 -18.95 34.06
C TRP B 249 7.35 -20.12 33.13
N PRO B 250 6.57 -21.24 33.06
CA PRO B 250 6.93 -22.37 32.19
C PRO B 250 7.17 -21.96 30.74
N ILE B 251 6.29 -21.07 30.23
CA ILE B 251 6.41 -20.61 28.85
C ILE B 251 7.72 -19.80 28.69
N ILE B 252 8.00 -18.95 29.66
CA ILE B 252 9.16 -18.07 29.60
C ILE B 252 10.46 -18.88 29.71
N ARG B 253 10.46 -19.84 30.63
CA ARG B 253 11.62 -20.72 30.80
C ARG B 253 11.99 -21.39 29.48
N ASP B 254 10.98 -21.91 28.77
CA ASP B 254 11.19 -22.77 27.61
C ASP B 254 11.28 -22.01 26.29
N LEU B 255 10.55 -20.87 26.16
CA LEU B 255 10.34 -20.29 24.84
C LEU B 255 10.91 -18.88 24.69
N VAL B 256 11.49 -18.33 25.76
CA VAL B 256 12.07 -16.99 25.69
C VAL B 256 13.58 -17.15 25.57
N ASP B 257 14.14 -16.45 24.58
CA ASP B 257 15.52 -16.65 24.17
C ASP B 257 16.47 -16.00 25.19
N ASP B 258 16.14 -14.80 25.67
CA ASP B 258 17.04 -14.11 26.58
C ASP B 258 16.28 -13.01 27.31
N ILE B 259 16.84 -12.57 28.45
CA ILE B 259 16.28 -11.53 29.29
C ILE B 259 17.34 -10.45 29.43
N PHE B 260 16.96 -9.20 29.10
CA PHE B 260 17.83 -8.06 29.23
C PHE B 260 17.37 -7.18 30.40
N THR B 261 18.29 -6.87 31.32
CA THR B 261 17.92 -6.00 32.42
C THR B 261 18.50 -4.61 32.18
N VAL B 262 17.80 -3.59 32.68
CA VAL B 262 18.18 -2.22 32.38
C VAL B 262 18.03 -1.41 33.66
N THR B 263 18.94 -0.46 33.87
CA THR B 263 18.94 0.36 35.07
C THR B 263 17.84 1.43 35.00
N GLU B 264 17.51 2.00 36.17
CA GLU B 264 16.55 3.09 36.24
C GLU B 264 16.99 4.24 35.33
N ASP B 265 18.29 4.57 35.36
CA ASP B 265 18.80 5.65 34.51
C ASP B 265 18.63 5.31 33.04
N GLU B 266 18.88 4.05 32.68
CA GLU B 266 18.74 3.59 31.29
C GLU B 266 17.28 3.69 30.85
N ILE B 267 16.35 3.29 31.73
CA ILE B 267 14.93 3.43 31.41
C ILE B 267 14.56 4.90 31.19
N LYS B 268 14.98 5.79 32.10
CA LYS B 268 14.56 7.19 31.94
C LYS B 268 15.16 7.79 30.67
N CYS B 269 16.42 7.45 30.37
N CYS B 269 16.42 7.45 30.39
CA CYS B 269 17.06 8.01 29.19
CA CYS B 269 17.09 7.96 29.20
C CYS B 269 16.39 7.51 27.91
C CYS B 269 16.33 7.53 27.95
N ALA B 270 16.01 6.22 27.87
CA ALA B 270 15.34 5.66 26.70
C ALA B 270 13.96 6.30 26.50
N THR B 271 13.24 6.49 27.61
CA THR B 271 11.93 7.12 27.57
C THR B 271 12.05 8.53 26.97
N GLN B 272 12.99 9.33 27.52
CA GLN B 272 13.17 10.69 27.05
C GLN B 272 13.56 10.69 25.56
N LEU B 273 14.40 9.73 25.18
CA LEU B 273 14.83 9.62 23.80
C LEU B 273 13.61 9.41 22.89
N VAL B 274 12.69 8.51 23.30
CA VAL B 274 11.53 8.25 22.46
C VAL B 274 10.65 9.50 22.38
N TRP B 275 10.42 10.17 23.51
CA TRP B 275 9.65 11.40 23.51
C TRP B 275 10.27 12.39 22.53
N GLU B 276 11.57 12.63 22.67
CA GLU B 276 12.23 13.73 21.98
C GLU B 276 12.49 13.41 20.51
N ARG B 277 12.85 12.17 20.21
CA ARG B 277 13.30 11.87 18.87
C ARG B 277 12.24 11.14 18.05
N MET B 278 11.29 10.46 18.70
CA MET B 278 10.23 9.78 17.93
C MET B 278 8.89 10.52 18.06
N LYS B 279 8.80 11.42 19.04
CA LYS B 279 7.60 12.24 19.30
C LYS B 279 6.43 11.36 19.75
N LEU B 280 6.75 10.26 20.46
CA LEU B 280 5.74 9.31 20.93
C LEU B 280 5.72 9.36 22.45
N LEU B 281 4.55 9.66 23.04
N LEU B 281 4.52 9.63 23.01
CA LEU B 281 4.52 9.82 24.49
CA LEU B 281 4.32 9.74 24.44
C LEU B 281 4.28 8.47 25.15
C LEU B 281 4.21 8.36 25.07
N ILE B 282 5.34 7.65 25.17
CA ILE B 282 5.31 6.35 25.83
C ILE B 282 5.36 6.58 27.35
N GLU B 283 4.78 5.65 28.11
CA GLU B 283 5.05 5.66 29.54
C GLU B 283 6.39 5.01 29.82
N PRO B 284 7.06 5.30 30.95
CA PRO B 284 8.41 4.78 31.18
C PRO B 284 8.49 3.26 31.15
N THR B 285 7.38 2.59 31.49
CA THR B 285 7.36 1.14 31.40
C THR B 285 7.67 0.69 29.98
N ALA B 286 7.09 1.42 29.01
CA ALA B 286 7.34 1.10 27.61
C ALA B 286 8.74 1.48 27.14
N GLY B 287 9.41 2.34 27.93
CA GLY B 287 10.81 2.64 27.66
C GLY B 287 11.74 1.47 28.01
N VAL B 288 11.25 0.47 28.75
CA VAL B 288 12.11 -0.61 29.21
C VAL B 288 12.66 -1.39 28.01
N GLY B 289 11.80 -1.67 27.03
CA GLY B 289 12.22 -2.43 25.86
C GLY B 289 13.19 -1.63 25.00
N VAL B 290 12.99 -0.31 24.92
CA VAL B 290 13.89 0.54 24.17
C VAL B 290 15.25 0.62 24.87
N ALA B 291 15.26 0.80 26.20
CA ALA B 291 16.51 0.73 26.96
C ALA B 291 17.23 -0.58 26.69
N ALA B 292 16.48 -1.68 26.68
CA ALA B 292 17.09 -2.98 26.45
C ALA B 292 17.90 -3.00 25.17
N VAL B 293 17.31 -2.52 24.06
CA VAL B 293 18.00 -2.61 22.79
C VAL B 293 19.18 -1.64 22.74
N LEU B 294 19.15 -0.54 23.52
CA LEU B 294 20.24 0.42 23.60
C LEU B 294 21.36 -0.04 24.55
N SER B 295 21.13 -1.11 25.33
CA SER B 295 22.02 -1.49 26.43
C SER B 295 23.26 -2.18 25.90
N GLN B 296 24.33 -2.17 26.72
CA GLN B 296 25.60 -2.76 26.33
C GLN B 296 25.40 -4.25 26.02
N HIS B 297 24.59 -4.92 26.85
CA HIS B 297 24.40 -6.35 26.70
C HIS B 297 23.73 -6.70 25.37
N PHE B 298 22.86 -5.82 24.87
CA PHE B 298 22.18 -6.09 23.61
C PHE B 298 23.18 -6.02 22.45
N GLN B 299 24.31 -5.33 22.65
CA GLN B 299 25.34 -5.23 21.63
C GLN B 299 25.97 -6.59 21.36
N THR B 300 25.75 -7.55 22.26
CA THR B 300 26.34 -8.88 22.12
C THR B 300 25.36 -9.84 21.43
N VAL B 301 24.16 -9.35 21.08
CA VAL B 301 23.24 -10.12 20.25
C VAL B 301 23.85 -10.24 18.85
N SER B 302 23.71 -11.43 18.26
N SER B 302 23.71 -11.43 18.26
CA SER B 302 24.29 -11.77 16.97
CA SER B 302 24.30 -11.77 16.97
C SER B 302 23.93 -10.73 15.91
C SER B 302 23.93 -10.73 15.91
N PRO B 303 24.88 -10.38 15.00
CA PRO B 303 24.62 -9.41 13.94
C PRO B 303 23.50 -9.85 12.99
N GLU B 304 23.27 -11.16 12.90
CA GLU B 304 22.25 -11.75 12.05
C GLU B 304 20.85 -11.37 12.54
N VAL B 305 20.74 -11.04 13.84
CA VAL B 305 19.48 -10.60 14.40
C VAL B 305 19.35 -9.10 14.14
N LYS B 306 18.86 -8.75 12.95
CA LYS B 306 18.99 -7.40 12.43
C LYS B 306 17.67 -6.63 12.61
N ASN B 307 16.56 -7.26 12.22
CA ASN B 307 15.25 -6.62 12.23
C ASN B 307 14.58 -6.89 13.58
N ILE B 308 14.50 -5.87 14.44
N ILE B 308 14.55 -5.86 14.43
CA ILE B 308 14.00 -6.09 15.78
CA ILE B 308 14.04 -5.92 15.79
C ILE B 308 12.79 -5.21 16.07
C ILE B 308 12.69 -5.19 15.87
N CYS B 309 11.68 -5.87 16.41
CA CYS B 309 10.44 -5.18 16.78
C CYS B 309 10.36 -5.07 18.30
N ILE B 310 10.29 -3.83 18.78
CA ILE B 310 10.09 -3.51 20.19
C ILE B 310 8.61 -3.16 20.41
N VAL B 311 8.01 -3.72 21.45
CA VAL B 311 6.62 -3.40 21.77
C VAL B 311 6.61 -2.16 22.65
N LEU B 312 6.10 -1.04 22.11
CA LEU B 312 5.83 0.13 22.93
C LEU B 312 4.47 -0.09 23.59
N SER B 313 4.51 -0.61 24.82
CA SER B 313 3.39 -1.30 25.42
C SER B 313 2.30 -0.35 25.91
N GLY B 314 2.65 0.92 26.18
CA GLY B 314 1.68 1.80 26.83
C GLY B 314 2.04 3.27 26.69
N GLY B 315 1.02 4.13 26.79
CA GLY B 315 1.24 5.56 26.71
C GLY B 315 0.47 6.30 27.80
N ASN B 316 0.15 5.59 28.89
CA ASN B 316 -0.67 6.16 29.95
C ASN B 316 0.25 6.89 30.94
N VAL B 317 0.71 8.07 30.54
CA VAL B 317 1.63 8.86 31.34
C VAL B 317 0.88 10.04 31.94
N ASP B 318 1.20 10.35 33.20
CA ASP B 318 0.67 11.54 33.85
C ASP B 318 1.57 12.72 33.47
N LEU B 319 1.07 13.58 32.56
CA LEU B 319 1.84 14.64 31.94
C LEU B 319 2.44 15.55 33.01
N THR B 320 1.80 16.72 33.19
CA THR B 320 1.56 17.45 34.44
C THR B 320 2.71 17.41 35.46
N SER B 321 2.42 16.82 36.63
CA SER B 321 3.23 16.96 37.82
C SER B 321 4.29 15.86 37.91
N SER B 322 3.99 14.71 37.30
CA SER B 322 4.70 13.47 37.58
C SER B 322 6.17 13.52 37.16
N ILE B 323 6.43 13.90 35.90
CA ILE B 323 7.77 13.92 35.34
C ILE B 323 8.63 14.91 36.11
N THR B 324 9.58 14.36 36.90
CA THR B 324 10.45 15.14 37.76
C THR B 324 11.82 15.33 37.09
C ALA C 3 -17.38 -26.73 14.71
N GLN C 4 -16.46 -27.69 14.86
CA GLN C 4 -15.11 -27.57 14.35
C GLN C 4 -14.85 -28.61 13.24
N TYR C 5 -13.86 -28.28 12.41
CA TYR C 5 -13.74 -28.80 11.07
C TYR C 5 -12.34 -29.37 10.93
N ASP C 6 -11.99 -29.83 9.71
CA ASP C 6 -10.67 -30.40 9.49
C ASP C 6 -9.60 -29.31 9.53
N ILE C 7 -9.98 -28.03 9.42
CA ILE C 7 -9.05 -26.93 9.69
C ILE C 7 -9.76 -25.89 10.56
N SER C 8 -8.96 -24.98 11.11
CA SER C 8 -9.48 -23.81 11.77
C SER C 8 -8.70 -22.62 11.21
N PHE C 9 -9.09 -21.41 11.58
CA PHE C 9 -8.35 -20.25 11.10
C PHE C 9 -6.88 -20.28 11.50
N ALA C 10 -6.56 -20.80 12.71
CA ALA C 10 -5.17 -20.98 13.15
C ALA C 10 -4.33 -21.67 12.06
N ASP C 11 -4.88 -22.70 11.40
CA ASP C 11 -4.20 -23.40 10.32
C ASP C 11 -3.91 -22.48 9.12
N VAL C 12 -4.83 -21.58 8.82
CA VAL C 12 -4.63 -20.62 7.74
C VAL C 12 -3.51 -19.65 8.08
N GLU C 13 -3.51 -19.12 9.32
CA GLU C 13 -2.43 -18.25 9.75
C GLU C 13 -1.07 -18.96 9.63
N LYS C 14 -1.01 -20.22 10.08
CA LYS C 14 0.20 -21.02 9.92
C LYS C 14 0.60 -21.15 8.44
N ALA C 15 -0.36 -21.47 7.57
CA ALA C 15 -0.05 -21.62 6.15
C ALA C 15 0.52 -20.31 5.58
N HIS C 16 -0.06 -19.19 6.00
CA HIS C 16 0.38 -17.87 5.54
C HIS C 16 1.88 -17.70 5.86
N ILE C 17 2.27 -18.00 7.10
CA ILE C 17 3.67 -17.88 7.50
C ILE C 17 4.51 -18.87 6.72
N ASN C 18 3.98 -20.08 6.50
N ASN C 18 3.93 -20.05 6.48
CA ASN C 18 4.70 -21.11 5.77
CA ASN C 18 4.59 -21.15 5.79
C ASN C 18 5.03 -20.68 4.34
C ASN C 18 4.94 -20.82 4.34
N ILE C 19 4.10 -20.00 3.67
CA ILE C 19 4.20 -19.91 2.21
C ILE C 19 4.46 -18.49 1.71
N ARG C 20 4.31 -17.49 2.57
CA ARG C 20 4.29 -16.13 2.06
C ARG C 20 5.60 -15.76 1.37
N ASP C 21 6.73 -16.36 1.79
CA ASP C 21 8.02 -15.95 1.25
C ASP C 21 8.18 -16.43 -0.19
N SER C 22 7.26 -17.28 -0.67
CA SER C 22 7.46 -17.96 -1.94
C SER C 22 6.31 -17.77 -2.93
N ILE C 23 5.21 -17.13 -2.54
CA ILE C 23 4.10 -16.99 -3.47
C ILE C 23 3.93 -15.49 -3.71
N HIS C 24 3.16 -15.14 -4.75
CA HIS C 24 2.89 -13.74 -5.04
C HIS C 24 1.71 -13.26 -4.23
N LEU C 25 1.82 -12.06 -3.64
N LEU C 25 1.88 -12.11 -3.58
CA LEU C 25 0.67 -11.37 -3.10
CA LEU C 25 0.75 -11.29 -3.17
C LEU C 25 -0.04 -10.68 -4.26
C LEU C 25 0.14 -10.76 -4.47
N THR C 26 -0.88 -11.45 -4.97
CA THR C 26 -1.46 -11.07 -6.25
C THR C 26 -2.29 -9.80 -6.13
N PRO C 27 -2.32 -8.93 -7.17
CA PRO C 27 -3.09 -7.69 -7.10
C PRO C 27 -4.58 -7.92 -7.21
N VAL C 28 -5.32 -6.91 -6.78
CA VAL C 28 -6.75 -6.83 -6.98
C VAL C 28 -7.00 -5.76 -8.04
N LEU C 29 -7.62 -6.13 -9.17
CA LEU C 29 -7.86 -5.15 -10.22
C LEU C 29 -9.35 -4.86 -10.29
N THR C 30 -9.72 -3.79 -11.01
CA THR C 30 -11.10 -3.35 -11.16
C THR C 30 -11.37 -3.14 -12.64
N SER C 31 -12.66 -3.05 -12.98
CA SER C 31 -13.13 -2.86 -14.33
C SER C 31 -14.39 -1.99 -14.32
N SER C 32 -14.34 -0.82 -14.97
CA SER C 32 -15.51 0.04 -15.06
C SER C 32 -16.65 -0.65 -15.79
N ILE C 33 -16.35 -1.35 -16.90
CA ILE C 33 -17.40 -1.96 -17.70
C ILE C 33 -18.12 -3.03 -16.88
N LEU C 34 -17.38 -3.84 -16.11
N LEU C 34 -17.38 -3.84 -16.11
CA LEU C 34 -18.03 -4.91 -15.36
CA LEU C 34 -18.01 -4.92 -15.36
C LEU C 34 -18.78 -4.37 -14.15
C LEU C 34 -18.78 -4.36 -14.16
N ASN C 35 -18.29 -3.27 -13.57
CA ASN C 35 -19.07 -2.57 -12.55
C ASN C 35 -20.41 -2.16 -13.15
N GLN C 36 -20.34 -1.64 -14.38
N GLN C 36 -20.35 -1.59 -14.36
CA GLN C 36 -21.50 -1.07 -15.04
CA GLN C 36 -21.54 -1.10 -15.03
C GLN C 36 -22.51 -2.18 -15.39
C GLN C 36 -22.52 -2.24 -15.25
N LEU C 37 -22.00 -3.37 -15.77
CA LEU C 37 -22.86 -4.48 -16.19
C LEU C 37 -23.56 -5.13 -14.99
N THR C 38 -22.94 -5.06 -13.80
CA THR C 38 -23.48 -5.78 -12.66
C THR C 38 -24.23 -4.86 -11.70
N GLY C 39 -23.92 -3.56 -11.77
CA GLY C 39 -24.41 -2.57 -10.82
C GLY C 39 -23.68 -2.64 -9.48
N ARG C 40 -22.51 -3.30 -9.43
CA ARG C 40 -21.78 -3.44 -8.17
C ARG C 40 -20.36 -2.90 -8.29
N ASN C 41 -19.65 -2.80 -7.17
CA ASN C 41 -18.24 -2.40 -7.22
C ASN C 41 -17.43 -3.69 -7.11
N LEU C 42 -16.88 -4.12 -8.27
CA LEU C 42 -16.25 -5.42 -8.33
C LEU C 42 -14.76 -5.25 -8.13
N PHE C 43 -14.17 -6.25 -7.45
CA PHE C 43 -12.75 -6.32 -7.22
C PHE C 43 -12.30 -7.73 -7.65
N PHE C 44 -11.22 -7.79 -8.44
CA PHE C 44 -10.84 -9.06 -9.04
C PHE C 44 -9.52 -9.49 -8.44
N LYS C 45 -9.56 -10.57 -7.66
CA LYS C 45 -8.35 -11.07 -7.03
C LYS C 45 -7.63 -11.95 -8.03
N CYS C 46 -6.42 -11.53 -8.42
CA CYS C 46 -5.85 -12.05 -9.65
C CYS C 46 -4.96 -13.26 -9.39
N GLU C 47 -5.57 -14.39 -8.99
CA GLU C 47 -4.79 -15.59 -8.80
C GLU C 47 -4.30 -16.16 -10.13
N LEU C 48 -4.81 -15.66 -11.27
CA LEU C 48 -4.20 -16.10 -12.54
C LEU C 48 -2.75 -15.66 -12.63
N PHE C 49 -2.34 -14.67 -11.81
CA PHE C 49 -0.98 -14.16 -11.86
C PHE C 49 -0.13 -14.88 -10.82
N GLN C 50 -0.75 -15.83 -10.09
CA GLN C 50 -0.02 -16.49 -9.02
C GLN C 50 1.06 -17.37 -9.65
N LYS C 51 2.09 -17.75 -8.89
CA LYS C 51 3.03 -18.70 -9.49
C LYS C 51 2.31 -19.98 -9.91
N THR C 52 2.76 -20.50 -11.06
CA THR C 52 2.21 -21.66 -11.76
C THR C 52 0.90 -21.36 -12.50
N GLY C 53 0.35 -20.16 -12.34
CA GLY C 53 -0.82 -19.78 -13.14
C GLY C 53 -2.15 -20.10 -12.45
N SER C 54 -2.10 -20.55 -11.19
CA SER C 54 -3.32 -20.71 -10.41
C SER C 54 -3.04 -20.57 -8.93
N PHE C 55 -4.11 -20.51 -8.14
CA PHE C 55 -3.97 -20.34 -6.70
C PHE C 55 -3.40 -21.60 -6.05
N LYS C 56 -3.38 -22.73 -6.77
CA LYS C 56 -3.11 -24.03 -6.17
C LYS C 56 -1.72 -24.14 -5.55
N ILE C 57 -0.78 -23.27 -5.91
CA ILE C 57 0.53 -23.28 -5.28
C ILE C 57 0.40 -23.01 -3.78
N ARG C 58 -0.67 -22.33 -3.35
CA ARG C 58 -0.83 -21.97 -1.95
C ARG C 58 -0.99 -23.25 -1.13
N GLY C 59 -2.01 -24.06 -1.47
CA GLY C 59 -2.24 -25.31 -0.77
C GLY C 59 -1.11 -26.31 -0.99
N ALA C 60 -0.57 -26.31 -2.22
CA ALA C 60 0.46 -27.30 -2.57
C ALA C 60 1.73 -27.01 -1.76
N LEU C 61 2.14 -25.74 -1.70
CA LEU C 61 3.37 -25.43 -0.97
C LEU C 61 3.17 -25.66 0.53
N ASN C 62 1.98 -25.30 1.05
CA ASN C 62 1.70 -25.51 2.46
C ASN C 62 1.81 -27.00 2.79
N ALA C 63 1.33 -27.84 1.87
CA ALA C 63 1.33 -29.28 2.10
C ALA C 63 2.76 -29.81 2.04
N VAL C 64 3.54 -29.35 1.07
CA VAL C 64 4.91 -29.82 0.92
C VAL C 64 5.75 -29.40 2.13
N ARG C 65 5.40 -28.24 2.72
CA ARG C 65 6.16 -27.73 3.85
C ARG C 65 5.63 -28.20 5.21
N SER C 66 4.57 -29.02 5.23
N SER C 66 4.51 -28.95 5.19
CA SER C 66 3.97 -29.40 6.50
CA SER C 66 3.81 -29.36 6.40
C SER C 66 3.62 -30.89 6.62
C SER C 66 3.85 -30.88 6.55
N LEU C 67 3.48 -31.59 5.49
CA LEU C 67 3.19 -33.03 5.53
C LEU C 67 4.51 -33.80 5.69
N VAL C 68 4.43 -35.03 6.21
CA VAL C 68 5.64 -35.81 6.44
C VAL C 68 5.51 -37.16 5.74
N PRO C 69 6.62 -37.72 5.20
CA PRO C 69 6.59 -39.03 4.56
C PRO C 69 6.50 -40.16 5.60
N ASP C 70 6.25 -41.37 5.12
CA ASP C 70 6.26 -42.54 5.98
C ASP C 70 7.69 -43.08 6.03
N ALA C 71 8.56 -42.38 6.78
CA ALA C 71 10.00 -42.67 6.78
C ALA C 71 10.65 -42.07 8.02
N LEU C 72 11.95 -42.33 8.20
CA LEU C 72 12.68 -41.83 9.37
C LEU C 72 12.76 -40.31 9.32
N GLU C 73 13.12 -39.77 8.15
CA GLU C 73 13.24 -38.34 7.93
C GLU C 73 11.87 -37.69 7.94
N ARG C 74 11.79 -36.50 8.53
CA ARG C 74 10.52 -35.79 8.68
C ARG C 74 10.21 -34.95 7.44
N LYS C 75 11.22 -34.71 6.59
CA LYS C 75 10.98 -33.92 5.39
C LYS C 75 10.75 -34.83 4.19
N PRO C 76 9.73 -34.55 3.35
CA PRO C 76 9.51 -35.31 2.12
C PRO C 76 10.74 -35.23 1.22
N LYS C 77 11.08 -36.35 0.58
CA LYS C 77 12.23 -36.39 -0.31
C LYS C 77 11.75 -36.36 -1.78
N ALA C 78 10.43 -36.35 -1.96
CA ALA C 78 9.81 -36.30 -3.27
C ALA C 78 8.32 -36.00 -3.11
N VAL C 79 7.70 -35.62 -4.23
N VAL C 79 7.68 -35.55 -4.20
CA VAL C 79 6.25 -35.51 -4.34
CA VAL C 79 6.23 -35.52 -4.30
C VAL C 79 5.81 -36.36 -5.52
C VAL C 79 5.83 -36.41 -5.47
N VAL C 80 4.65 -37.00 -5.38
CA VAL C 80 4.15 -37.93 -6.37
C VAL C 80 2.70 -37.53 -6.62
N THR C 81 2.33 -37.43 -7.91
CA THR C 81 0.99 -36.99 -8.26
C THR C 81 0.50 -37.77 -9.47
N HIS C 82 -0.82 -37.76 -9.66
CA HIS C 82 -1.46 -38.24 -10.87
C HIS C 82 -1.78 -37.09 -11.83
N SER C 83 -1.68 -35.85 -11.33
CA SER C 83 -2.24 -34.69 -12.03
C SER C 83 -1.21 -34.05 -12.95
N SER C 84 -1.64 -33.76 -14.19
CA SER C 84 -0.87 -32.97 -15.13
C SER C 84 -1.47 -31.57 -15.26
N GLY C 85 -2.55 -31.32 -14.50
CA GLY C 85 -3.27 -30.06 -14.51
C GLY C 85 -2.76 -29.07 -13.47
N ASN C 86 -3.63 -28.13 -13.06
CA ASN C 86 -3.23 -27.06 -12.16
C ASN C 86 -2.62 -27.62 -10.87
N HIS C 87 -3.22 -28.70 -10.36
CA HIS C 87 -2.76 -29.33 -9.14
C HIS C 87 -1.33 -29.85 -9.29
N GLY C 88 -1.10 -30.69 -10.31
CA GLY C 88 0.20 -31.29 -10.53
C GLY C 88 1.28 -30.24 -10.80
N GLN C 89 0.91 -29.20 -11.56
CA GLN C 89 1.87 -28.15 -11.88
C GLN C 89 2.24 -27.39 -10.60
N ALA C 90 1.25 -27.16 -9.73
CA ALA C 90 1.49 -26.51 -8.45
C ALA C 90 2.42 -27.35 -7.58
N LEU C 91 2.12 -28.65 -7.47
CA LEU C 91 2.92 -29.56 -6.66
C LEU C 91 4.35 -29.61 -7.19
N THR C 92 4.50 -29.61 -8.52
CA THR C 92 5.80 -29.70 -9.15
C THR C 92 6.66 -28.49 -8.80
N TYR C 93 6.06 -27.29 -8.86
CA TYR C 93 6.77 -26.07 -8.52
C TYR C 93 7.15 -26.08 -7.04
N ALA C 94 6.23 -26.56 -6.18
CA ALA C 94 6.52 -26.61 -4.75
C ALA C 94 7.73 -27.52 -4.52
N ALA C 95 7.79 -28.65 -5.25
CA ALA C 95 8.90 -29.57 -5.13
C ALA C 95 10.20 -28.90 -5.56
N LYS C 96 10.15 -28.10 -6.65
CA LYS C 96 11.33 -27.38 -7.10
C LYS C 96 11.81 -26.41 -6.02
N LEU C 97 10.88 -25.72 -5.35
CA LEU C 97 11.25 -24.76 -4.33
C LEU C 97 11.98 -25.49 -3.20
N GLU C 98 11.60 -26.75 -2.96
CA GLU C 98 12.16 -27.52 -1.85
C GLU C 98 13.34 -28.38 -2.29
N GLY C 99 13.71 -28.30 -3.57
CA GLY C 99 14.82 -29.06 -4.13
C GLY C 99 14.60 -30.58 -4.07
N ILE C 100 13.36 -31.01 -4.30
CA ILE C 100 13.03 -32.43 -4.31
C ILE C 100 12.39 -32.77 -5.66
N PRO C 101 12.55 -34.02 -6.16
CA PRO C 101 11.90 -34.42 -7.41
C PRO C 101 10.37 -34.47 -7.28
N ALA C 102 9.69 -34.15 -8.39
CA ALA C 102 8.26 -34.35 -8.49
C ALA C 102 8.01 -35.40 -9.56
N TYR C 103 7.32 -36.47 -9.17
CA TYR C 103 7.05 -37.58 -10.09
C TYR C 103 5.58 -37.54 -10.45
N ILE C 104 5.29 -37.77 -11.74
CA ILE C 104 3.90 -37.91 -12.16
C ILE C 104 3.75 -39.30 -12.74
N VAL C 105 2.71 -40.00 -12.27
CA VAL C 105 2.40 -41.35 -12.72
C VAL C 105 1.53 -41.20 -13.96
N VAL C 106 1.99 -41.80 -15.06
CA VAL C 106 1.38 -41.61 -16.38
C VAL C 106 1.14 -42.99 -17.01
N PRO C 107 -0.10 -43.31 -17.47
CA PRO C 107 -0.33 -44.52 -18.25
C PRO C 107 0.62 -44.55 -19.46
N GLN C 108 1.13 -45.75 -19.78
CA GLN C 108 2.15 -45.92 -20.81
C GLN C 108 1.61 -45.53 -22.19
N THR C 109 0.28 -45.41 -22.30
CA THR C 109 -0.42 -45.10 -23.54
C THR C 109 -0.72 -43.61 -23.65
N ALA C 110 0.01 -42.78 -22.90
CA ALA C 110 -0.16 -41.33 -22.99
C ALA C 110 0.37 -40.85 -24.34
N PRO C 111 -0.31 -39.87 -25.01
CA PRO C 111 0.21 -39.29 -26.25
C PRO C 111 1.51 -38.52 -26.01
N ASP C 112 2.36 -38.47 -27.04
CA ASP C 112 3.67 -37.84 -26.94
C ASP C 112 3.52 -36.37 -26.56
N CYS C 113 2.48 -35.71 -27.09
CA CYS C 113 2.24 -34.29 -26.82
C CYS C 113 2.08 -34.05 -25.32
N LYS C 114 1.26 -34.89 -24.66
CA LYS C 114 1.02 -34.80 -23.22
C LYS C 114 2.32 -34.98 -22.46
N LYS C 115 3.12 -35.99 -22.83
CA LYS C 115 4.36 -36.31 -22.13
C LYS C 115 5.34 -35.15 -22.23
N LEU C 116 5.45 -34.56 -23.43
CA LEU C 116 6.34 -33.43 -23.65
C LEU C 116 5.88 -32.26 -22.80
N ALA C 117 4.55 -32.04 -22.77
CA ALA C 117 3.94 -30.96 -21.99
C ALA C 117 4.24 -31.14 -20.51
N ILE C 118 4.19 -32.40 -20.04
CA ILE C 118 4.42 -32.70 -18.63
C ILE C 118 5.87 -32.39 -18.24
N GLN C 119 6.79 -32.82 -19.10
CA GLN C 119 8.23 -32.68 -18.85
C GLN C 119 8.66 -31.21 -18.95
N ALA C 120 7.89 -30.40 -19.68
CA ALA C 120 8.22 -28.99 -19.89
C ALA C 120 8.14 -28.21 -18.57
N TYR C 121 7.18 -28.57 -17.69
CA TYR C 121 7.04 -27.89 -16.42
C TYR C 121 7.93 -28.51 -15.35
N GLY C 122 8.56 -29.65 -15.67
CA GLY C 122 9.66 -30.15 -14.86
C GLY C 122 9.31 -31.39 -14.02
N ALA C 123 8.19 -32.03 -14.34
CA ALA C 123 7.84 -33.26 -13.64
C ALA C 123 8.62 -34.43 -14.25
N SER C 124 8.85 -35.47 -13.44
CA SER C 124 9.52 -36.69 -13.86
C SER C 124 8.47 -37.77 -14.03
N ILE C 125 8.38 -38.35 -15.23
CA ILE C 125 7.33 -39.32 -15.53
C ILE C 125 7.74 -40.70 -15.04
N VAL C 126 6.82 -41.38 -14.33
CA VAL C 126 6.92 -42.81 -14.08
C VAL C 126 5.68 -43.46 -14.71
N TYR C 127 5.90 -44.50 -15.51
CA TYR C 127 4.82 -45.14 -16.26
C TYR C 127 4.08 -46.16 -15.41
N CYS C 128 2.77 -46.27 -15.68
CA CYS C 128 1.92 -47.31 -15.15
C CYS C 128 1.13 -47.92 -16.30
N GLU C 129 0.37 -48.99 -16.00
N GLU C 129 0.37 -48.99 -16.00
CA GLU C 129 -0.59 -49.57 -16.91
CA GLU C 129 -0.58 -49.56 -16.94
C GLU C 129 -1.84 -48.70 -16.90
C GLU C 129 -1.84 -48.69 -16.89
N PRO C 130 -2.60 -48.56 -18.00
CA PRO C 130 -3.84 -47.77 -18.02
C PRO C 130 -5.05 -48.38 -17.31
N SER C 131 -4.93 -48.53 -15.99
CA SER C 131 -6.04 -48.93 -15.12
C SER C 131 -5.93 -48.12 -13.83
N ASP C 132 -7.05 -47.97 -13.12
CA ASP C 132 -7.03 -47.27 -11.84
C ASP C 132 -6.23 -48.08 -10.82
N GLU C 133 -6.24 -49.40 -10.98
CA GLU C 133 -5.50 -50.31 -10.12
C GLU C 133 -4.00 -50.01 -10.26
N SER C 134 -3.49 -50.02 -11.51
CA SER C 134 -2.09 -49.80 -11.78
C SER C 134 -1.66 -48.38 -11.38
N ARG C 135 -2.51 -47.38 -11.69
CA ARG C 135 -2.23 -45.99 -11.35
C ARG C 135 -1.97 -45.88 -9.85
N GLU C 136 -2.89 -46.43 -9.05
N GLU C 136 -2.88 -46.44 -9.05
CA GLU C 136 -2.83 -46.35 -7.60
CA GLU C 136 -2.82 -46.33 -7.60
C GLU C 136 -1.60 -47.08 -7.08
C GLU C 136 -1.61 -47.08 -7.06
N ASN C 137 -1.34 -48.28 -7.63
CA ASN C 137 -0.30 -49.15 -7.13
C ASN C 137 1.07 -48.56 -7.45
N VAL C 138 1.22 -48.01 -8.66
CA VAL C 138 2.46 -47.34 -9.03
C VAL C 138 2.69 -46.12 -8.15
N ALA C 139 1.65 -45.28 -7.95
CA ALA C 139 1.78 -44.07 -7.15
C ALA C 139 2.18 -44.43 -5.72
N LYS C 140 1.58 -45.50 -5.17
CA LYS C 140 1.89 -45.92 -3.82
C LYS C 140 3.36 -46.35 -3.71
N ARG C 141 3.81 -47.14 -4.69
CA ARG C 141 5.16 -47.69 -4.72
C ARG C 141 6.18 -46.56 -4.83
N VAL C 142 5.91 -45.62 -5.74
CA VAL C 142 6.86 -44.54 -5.95
C VAL C 142 6.93 -43.69 -4.68
N THR C 143 5.77 -43.36 -4.10
CA THR C 143 5.71 -42.55 -2.90
C THR C 143 6.56 -43.19 -1.80
N GLU C 144 6.41 -44.52 -1.64
CA GLU C 144 7.10 -45.24 -0.58
C GLU C 144 8.60 -45.31 -0.85
N GLU C 145 8.97 -45.69 -2.08
CA GLU C 145 10.38 -45.93 -2.40
C GLU C 145 11.18 -44.63 -2.39
N THR C 146 10.51 -43.50 -2.68
CA THR C 146 11.20 -42.23 -2.75
C THR C 146 11.13 -41.48 -1.42
N GLU C 147 10.46 -42.07 -0.42
CA GLU C 147 10.23 -41.37 0.84
C GLU C 147 9.53 -40.04 0.56
N GLY C 148 8.51 -40.10 -0.29
CA GLY C 148 7.80 -38.91 -0.75
C GLY C 148 6.43 -38.78 -0.12
N ILE C 149 5.66 -37.77 -0.56
CA ILE C 149 4.28 -37.57 -0.13
C ILE C 149 3.38 -37.42 -1.35
N MET C 150 2.09 -37.70 -1.14
CA MET C 150 1.05 -37.32 -2.08
C MET C 150 0.14 -36.34 -1.36
N VAL C 151 -0.49 -35.47 -2.17
CA VAL C 151 -1.26 -34.35 -1.66
C VAL C 151 -2.59 -34.34 -2.40
N HIS C 152 -3.69 -34.58 -1.67
CA HIS C 152 -5.02 -34.50 -2.26
C HIS C 152 -5.31 -33.07 -2.72
N PRO C 153 -5.88 -32.87 -3.93
CA PRO C 153 -6.11 -31.53 -4.47
C PRO C 153 -7.12 -30.63 -3.74
N ASN C 154 -7.98 -31.22 -2.92
CA ASN C 154 -8.98 -30.37 -2.28
C ASN C 154 -9.40 -30.82 -0.87
N GLN C 155 -9.12 -32.07 -0.47
CA GLN C 155 -9.59 -32.52 0.84
C GLN C 155 -8.47 -32.52 1.89
N GLU C 156 -7.22 -32.34 1.45
CA GLU C 156 -6.08 -32.37 2.36
C GLU C 156 -6.15 -31.12 3.26
N PRO C 157 -6.19 -31.26 4.61
CA PRO C 157 -6.22 -30.08 5.48
C PRO C 157 -5.18 -29.01 5.18
N ALA C 158 -3.94 -29.43 4.88
CA ALA C 158 -2.88 -28.47 4.58
C ALA C 158 -3.20 -27.69 3.32
N VAL C 159 -3.88 -28.33 2.35
CA VAL C 159 -4.27 -27.66 1.11
C VAL C 159 -5.39 -26.66 1.40
N ILE C 160 -6.40 -27.10 2.16
CA ILE C 160 -7.52 -26.20 2.48
C ILE C 160 -7.02 -24.95 3.23
N ALA C 161 -6.10 -25.16 4.19
CA ALA C 161 -5.56 -24.06 4.96
C ALA C 161 -4.77 -23.11 4.06
N GLY C 162 -3.95 -23.66 3.14
CA GLY C 162 -3.18 -22.79 2.26
C GLY C 162 -4.12 -21.97 1.37
N GLN C 163 -5.23 -22.57 0.92
CA GLN C 163 -6.14 -21.87 0.02
C GLN C 163 -6.78 -20.69 0.76
N GLY C 164 -7.01 -20.85 2.07
CA GLY C 164 -7.60 -19.78 2.88
C GLY C 164 -6.79 -18.48 2.86
N THR C 165 -5.49 -18.58 2.54
CA THR C 165 -4.64 -17.39 2.55
C THR C 165 -5.10 -16.42 1.45
N ILE C 166 -5.85 -16.90 0.44
CA ILE C 166 -6.43 -15.96 -0.52
C ILE C 166 -7.25 -14.90 0.20
N ALA C 167 -8.11 -15.35 1.10
CA ALA C 167 -9.04 -14.44 1.76
C ALA C 167 -8.30 -13.51 2.73
N LEU C 168 -7.18 -13.99 3.28
CA LEU C 168 -6.44 -13.14 4.23
C LEU C 168 -5.97 -11.90 3.47
N GLU C 169 -5.47 -12.11 2.24
CA GLU C 169 -5.03 -11.01 1.39
C GLU C 169 -6.21 -10.13 0.95
N VAL C 170 -7.28 -10.75 0.44
CA VAL C 170 -8.44 -9.99 0.01
C VAL C 170 -8.90 -9.05 1.13
N LEU C 171 -9.06 -9.57 2.36
CA LEU C 171 -9.58 -8.71 3.42
C LEU C 171 -8.65 -7.52 3.71
N ASN C 172 -7.34 -7.65 3.45
CA ASN C 172 -6.41 -6.53 3.61
C ASN C 172 -6.48 -5.58 2.42
N GLN C 173 -6.66 -6.13 1.20
CA GLN C 173 -6.56 -5.35 -0.01
C GLN C 173 -7.88 -4.64 -0.27
N VAL C 174 -8.98 -5.21 0.24
CA VAL C 174 -10.27 -4.60 0.01
C VAL C 174 -10.99 -4.51 1.36
N PRO C 175 -10.57 -3.56 2.24
CA PRO C 175 -11.05 -3.49 3.62
C PRO C 175 -12.57 -3.42 3.75
N LEU C 176 -13.24 -2.81 2.77
CA LEU C 176 -14.68 -2.64 2.90
C LEU C 176 -15.43 -3.70 2.10
N VAL C 177 -14.77 -4.81 1.77
CA VAL C 177 -15.41 -5.82 0.92
C VAL C 177 -16.68 -6.32 1.62
N ASP C 178 -17.74 -6.60 0.83
CA ASP C 178 -18.99 -7.12 1.38
C ASP C 178 -19.22 -8.59 1.07
N ALA C 179 -18.55 -9.11 0.03
CA ALA C 179 -18.70 -10.51 -0.34
C ALA C 179 -17.49 -10.96 -1.16
N LEU C 180 -17.20 -12.26 -1.05
CA LEU C 180 -16.26 -12.93 -1.94
C LEU C 180 -17.07 -13.92 -2.77
N VAL C 181 -16.72 -13.99 -4.06
CA VAL C 181 -17.28 -14.99 -4.94
C VAL C 181 -16.15 -15.92 -5.39
N VAL C 182 -16.39 -17.21 -5.17
CA VAL C 182 -15.39 -18.25 -5.29
C VAL C 182 -15.94 -19.41 -6.12
N PRO C 183 -15.25 -19.81 -7.21
CA PRO C 183 -15.64 -21.00 -7.98
C PRO C 183 -15.40 -22.23 -7.14
N VAL C 184 -16.29 -23.23 -7.25
CA VAL C 184 -16.21 -24.40 -6.36
C VAL C 184 -16.19 -25.67 -7.20
N GLY C 185 -15.19 -26.53 -6.94
CA GLY C 185 -15.14 -27.89 -7.41
C GLY C 185 -15.13 -28.81 -6.20
N GLY C 186 -13.94 -29.28 -5.82
CA GLY C 186 -13.79 -30.08 -4.61
C GLY C 186 -14.02 -29.24 -3.35
N GLY C 187 -13.94 -27.91 -3.50
CA GLY C 187 -14.24 -26.94 -2.45
C GLY C 187 -13.10 -26.74 -1.46
N GLY C 188 -11.85 -27.05 -1.83
CA GLY C 188 -10.74 -26.69 -0.94
C GLY C 188 -10.57 -25.18 -0.83
N MET C 189 -10.66 -24.53 -1.99
CA MET C 189 -10.54 -23.08 -2.01
C MET C 189 -11.74 -22.44 -1.32
N LEU C 190 -12.96 -22.93 -1.61
CA LEU C 190 -14.16 -22.37 -0.98
C LEU C 190 -14.11 -22.54 0.55
N ALA C 191 -13.77 -23.75 1.01
CA ALA C 191 -13.76 -24.00 2.43
C ALA C 191 -12.68 -23.19 3.15
N GLY C 192 -11.49 -23.13 2.54
CA GLY C 192 -10.41 -22.35 3.13
C GLY C 192 -10.82 -20.89 3.29
N ILE C 193 -11.41 -20.36 2.21
CA ILE C 193 -11.87 -18.98 2.20
C ILE C 193 -12.96 -18.75 3.23
N ALA C 194 -13.95 -19.67 3.32
CA ALA C 194 -15.07 -19.56 4.24
C ALA C 194 -14.57 -19.52 5.69
N ILE C 195 -13.65 -20.44 6.03
CA ILE C 195 -13.08 -20.44 7.37
C ILE C 195 -12.46 -19.10 7.74
N THR C 196 -11.70 -18.53 6.79
CA THR C 196 -10.93 -17.32 6.99
C THR C 196 -11.88 -16.13 7.14
N VAL C 197 -12.82 -16.03 6.20
CA VAL C 197 -13.74 -14.91 6.21
C VAL C 197 -14.59 -14.93 7.48
N LYS C 198 -15.18 -16.09 7.81
CA LYS C 198 -16.08 -16.17 8.95
C LYS C 198 -15.33 -15.98 10.27
N ALA C 199 -14.03 -16.30 10.31
CA ALA C 199 -13.23 -16.01 11.50
C ALA C 199 -12.92 -14.52 11.64
N LEU C 200 -12.59 -13.86 10.53
CA LEU C 200 -12.05 -12.51 10.59
C LEU C 200 -13.14 -11.44 10.50
N LYS C 201 -14.12 -11.62 9.63
CA LYS C 201 -15.11 -10.57 9.38
C LYS C 201 -16.39 -11.26 8.92
N PRO C 202 -17.10 -11.96 9.84
CA PRO C 202 -18.23 -12.82 9.48
C PRO C 202 -19.45 -12.12 8.85
N SER C 203 -19.47 -10.78 8.87
CA SER C 203 -20.54 -10.07 8.18
C SER C 203 -20.31 -10.07 6.67
N VAL C 204 -19.07 -10.38 6.24
CA VAL C 204 -18.74 -10.51 4.83
C VAL C 204 -19.39 -11.79 4.30
N LYS C 205 -20.08 -11.71 3.15
CA LYS C 205 -20.73 -12.89 2.58
C LYS C 205 -19.67 -13.77 1.89
N VAL C 206 -19.89 -15.09 1.90
CA VAL C 206 -19.07 -15.97 1.10
C VAL C 206 -19.99 -16.71 0.13
N TYR C 207 -19.82 -16.43 -1.16
CA TYR C 207 -20.69 -17.02 -2.16
C TYR C 207 -19.88 -17.97 -3.02
N ALA C 208 -20.48 -19.12 -3.38
CA ALA C 208 -19.82 -20.03 -4.29
C ALA C 208 -20.49 -19.90 -5.66
N ALA C 209 -19.73 -20.31 -6.67
CA ALA C 209 -20.19 -20.29 -8.04
C ALA C 209 -19.79 -21.61 -8.67
N GLU C 210 -20.73 -22.30 -9.32
N GLU C 210 -20.73 -22.19 -9.42
CA GLU C 210 -20.41 -23.55 -9.98
CA GLU C 210 -20.64 -23.55 -9.91
C GLU C 210 -21.26 -23.71 -11.24
C GLU C 210 -21.30 -23.68 -11.28
N PRO C 211 -20.78 -24.52 -12.21
CA PRO C 211 -21.52 -24.79 -13.44
C PRO C 211 -22.81 -25.57 -13.07
N SER C 212 -23.91 -25.17 -13.72
CA SER C 212 -25.17 -25.87 -13.53
C SER C 212 -25.05 -27.32 -14.00
N ASN C 213 -24.13 -27.59 -14.95
CA ASN C 213 -23.84 -28.95 -15.37
C ASN C 213 -23.13 -29.77 -14.30
N ALA C 214 -22.69 -29.15 -13.19
CA ALA C 214 -21.96 -29.89 -12.16
C ALA C 214 -22.37 -29.36 -10.79
N ASP C 215 -23.68 -29.43 -10.52
CA ASP C 215 -24.28 -28.59 -9.49
C ASP C 215 -24.39 -29.32 -8.15
N ASP C 216 -23.41 -30.17 -7.81
N ASP C 216 -23.38 -30.13 -7.79
CA ASP C 216 -23.44 -30.93 -6.56
CA ASP C 216 -23.41 -30.88 -6.53
C ASP C 216 -23.38 -30.02 -5.33
C ASP C 216 -23.39 -29.95 -5.32
N CYS C 217 -22.66 -28.88 -5.42
N CYS C 217 -22.59 -28.87 -5.35
CA CYS C 217 -22.56 -28.02 -4.25
CA CYS C 217 -22.57 -27.97 -4.20
C CYS C 217 -23.92 -27.36 -3.98
C CYS C 217 -23.96 -27.37 -3.96
N TYR C 218 -24.60 -26.92 -5.04
CA TYR C 218 -25.93 -26.35 -4.95
C TYR C 218 -26.91 -27.39 -4.37
N GLN C 219 -26.92 -28.59 -4.94
CA GLN C 219 -27.87 -29.61 -4.49
C GLN C 219 -27.63 -29.98 -3.04
N SER C 220 -26.34 -30.09 -2.68
CA SER C 220 -25.95 -30.49 -1.35
C SER C 220 -26.46 -29.44 -0.34
N LYS C 221 -26.27 -28.15 -0.66
CA LYS C 221 -26.67 -27.09 0.26
C LYS C 221 -28.19 -27.00 0.38
N LEU C 222 -28.89 -27.22 -0.73
CA LEU C 222 -30.35 -27.30 -0.73
C LEU C 222 -30.83 -28.46 0.16
N LYS C 223 -30.23 -29.66 0.03
CA LYS C 223 -30.71 -30.85 0.72
C LYS C 223 -30.23 -30.88 2.16
N GLY C 224 -29.16 -30.14 2.44
CA GLY C 224 -28.54 -30.18 3.76
C GLY C 224 -27.70 -31.44 3.97
N LYS C 225 -27.24 -32.08 2.89
CA LYS C 225 -26.39 -33.26 3.02
C LYS C 225 -25.53 -33.40 1.76
N LEU C 226 -24.40 -34.13 1.84
CA LEU C 226 -23.46 -34.21 0.71
C LEU C 226 -24.07 -35.07 -0.39
N MET C 227 -24.33 -34.44 -1.54
CA MET C 227 -24.91 -35.11 -2.70
C MET C 227 -23.94 -34.95 -3.86
N PRO C 228 -22.91 -35.82 -3.98
CA PRO C 228 -21.91 -35.70 -5.06
C PRO C 228 -22.55 -35.84 -6.43
N ASN C 229 -21.88 -35.35 -7.49
CA ASN C 229 -22.39 -35.59 -8.83
C ASN C 229 -22.52 -37.11 -9.04
N LEU C 230 -23.61 -37.53 -9.68
CA LEU C 230 -23.84 -38.96 -9.90
C LEU C 230 -22.87 -39.52 -10.95
N TYR C 231 -22.50 -38.69 -11.94
N TYR C 231 -22.51 -38.71 -11.96
CA TYR C 231 -21.53 -39.09 -12.94
CA TYR C 231 -21.48 -39.13 -12.90
C TYR C 231 -20.53 -37.94 -13.15
C TYR C 231 -20.54 -37.96 -13.16
N PRO C 232 -19.32 -38.22 -13.70
CA PRO C 232 -18.36 -37.15 -14.00
C PRO C 232 -19.02 -36.12 -14.90
N PRO C 233 -19.06 -34.83 -14.51
CA PRO C 233 -19.79 -33.83 -15.28
C PRO C 233 -19.06 -33.43 -16.55
N GLU C 234 -19.84 -32.94 -17.52
CA GLU C 234 -19.32 -32.32 -18.72
C GLU C 234 -19.41 -30.81 -18.53
N THR C 235 -18.26 -30.14 -18.55
CA THR C 235 -18.28 -28.70 -18.48
C THR C 235 -16.97 -28.16 -19.03
N ILE C 236 -17.03 -26.95 -19.63
N ILE C 236 -17.01 -26.96 -19.62
CA ILE C 236 -15.86 -26.19 -20.07
CA ILE C 236 -15.79 -26.32 -20.06
C ILE C 236 -14.98 -25.83 -18.86
C ILE C 236 -14.98 -25.82 -18.86
N ALA C 237 -15.59 -25.80 -17.67
CA ALA C 237 -14.91 -25.38 -16.45
C ALA C 237 -14.18 -26.59 -15.89
N ASP C 238 -13.08 -26.97 -16.55
N ASP C 238 -13.05 -26.96 -16.50
CA ASP C 238 -12.41 -28.24 -16.31
CA ASP C 238 -12.42 -28.26 -16.33
C ASP C 238 -11.99 -28.38 -14.85
C ASP C 238 -11.75 -28.38 -14.95
N GLY C 239 -11.61 -27.25 -14.25
CA GLY C 239 -11.02 -27.23 -12.93
C GLY C 239 -12.03 -27.45 -11.80
N VAL C 240 -13.34 -27.49 -12.11
CA VAL C 240 -14.36 -27.67 -11.07
C VAL C 240 -15.25 -28.89 -11.36
N LYS C 241 -14.64 -29.94 -11.93
CA LYS C 241 -15.35 -31.17 -12.23
C LYS C 241 -15.48 -32.06 -10.98
N SER C 242 -14.56 -31.90 -10.02
CA SER C 242 -14.66 -32.68 -8.79
C SER C 242 -15.92 -32.28 -8.02
N SER C 243 -16.45 -33.25 -7.27
CA SER C 243 -17.51 -32.99 -6.33
C SER C 243 -16.86 -32.54 -5.02
N ILE C 244 -17.63 -31.84 -4.19
N ILE C 244 -17.66 -31.85 -4.21
CA ILE C 244 -17.16 -31.57 -2.83
CA ILE C 244 -17.29 -31.61 -2.83
C ILE C 244 -17.09 -32.89 -2.07
C ILE C 244 -17.02 -32.96 -2.15
N GLY C 245 -16.16 -32.93 -1.12
CA GLY C 245 -15.81 -34.12 -0.35
C GLY C 245 -16.15 -33.99 1.13
N LEU C 246 -15.82 -35.04 1.87
CA LEU C 246 -16.26 -35.20 3.25
C LEU C 246 -15.60 -34.18 4.17
N ASN C 247 -14.44 -33.64 3.79
CA ASN C 247 -13.71 -32.70 4.63
C ASN C 247 -14.18 -31.27 4.33
N THR C 248 -14.46 -30.97 3.06
CA THR C 248 -14.87 -29.62 2.73
C THR C 248 -16.38 -29.38 2.93
N TRP C 249 -17.20 -30.43 2.81
CA TRP C 249 -18.65 -30.27 2.92
C TRP C 249 -19.09 -29.60 4.23
N PRO C 250 -18.70 -30.09 5.44
CA PRO C 250 -19.20 -29.47 6.68
C PRO C 250 -18.94 -27.97 6.73
N ILE C 251 -17.75 -27.56 6.27
CA ILE C 251 -17.40 -26.14 6.26
C ILE C 251 -18.34 -25.40 5.30
N ILE C 252 -18.54 -25.97 4.12
CA ILE C 252 -19.36 -25.32 3.12
C ILE C 252 -20.80 -25.23 3.60
N ARG C 253 -21.29 -26.32 4.21
CA ARG C 253 -22.63 -26.37 4.76
C ARG C 253 -22.86 -25.20 5.73
N ASP C 254 -21.91 -24.97 6.63
CA ASP C 254 -22.16 -24.08 7.76
C ASP C 254 -21.74 -22.64 7.47
N LEU C 255 -20.76 -22.41 6.57
CA LEU C 255 -20.08 -21.11 6.55
C LEU C 255 -20.21 -20.40 5.20
N VAL C 256 -20.79 -21.07 4.20
CA VAL C 256 -20.98 -20.43 2.90
C VAL C 256 -22.43 -19.96 2.80
N ASP C 257 -22.61 -18.70 2.40
CA ASP C 257 -23.91 -18.04 2.44
C ASP C 257 -24.84 -18.51 1.33
N ASP C 258 -24.31 -18.69 0.13
CA ASP C 258 -25.16 -19.04 -1.00
C ASP C 258 -24.32 -19.65 -2.12
N ILE C 259 -25.01 -20.38 -3.02
N ILE C 259 -25.00 -20.37 -3.02
CA ILE C 259 -24.38 -21.00 -4.17
CA ILE C 259 -24.34 -20.96 -4.16
C ILE C 259 -25.10 -20.54 -5.44
C ILE C 259 -25.09 -20.54 -5.42
N PHE C 260 -24.35 -20.00 -6.38
CA PHE C 260 -24.92 -19.58 -7.65
C PHE C 260 -24.45 -20.53 -8.74
N THR C 261 -25.39 -21.03 -9.54
CA THR C 261 -25.04 -21.89 -10.66
C THR C 261 -25.15 -21.12 -11.96
N VAL C 262 -24.33 -21.50 -12.93
CA VAL C 262 -24.27 -20.75 -14.18
C VAL C 262 -24.19 -21.76 -15.31
N THR C 263 -24.84 -21.43 -16.43
CA THR C 263 -24.86 -22.34 -17.54
C THR C 263 -23.53 -22.28 -18.28
N GLU C 264 -23.31 -23.28 -19.14
CA GLU C 264 -22.13 -23.33 -19.99
C GLU C 264 -22.02 -22.06 -20.80
N ASP C 265 -23.15 -21.57 -21.30
CA ASP C 265 -23.09 -20.41 -22.17
C ASP C 265 -22.66 -19.19 -21.37
N GLU C 266 -23.17 -19.09 -20.14
CA GLU C 266 -22.80 -17.99 -19.25
C GLU C 266 -21.30 -18.03 -18.97
N ILE C 267 -20.77 -19.24 -18.68
CA ILE C 267 -19.34 -19.39 -18.42
C ILE C 267 -18.54 -18.91 -19.62
N LYS C 268 -18.93 -19.37 -20.83
CA LYS C 268 -18.22 -18.98 -22.02
C LYS C 268 -18.27 -17.48 -22.23
N CYS C 269 -19.46 -16.89 -22.08
N CYS C 269 -19.48 -16.92 -22.12
CA CYS C 269 -19.63 -15.46 -22.36
CA CYS C 269 -19.68 -15.50 -22.32
C CYS C 269 -18.90 -14.62 -21.30
C CYS C 269 -18.78 -14.73 -21.34
N ALA C 270 -18.87 -15.10 -20.05
CA ALA C 270 -18.15 -14.37 -19.01
C ALA C 270 -16.64 -14.42 -19.26
N THR C 271 -16.13 -15.57 -19.72
CA THR C 271 -14.72 -15.76 -19.96
C THR C 271 -14.27 -14.85 -21.11
N GLN C 272 -15.05 -14.85 -22.21
CA GLN C 272 -14.79 -13.96 -23.34
C GLN C 272 -14.84 -12.48 -22.94
N LEU C 273 -15.81 -12.11 -22.08
N LEU C 273 -15.82 -12.11 -22.10
CA LEU C 273 -15.92 -10.72 -21.63
CA LEU C 273 -15.93 -10.75 -21.60
C LEU C 273 -14.66 -10.31 -20.86
C LEU C 273 -14.63 -10.34 -20.92
N VAL C 274 -14.14 -11.20 -20.02
CA VAL C 274 -12.92 -10.91 -19.27
C VAL C 274 -11.71 -10.79 -20.20
N TRP C 275 -11.55 -11.70 -21.17
CA TRP C 275 -10.46 -11.56 -22.15
C TRP C 275 -10.55 -10.19 -22.84
N GLU C 276 -11.71 -9.92 -23.43
CA GLU C 276 -11.87 -8.76 -24.31
C GLU C 276 -11.86 -7.44 -23.54
N ARG C 277 -12.54 -7.39 -22.39
CA ARG C 277 -12.71 -6.09 -21.75
C ARG C 277 -11.72 -5.86 -20.63
N MET C 278 -11.17 -6.94 -20.02
CA MET C 278 -10.19 -6.76 -18.97
C MET C 278 -8.78 -7.13 -19.43
N LYS C 279 -8.64 -7.81 -20.58
CA LYS C 279 -7.33 -8.19 -21.12
C LYS C 279 -6.59 -9.17 -20.18
N LEU C 280 -7.36 -9.96 -19.43
CA LEU C 280 -6.82 -10.96 -18.53
C LEU C 280 -7.12 -12.33 -19.12
N LEU C 281 -6.09 -13.17 -19.28
N LEU C 281 -6.06 -13.15 -19.29
CA LEU C 281 -6.32 -14.45 -19.90
CA LEU C 281 -6.20 -14.49 -19.83
C LEU C 281 -6.68 -15.50 -18.85
C LEU C 281 -6.63 -15.46 -18.73
N ILE C 282 -7.89 -15.36 -18.30
CA ILE C 282 -8.40 -16.34 -17.34
C ILE C 282 -8.70 -17.64 -18.08
N GLU C 283 -8.58 -18.77 -17.37
CA GLU C 283 -9.16 -20.01 -17.91
C GLU C 283 -10.65 -20.00 -17.65
N PRO C 284 -11.44 -20.77 -18.44
CA PRO C 284 -12.89 -20.80 -18.26
C PRO C 284 -13.38 -21.11 -16.84
N THR C 285 -12.65 -21.97 -16.12
CA THR C 285 -12.99 -22.26 -14.73
C THR C 285 -13.03 -20.98 -13.90
N ALA C 286 -12.06 -20.08 -14.14
CA ALA C 286 -12.05 -18.77 -13.48
C ALA C 286 -13.17 -17.86 -14.01
N GLY C 287 -13.77 -18.19 -15.15
CA GLY C 287 -14.90 -17.37 -15.60
C GLY C 287 -16.20 -17.72 -14.86
N VAL C 288 -16.22 -18.84 -14.13
CA VAL C 288 -17.41 -19.28 -13.44
C VAL C 288 -17.90 -18.20 -12.45
N GLY C 289 -16.96 -17.62 -11.68
CA GLY C 289 -17.27 -16.66 -10.65
C GLY C 289 -17.76 -15.34 -11.25
N VAL C 290 -17.15 -14.96 -12.37
CA VAL C 290 -17.59 -13.79 -13.11
C VAL C 290 -19.02 -14.01 -13.62
N ALA C 291 -19.25 -15.16 -14.26
CA ALA C 291 -20.57 -15.54 -14.73
C ALA C 291 -21.59 -15.44 -13.61
N ALA C 292 -21.24 -15.90 -12.40
CA ALA C 292 -22.14 -15.85 -11.26
C ALA C 292 -22.59 -14.42 -10.96
N VAL C 293 -21.66 -13.47 -10.98
CA VAL C 293 -22.01 -12.13 -10.55
C VAL C 293 -22.83 -11.45 -11.64
N LEU C 294 -22.64 -11.89 -12.90
CA LEU C 294 -23.43 -11.38 -14.01
C LEU C 294 -24.81 -12.04 -14.10
N SER C 295 -25.04 -13.14 -13.38
CA SER C 295 -26.22 -13.94 -13.66
C SER C 295 -27.49 -13.25 -13.13
N GLN C 296 -28.65 -13.66 -13.63
CA GLN C 296 -29.93 -13.10 -13.20
C GLN C 296 -30.11 -13.28 -11.69
N HIS C 297 -29.84 -14.49 -11.19
CA HIS C 297 -30.04 -14.79 -9.77
C HIS C 297 -29.23 -13.85 -8.88
N PHE C 298 -28.02 -13.48 -9.31
CA PHE C 298 -27.17 -12.63 -8.49
C PHE C 298 -27.69 -11.19 -8.46
N GLN C 299 -28.40 -10.77 -9.52
CA GLN C 299 -28.83 -9.40 -9.63
C GLN C 299 -29.82 -9.04 -8.52
N THR C 300 -30.40 -10.09 -7.91
CA THR C 300 -31.45 -9.91 -6.93
C THR C 300 -30.88 -9.88 -5.51
N VAL C 301 -29.57 -10.15 -5.40
CA VAL C 301 -28.84 -10.04 -4.13
C VAL C 301 -28.99 -8.60 -3.63
N SER C 302 -29.11 -8.45 -2.31
CA SER C 302 -29.34 -7.17 -1.67
C SER C 302 -28.34 -6.12 -2.15
N PRO C 303 -28.77 -4.86 -2.42
CA PRO C 303 -27.84 -3.80 -2.83
C PRO C 303 -26.85 -3.38 -1.75
N GLU C 304 -27.10 -3.81 -0.51
CA GLU C 304 -26.17 -3.57 0.59
C GLU C 304 -24.88 -4.35 0.36
N VAL C 305 -24.96 -5.40 -0.46
CA VAL C 305 -23.77 -6.20 -0.77
C VAL C 305 -23.14 -5.59 -2.03
N LYS C 306 -22.32 -4.57 -1.83
CA LYS C 306 -21.94 -3.67 -2.91
C LYS C 306 -20.56 -4.03 -3.44
N ASN C 307 -19.61 -4.18 -2.52
CA ASN C 307 -18.20 -4.37 -2.83
C ASN C 307 -17.94 -5.87 -2.87
N ILE C 308 -17.80 -6.42 -4.08
CA ILE C 308 -17.71 -7.86 -4.26
C ILE C 308 -16.35 -8.20 -4.85
N CYS C 309 -15.67 -9.13 -4.18
CA CYS C 309 -14.39 -9.60 -4.68
C CYS C 309 -14.60 -10.97 -5.32
N ILE C 310 -14.28 -11.04 -6.62
CA ILE C 310 -14.31 -12.31 -7.33
C ILE C 310 -12.89 -12.85 -7.43
N VAL C 311 -12.72 -14.14 -7.06
CA VAL C 311 -11.44 -14.80 -7.22
C VAL C 311 -11.25 -15.22 -8.69
N LEU C 312 -10.32 -14.59 -9.42
CA LEU C 312 -9.96 -15.14 -10.74
C LEU C 312 -8.91 -16.24 -10.54
N SER C 313 -9.38 -17.49 -10.48
CA SER C 313 -8.65 -18.56 -9.82
C SER C 313 -7.46 -19.06 -10.64
N GLY C 314 -7.49 -18.87 -11.96
CA GLY C 314 -6.41 -19.44 -12.78
C GLY C 314 -6.37 -18.85 -14.17
N GLY C 315 -5.21 -18.96 -14.84
CA GLY C 315 -5.06 -18.56 -16.22
C GLY C 315 -4.38 -19.59 -17.11
N ASN C 316 -4.45 -20.87 -16.73
CA ASN C 316 -3.77 -21.91 -17.48
C ASN C 316 -4.70 -22.43 -18.56
N VAL C 317 -4.80 -21.66 -19.64
CA VAL C 317 -5.69 -21.98 -20.73
C VAL C 317 -4.83 -22.34 -21.94
N ASP C 318 -5.25 -23.40 -22.66
CA ASP C 318 -4.58 -23.87 -23.87
C ASP C 318 -4.92 -22.92 -25.02
N LEU C 319 -3.94 -22.08 -25.38
CA LEU C 319 -4.14 -21.02 -26.35
C LEU C 319 -4.34 -21.61 -27.74
N THR C 320 -3.60 -22.68 -28.04
CA THR C 320 -3.75 -23.37 -29.32
C THR C 320 -4.92 -24.36 -29.22
N SER C 321 -6.07 -23.87 -28.74
CA SER C 321 -7.24 -24.71 -28.53
C SER C 321 -8.47 -23.89 -28.15
N SER C 322 -8.34 -22.56 -28.18
CA SER C 322 -9.39 -21.66 -27.72
C SER C 322 -10.57 -21.64 -28.69
N ILE C 323 -10.24 -21.83 -29.98
CA ILE C 323 -11.18 -21.67 -31.10
C ILE C 323 -12.52 -22.31 -30.76
N THR C 324 -12.48 -23.51 -30.17
CA THR C 324 -13.65 -24.35 -29.96
C THR C 324 -14.89 -23.53 -29.64
N TRP C 325 -14.82 -22.72 -28.56
CA TRP C 325 -16.04 -22.13 -28.01
C TRP C 325 -16.22 -20.66 -28.43
N VAL C 326 -15.13 -20.00 -28.85
CA VAL C 326 -15.16 -18.60 -29.23
C VAL C 326 -16.26 -18.37 -30.27
N GLN D 4 0.71 31.23 -13.68
CA GLN D 4 0.08 32.48 -13.14
C GLN D 4 0.67 32.81 -11.77
N TYR D 5 0.98 31.77 -10.98
CA TYR D 5 1.50 31.98 -9.64
C TYR D 5 3.01 31.78 -9.64
N ASP D 6 3.61 31.96 -8.46
CA ASP D 6 5.07 31.90 -8.35
C ASP D 6 5.55 30.47 -8.45
N ILE D 7 4.64 29.51 -8.23
CA ILE D 7 4.90 28.14 -8.61
C ILE D 7 3.71 27.58 -9.40
N SER D 8 3.93 26.40 -9.98
CA SER D 8 2.81 25.60 -10.52
C SER D 8 2.98 24.18 -10.00
N PHE D 9 1.97 23.35 -10.23
CA PHE D 9 2.03 21.95 -9.84
C PHE D 9 3.30 21.27 -10.41
N ALA D 10 3.72 21.68 -11.62
CA ALA D 10 4.91 21.10 -12.22
C ALA D 10 6.11 21.23 -11.28
N ASP D 11 6.24 22.38 -10.59
CA ASP D 11 7.30 22.60 -9.61
C ASP D 11 7.19 21.62 -8.43
N VAL D 12 5.95 21.33 -7.99
CA VAL D 12 5.74 20.37 -6.90
C VAL D 12 6.18 18.97 -7.31
N GLU D 13 5.80 18.56 -8.54
CA GLU D 13 6.22 17.27 -9.04
C GLU D 13 7.74 17.20 -9.14
N LYS D 14 8.38 18.25 -9.65
CA LYS D 14 9.84 18.26 -9.67
C LYS D 14 10.41 18.09 -8.26
N ALA D 15 9.81 18.79 -7.27
CA ALA D 15 10.25 18.77 -5.89
C ALA D 15 10.14 17.34 -5.35
N HIS D 16 9.02 16.67 -5.66
CA HIS D 16 8.78 15.29 -5.24
C HIS D 16 9.94 14.41 -5.70
N ILE D 17 10.28 14.48 -7.00
CA ILE D 17 11.38 13.67 -7.50
C ILE D 17 12.68 14.06 -6.81
N ASN D 18 12.91 15.36 -6.64
CA ASN D 18 14.12 15.91 -6.03
C ASN D 18 14.33 15.43 -4.59
N ILE D 19 13.28 15.32 -3.76
CA ILE D 19 13.48 15.17 -2.32
C ILE D 19 13.12 13.77 -1.82
N ARG D 20 12.39 12.98 -2.62
CA ARG D 20 11.72 11.81 -2.08
C ARG D 20 12.68 10.76 -1.51
N ASP D 21 13.92 10.70 -2.02
N ASP D 21 13.92 10.70 -2.02
CA ASP D 21 14.88 9.68 -1.60
CA ASP D 21 14.84 9.66 -1.59
C ASP D 21 15.45 9.99 -0.21
C ASP D 21 15.46 9.99 -0.23
N SER D 22 15.22 11.20 0.29
CA SER D 22 15.90 11.68 1.50
C SER D 22 14.92 12.11 2.60
N ILE D 23 13.60 12.03 2.36
CA ILE D 23 12.65 12.41 3.39
C ILE D 23 11.82 11.18 3.73
N HIS D 24 11.02 11.27 4.80
CA HIS D 24 10.12 10.18 5.13
C HIS D 24 8.77 10.45 4.50
N LEU D 25 8.19 9.40 3.90
CA LEU D 25 6.77 9.43 3.57
C LEU D 25 6.04 9.13 4.88
N THR D 26 5.62 10.21 5.57
CA THR D 26 5.14 10.09 6.94
C THR D 26 3.75 9.44 6.94
N PRO D 27 3.40 8.68 8.00
CA PRO D 27 2.11 8.01 8.03
C PRO D 27 0.95 8.97 8.27
N VAL D 28 -0.24 8.43 8.00
CA VAL D 28 -1.50 9.08 8.33
C VAL D 28 -2.14 8.26 9.43
N LEU D 29 -2.34 8.87 10.60
CA LEU D 29 -2.91 8.18 11.74
C LEU D 29 -4.33 8.68 11.97
N THR D 30 -5.09 7.90 12.77
CA THR D 30 -6.46 8.24 13.08
C THR D 30 -6.67 8.16 14.60
N SER D 31 -7.79 8.73 15.08
CA SER D 31 -8.16 8.78 16.48
C SER D 31 -9.68 8.70 16.63
N SER D 32 -10.15 7.63 17.29
CA SER D 32 -11.57 7.46 17.50
C SER D 32 -12.11 8.62 18.32
N ILE D 33 -11.38 9.03 19.38
CA ILE D 33 -11.88 10.10 20.24
C ILE D 33 -11.98 11.41 19.47
N LEU D 34 -10.97 11.73 18.65
CA LEU D 34 -11.07 12.99 17.91
C LEU D 34 -12.22 12.91 16.91
N ASN D 35 -12.48 11.74 16.35
CA ASN D 35 -13.60 11.58 15.43
C ASN D 35 -14.91 11.89 16.17
N GLN D 36 -15.00 11.30 17.37
N GLN D 36 -15.06 11.34 17.37
CA GLN D 36 -16.14 11.42 18.28
CA GLN D 36 -16.32 11.52 18.07
C GLN D 36 -16.42 12.88 18.57
C GLN D 36 -16.48 12.97 18.52
N LEU D 37 -15.36 13.65 18.87
CA LEU D 37 -15.47 15.03 19.32
C LEU D 37 -15.85 15.97 18.17
N THR D 38 -15.49 15.62 16.92
CA THR D 38 -15.65 16.58 15.83
C THR D 38 -16.86 16.23 14.97
N GLY D 39 -17.32 14.98 15.03
CA GLY D 39 -18.35 14.51 14.11
C GLY D 39 -17.79 14.26 12.71
N ARG D 40 -16.46 14.27 12.57
CA ARG D 40 -15.84 14.04 11.27
C ARG D 40 -15.00 12.76 11.28
N ASN D 41 -14.65 12.29 10.08
N ASN D 41 -14.59 12.36 10.08
CA ASN D 41 -13.62 11.27 9.96
CA ASN D 41 -13.63 11.29 9.92
C ASN D 41 -12.30 12.00 9.75
C ASN D 41 -12.27 11.95 9.73
N LEU D 42 -11.46 12.02 10.79
CA LEU D 42 -10.20 12.76 10.74
C LEU D 42 -9.04 11.86 10.38
N PHE D 43 -8.06 12.44 9.68
CA PHE D 43 -6.84 11.75 9.27
C PHE D 43 -5.69 12.69 9.58
N PHE D 44 -4.66 12.19 10.27
CA PHE D 44 -3.61 13.07 10.74
C PHE D 44 -2.34 12.79 9.96
N LYS D 45 -1.92 13.74 9.11
CA LYS D 45 -0.67 13.59 8.37
C LYS D 45 0.47 13.95 9.31
N CYS D 46 1.28 12.94 9.66
CA CYS D 46 2.21 13.08 10.79
C CYS D 46 3.57 13.63 10.36
N GLU D 47 3.60 14.90 9.95
CA GLU D 47 4.89 15.54 9.67
C GLU D 47 5.71 15.78 10.95
N LEU D 48 5.14 15.57 12.15
CA LEU D 48 5.97 15.59 13.36
C LEU D 48 6.99 14.45 13.33
N PHE D 49 6.76 13.41 12.50
CA PHE D 49 7.70 12.30 12.40
C PHE D 49 8.67 12.49 11.24
N GLN D 50 8.61 13.64 10.57
CA GLN D 50 9.51 13.93 9.46
C GLN D 50 10.94 14.12 9.96
N LYS D 51 11.92 13.84 9.09
CA LYS D 51 13.29 14.26 9.39
C LYS D 51 13.31 15.70 9.89
N THR D 52 14.06 15.93 11.00
CA THR D 52 14.26 17.21 11.67
C THR D 52 13.08 17.59 12.57
N GLY D 53 11.98 16.85 12.53
CA GLY D 53 10.89 17.07 13.45
C GLY D 53 9.79 17.98 12.89
N SER D 54 9.89 18.36 11.60
CA SER D 54 8.87 19.20 10.98
C SER D 54 8.91 19.01 9.48
N PHE D 55 7.83 19.44 8.81
CA PHE D 55 7.74 19.36 7.36
C PHE D 55 8.79 20.19 6.63
N LYS D 56 9.51 21.08 7.33
CA LYS D 56 10.30 22.09 6.63
C LYS D 56 11.50 21.50 5.87
N ILE D 57 11.88 20.27 6.19
CA ILE D 57 12.94 19.63 5.40
C ILE D 57 12.54 19.52 3.93
N ARG D 58 11.22 19.47 3.63
CA ARG D 58 10.77 19.30 2.24
C ARG D 58 11.18 20.52 1.41
N GLY D 59 10.73 21.72 1.84
CA GLY D 59 11.11 22.93 1.13
C GLY D 59 12.62 23.21 1.20
N ALA D 60 13.23 22.92 2.35
CA ALA D 60 14.64 23.20 2.57
C ALA D 60 15.51 22.35 1.62
N LEU D 61 15.22 21.05 1.53
CA LEU D 61 16.02 20.19 0.67
C LEU D 61 15.78 20.56 -0.80
N ASN D 62 14.53 20.90 -1.14
CA ASN D 62 14.22 21.28 -2.52
C ASN D 62 15.00 22.53 -2.92
N ALA D 63 15.22 23.46 -1.98
CA ALA D 63 15.90 24.71 -2.30
C ALA D 63 17.39 24.48 -2.45
N VAL D 64 17.93 23.53 -1.70
CA VAL D 64 19.38 23.34 -1.65
C VAL D 64 19.81 22.43 -2.79
N ARG D 65 18.96 21.46 -3.14
CA ARG D 65 19.37 20.39 -4.04
C ARG D 65 18.90 20.70 -5.46
N SER D 66 19.79 20.48 -6.43
CA SER D 66 19.48 20.63 -7.85
C SER D 66 18.95 19.30 -8.38
N LEU D 67 17.79 19.37 -9.05
CA LEU D 67 17.14 18.20 -9.62
C LEU D 67 17.96 17.68 -10.80
N VAL D 68 18.43 18.60 -11.66
CA VAL D 68 19.14 18.24 -12.88
C VAL D 68 20.47 19.00 -12.91
N ARG D 74 24.94 27.92 -11.10
CA ARG D 74 25.91 27.23 -10.22
C ARG D 74 25.14 26.49 -9.12
N LYS D 75 25.85 25.63 -8.38
CA LYS D 75 25.27 24.90 -7.25
C LYS D 75 25.58 25.66 -5.96
N PRO D 76 24.69 25.61 -4.94
CA PRO D 76 24.95 26.31 -3.68
C PRO D 76 26.20 25.75 -3.02
N LYS D 77 27.10 26.64 -2.59
CA LYS D 77 28.32 26.24 -1.91
C LYS D 77 28.16 26.28 -0.39
N ALA D 78 27.00 26.73 0.10
CA ALA D 78 26.73 26.86 1.53
C ALA D 78 25.32 27.40 1.72
N VAL D 79 24.76 27.19 2.91
CA VAL D 79 23.49 27.80 3.27
C VAL D 79 23.72 28.63 4.52
N VAL D 80 23.02 29.77 4.58
CA VAL D 80 23.12 30.70 5.69
C VAL D 80 21.70 31.03 6.12
N THR D 81 21.47 31.06 7.44
CA THR D 81 20.13 31.28 7.94
C THR D 81 20.20 32.10 9.23
N HIS D 82 19.10 32.83 9.51
CA HIS D 82 18.84 33.54 10.76
C HIS D 82 18.11 32.66 11.76
N SER D 83 17.59 31.53 11.27
CA SER D 83 16.67 30.71 12.04
C SER D 83 17.40 29.66 12.90
N SER D 84 17.07 29.62 14.19
CA SER D 84 17.49 28.52 15.02
C SER D 84 16.30 27.60 15.27
N GLY D 85 15.16 27.88 14.62
CA GLY D 85 13.96 27.07 14.83
C GLY D 85 13.83 25.98 13.77
N ASN D 86 12.58 25.62 13.43
CA ASN D 86 12.35 24.52 12.48
C ASN D 86 13.04 24.75 11.14
N HIS D 87 13.06 26.01 10.68
CA HIS D 87 13.61 26.35 9.37
C HIS D 87 15.12 26.14 9.34
N GLY D 88 15.83 26.67 10.34
CA GLY D 88 17.27 26.55 10.40
C GLY D 88 17.68 25.09 10.59
N GLN D 89 16.88 24.34 11.35
N GLN D 89 16.88 24.34 11.35
CA GLN D 89 17.19 22.95 11.61
CA GLN D 89 17.19 22.94 11.60
C GLN D 89 17.05 22.16 10.31
C GLN D 89 17.06 22.16 10.30
N ALA D 90 15.99 22.47 9.56
CA ALA D 90 15.73 21.81 8.29
C ALA D 90 16.85 22.16 7.30
N LEU D 91 17.19 23.44 7.22
CA LEU D 91 18.22 23.89 6.30
C LEU D 91 19.59 23.27 6.62
N THR D 92 19.91 23.16 7.92
CA THR D 92 21.15 22.52 8.35
C THR D 92 21.20 21.07 7.90
N TYR D 93 20.10 20.34 8.11
CA TYR D 93 20.03 18.94 7.71
C TYR D 93 20.17 18.81 6.19
N ALA D 94 19.45 19.66 5.45
CA ALA D 94 19.54 19.63 3.99
C ALA D 94 20.99 19.89 3.54
N ALA D 95 21.67 20.87 4.16
CA ALA D 95 23.05 21.20 3.84
C ALA D 95 23.98 20.01 4.08
N LYS D 96 23.84 19.38 5.25
CA LYS D 96 24.60 18.17 5.56
C LYS D 96 24.37 17.10 4.49
N LEU D 97 23.10 16.85 4.14
CA LEU D 97 22.80 15.86 3.13
C LEU D 97 23.58 16.13 1.84
N GLU D 98 23.72 17.41 1.48
CA GLU D 98 24.27 17.81 0.20
C GLU D 98 25.78 18.00 0.32
N GLY D 99 26.33 17.80 1.53
CA GLY D 99 27.75 17.96 1.80
C GLY D 99 28.24 19.41 1.69
N ILE D 100 27.37 20.39 2.00
CA ILE D 100 27.79 21.79 2.00
C ILE D 100 27.63 22.39 3.41
N PRO D 101 28.43 23.40 3.75
CA PRO D 101 28.42 24.00 5.10
C PRO D 101 27.11 24.74 5.39
N ALA D 102 26.67 24.71 6.66
CA ALA D 102 25.49 25.43 7.10
C ALA D 102 25.94 26.46 8.13
N TYR D 103 25.55 27.73 7.97
CA TYR D 103 25.90 28.76 8.94
C TYR D 103 24.62 29.34 9.52
N ILE D 104 24.57 29.54 10.84
N ILE D 104 24.59 29.54 10.83
CA ILE D 104 23.44 30.18 11.47
CA ILE D 104 23.48 30.20 11.47
C ILE D 104 23.95 31.43 12.18
C ILE D 104 24.01 31.46 12.13
N VAL D 105 23.34 32.58 11.84
CA VAL D 105 23.73 33.87 12.37
C VAL D 105 22.98 34.07 13.69
N VAL D 106 23.72 34.09 14.81
CA VAL D 106 23.06 34.18 16.10
C VAL D 106 23.55 35.41 16.87
N PRO D 107 22.63 36.23 17.44
CA PRO D 107 23.01 37.40 18.25
C PRO D 107 23.87 36.93 19.42
N GLN D 108 24.95 37.66 19.69
CA GLN D 108 25.80 37.42 20.86
C GLN D 108 24.93 37.31 22.12
N THR D 109 23.74 37.93 22.05
CA THR D 109 22.90 38.20 23.20
C THR D 109 21.86 37.08 23.36
N ALA D 110 21.92 36.07 22.49
CA ALA D 110 21.09 34.88 22.62
C ALA D 110 21.56 34.07 23.83
N PRO D 111 20.64 33.37 24.55
CA PRO D 111 21.02 32.62 25.76
C PRO D 111 21.98 31.47 25.46
N ASP D 112 22.72 31.03 26.49
CA ASP D 112 23.79 30.05 26.33
C ASP D 112 23.22 28.68 25.95
N CYS D 113 22.00 28.38 26.41
CA CYS D 113 21.35 27.12 26.10
C CYS D 113 21.11 26.98 24.61
N LYS D 114 20.65 28.06 23.97
CA LYS D 114 20.38 28.09 22.53
C LYS D 114 21.63 27.74 21.74
N LYS D 115 22.78 28.33 22.11
CA LYS D 115 24.02 28.18 21.35
C LYS D 115 24.49 26.71 21.38
N LEU D 116 24.33 26.06 22.54
CA LEU D 116 24.74 24.68 22.74
C LEU D 116 23.94 23.77 21.81
N ALA D 117 22.63 24.02 21.73
CA ALA D 117 21.68 23.34 20.87
C ALA D 117 22.08 23.48 19.40
N ILE D 118 22.34 24.71 18.95
CA ILE D 118 22.58 24.96 17.54
C ILE D 118 23.78 24.14 17.06
N GLN D 119 24.88 24.18 17.82
CA GLN D 119 26.09 23.47 17.44
C GLN D 119 25.78 21.97 17.42
N ALA D 120 24.77 21.55 18.21
CA ALA D 120 24.40 20.16 18.32
C ALA D 120 23.78 19.66 17.02
N TYR D 121 22.97 20.49 16.35
CA TYR D 121 22.40 20.02 15.09
C TYR D 121 23.39 20.17 13.94
N GLY D 122 24.55 20.81 14.20
CA GLY D 122 25.69 20.67 13.31
C GLY D 122 25.92 21.87 12.41
N ALA D 123 25.25 22.99 12.68
CA ALA D 123 25.54 24.25 12.02
C ALA D 123 26.79 24.92 12.62
N SER D 124 27.51 25.71 11.81
CA SER D 124 28.52 26.62 12.31
C SER D 124 27.87 27.93 12.74
N ILE D 125 28.33 28.49 13.86
CA ILE D 125 27.69 29.70 14.39
C ILE D 125 28.50 30.91 13.95
N VAL D 126 27.80 31.94 13.45
N VAL D 126 27.80 31.94 13.45
CA VAL D 126 28.41 33.24 13.25
CA VAL D 126 28.41 33.24 13.25
C VAL D 126 27.68 34.24 14.14
C VAL D 126 27.68 34.24 14.14
N TYR D 127 28.41 34.83 15.09
CA TYR D 127 27.85 35.79 16.03
C TYR D 127 27.70 37.17 15.39
N CYS D 128 26.58 37.82 15.71
N CYS D 128 26.57 37.82 15.70
CA CYS D 128 26.29 39.19 15.28
CA CYS D 128 26.29 39.19 15.28
C CYS D 128 25.79 39.97 16.50
C CYS D 128 25.79 39.96 16.50
N GLU D 129 25.58 41.28 16.33
N GLU D 129 25.58 41.27 16.32
CA GLU D 129 25.01 42.10 17.38
CA GLU D 129 25.01 42.10 17.38
C GLU D 129 23.49 41.92 17.38
C GLU D 129 23.49 41.92 17.38
N PRO D 130 22.81 42.08 18.54
CA PRO D 130 21.34 41.97 18.65
C PRO D 130 20.46 42.62 17.57
N SER D 131 20.94 43.72 16.99
CA SER D 131 20.18 44.49 16.02
C SER D 131 19.88 43.66 14.78
N ASP D 132 18.70 43.89 14.19
CA ASP D 132 18.33 43.33 12.90
C ASP D 132 19.29 43.81 11.81
N GLU D 133 19.77 45.06 11.94
CA GLU D 133 20.77 45.57 11.02
C GLU D 133 22.00 44.66 11.03
N SER D 134 22.47 44.28 12.22
CA SER D 134 23.67 43.46 12.36
C SER D 134 23.45 42.04 11.84
N ARG D 135 22.30 41.45 12.17
N ARG D 135 22.30 41.45 12.16
CA ARG D 135 21.98 40.11 11.73
CA ARG D 135 22.02 40.10 11.72
C ARG D 135 22.00 40.05 10.20
C ARG D 135 21.98 40.03 10.19
N GLU D 136 21.31 41.02 9.57
CA GLU D 136 21.21 41.11 8.12
C GLU D 136 22.58 41.35 7.48
N ASN D 137 23.37 42.24 8.09
CA ASN D 137 24.70 42.57 7.60
C ASN D 137 25.57 41.33 7.65
N VAL D 138 25.55 40.63 8.79
CA VAL D 138 26.42 39.49 8.98
C VAL D 138 26.01 38.39 8.00
N ALA D 139 24.69 38.15 7.87
CA ALA D 139 24.13 37.11 7.02
C ALA D 139 24.54 37.33 5.57
N LYS D 140 24.39 38.59 5.11
CA LYS D 140 24.66 38.99 3.74
C LYS D 140 26.14 38.73 3.43
N ARG D 141 27.01 39.11 4.39
CA ARG D 141 28.44 38.91 4.28
C ARG D 141 28.78 37.42 4.18
N VAL D 142 28.27 36.61 5.12
CA VAL D 142 28.62 35.21 5.18
C VAL D 142 28.23 34.56 3.86
N THR D 143 27.04 34.90 3.37
CA THR D 143 26.49 34.40 2.11
C THR D 143 27.45 34.72 0.97
N GLU D 144 27.84 36.01 0.90
CA GLU D 144 28.71 36.45 -0.18
C GLU D 144 30.06 35.77 -0.07
N GLU D 145 30.61 35.73 1.16
CA GLU D 145 31.95 35.18 1.36
C GLU D 145 31.99 33.69 1.00
N THR D 146 30.93 32.94 1.35
CA THR D 146 30.95 31.50 1.22
C THR D 146 30.39 31.10 -0.14
N GLU D 147 30.01 32.10 -0.96
CA GLU D 147 29.33 31.83 -2.21
C GLU D 147 28.11 30.97 -1.94
N GLY D 148 27.44 31.24 -0.83
CA GLY D 148 26.29 30.44 -0.43
C GLY D 148 24.97 31.05 -0.86
N ILE D 149 23.90 30.50 -0.30
CA ILE D 149 22.57 31.03 -0.53
C ILE D 149 21.86 31.23 0.80
N MET D 150 20.90 32.15 0.77
CA MET D 150 19.94 32.19 1.86
C MET D 150 18.63 31.64 1.32
N VAL D 151 17.83 31.02 2.19
CA VAL D 151 16.60 30.43 1.72
C VAL D 151 15.47 31.02 2.56
N HIS D 152 14.59 31.81 1.93
CA HIS D 152 13.43 32.37 2.64
C HIS D 152 12.55 31.24 3.17
N PRO D 153 12.16 31.25 4.46
CA PRO D 153 11.37 30.16 5.04
C PRO D 153 9.97 29.93 4.47
N ASN D 154 9.42 30.87 3.69
CA ASN D 154 8.07 30.67 3.20
C ASN D 154 7.79 31.28 1.84
N GLN D 155 8.63 32.24 1.37
CA GLN D 155 8.31 32.93 0.12
C GLN D 155 9.14 32.39 -1.05
N GLU D 156 10.18 31.61 -0.75
CA GLU D 156 11.06 31.12 -1.81
C GLU D 156 10.29 30.07 -2.62
N PRO D 157 10.18 30.24 -3.97
CA PRO D 157 9.44 29.28 -4.80
C PRO D 157 9.82 27.82 -4.56
N ALA D 158 11.13 27.53 -4.45
CA ALA D 158 11.52 26.13 -4.27
C ALA D 158 11.02 25.60 -2.92
N VAL D 159 10.88 26.49 -1.94
CA VAL D 159 10.40 26.08 -0.64
C VAL D 159 8.90 25.79 -0.72
N ILE D 160 8.17 26.69 -1.38
CA ILE D 160 6.72 26.51 -1.52
C ILE D 160 6.44 25.21 -2.27
N ALA D 161 7.21 24.96 -3.33
CA ALA D 161 7.03 23.74 -4.14
C ALA D 161 7.34 22.48 -3.31
N GLY D 162 8.44 22.49 -2.55
CA GLY D 162 8.75 21.35 -1.68
C GLY D 162 7.60 21.08 -0.71
N GLN D 163 7.05 22.12 -0.07
CA GLN D 163 5.98 21.93 0.90
C GLN D 163 4.76 21.23 0.26
N GLY D 164 4.52 21.55 -1.02
CA GLY D 164 3.40 21.00 -1.76
C GLY D 164 3.38 19.48 -1.76
N THR D 165 4.56 18.86 -1.64
CA THR D 165 4.68 17.41 -1.68
C THR D 165 3.91 16.75 -0.53
N ILE D 166 3.65 17.49 0.57
CA ILE D 166 2.78 16.94 1.63
C ILE D 166 1.44 16.50 1.03
N ALA D 167 0.86 17.37 0.20
CA ALA D 167 -0.47 17.13 -0.35
C ALA D 167 -0.44 15.97 -1.33
N LEU D 168 0.69 15.81 -2.04
N LEU D 168 0.67 15.81 -2.05
CA LEU D 168 0.84 14.68 -2.96
CA LEU D 168 0.82 14.68 -2.96
C LEU D 168 0.67 13.37 -2.20
C LEU D 168 0.65 13.37 -2.18
N GLU D 169 1.32 13.26 -1.03
CA GLU D 169 1.22 12.03 -0.24
C GLU D 169 -0.18 11.89 0.34
N VAL D 170 -0.72 12.99 0.91
CA VAL D 170 -2.05 12.91 1.50
C VAL D 170 -3.06 12.38 0.47
N LEU D 171 -3.02 12.92 -0.74
CA LEU D 171 -4.00 12.48 -1.74
C LEU D 171 -3.88 11.00 -2.06
N ASN D 172 -2.66 10.45 -1.99
CA ASN D 172 -2.46 9.02 -2.19
C ASN D 172 -2.88 8.20 -0.98
N GLN D 173 -2.65 8.75 0.23
CA GLN D 173 -2.80 7.96 1.46
C GLN D 173 -4.26 7.96 1.90
N VAL D 174 -4.99 9.00 1.50
CA VAL D 174 -6.38 9.18 1.89
C VAL D 174 -7.16 9.47 0.62
N PRO D 175 -7.38 8.46 -0.25
CA PRO D 175 -7.97 8.73 -1.58
C PRO D 175 -9.34 9.41 -1.56
N LEU D 176 -10.14 9.20 -0.48
CA LEU D 176 -11.47 9.80 -0.41
C LEU D 176 -11.49 11.06 0.46
N VAL D 177 -10.33 11.71 0.61
CA VAL D 177 -10.24 12.92 1.41
C VAL D 177 -11.16 14.00 0.83
N ASP D 178 -11.87 14.73 1.71
CA ASP D 178 -12.76 15.83 1.33
C ASP D 178 -12.14 17.20 1.62
N ALA D 179 -11.18 17.28 2.55
CA ALA D 179 -10.57 18.56 2.91
C ALA D 179 -9.20 18.35 3.56
N LEU D 180 -8.31 19.32 3.37
CA LEU D 180 -7.08 19.39 4.13
C LEU D 180 -7.14 20.63 5.01
N VAL D 181 -6.64 20.49 6.24
CA VAL D 181 -6.55 21.59 7.19
C VAL D 181 -5.08 21.83 7.51
N VAL D 182 -4.64 23.07 7.27
CA VAL D 182 -3.22 23.37 7.25
C VAL D 182 -2.99 24.59 8.14
N PRO D 183 -2.08 24.54 9.14
CA PRO D 183 -1.72 25.74 9.90
C PRO D 183 -1.03 26.72 8.97
N VAL D 184 -1.27 28.03 9.13
CA VAL D 184 -0.67 29.01 8.24
C VAL D 184 0.11 30.04 9.06
N GLY D 185 1.38 30.24 8.65
CA GLY D 185 2.21 31.35 9.10
C GLY D 185 2.58 32.21 7.89
N GLY D 186 3.75 31.97 7.32
CA GLY D 186 4.08 32.66 6.07
C GLY D 186 3.32 32.09 4.87
N GLY D 187 2.72 30.89 5.04
CA GLY D 187 1.90 30.34 3.97
C GLY D 187 2.66 29.59 2.87
N GLY D 188 3.94 29.23 3.11
CA GLY D 188 4.62 28.38 2.13
C GLY D 188 3.97 26.98 2.09
N MET D 189 3.67 26.47 3.28
CA MET D 189 3.00 25.17 3.31
C MET D 189 1.59 25.24 2.72
N LEU D 190 0.80 26.22 3.19
CA LEU D 190 -0.56 26.35 2.71
C LEU D 190 -0.59 26.50 1.19
N ALA D 191 0.29 27.36 0.66
CA ALA D 191 0.27 27.70 -0.76
C ALA D 191 0.69 26.49 -1.61
N GLY D 192 1.73 25.78 -1.16
CA GLY D 192 2.20 24.60 -1.88
C GLY D 192 1.12 23.52 -1.91
N ILE D 193 0.47 23.38 -0.74
CA ILE D 193 -0.63 22.45 -0.62
C ILE D 193 -1.78 22.84 -1.53
N ALA D 194 -2.15 24.14 -1.55
CA ALA D 194 -3.29 24.59 -2.32
C ALA D 194 -3.07 24.33 -3.82
N ILE D 195 -1.89 24.76 -4.32
CA ILE D 195 -1.48 24.48 -5.70
C ILE D 195 -1.70 23.01 -6.05
N THR D 196 -1.25 22.11 -5.18
CA THR D 196 -1.23 20.68 -5.50
C THR D 196 -2.67 20.18 -5.50
N VAL D 197 -3.43 20.49 -4.44
CA VAL D 197 -4.79 19.99 -4.32
C VAL D 197 -5.67 20.52 -5.45
N LYS D 198 -5.51 21.81 -5.77
CA LYS D 198 -6.38 22.38 -6.77
C LYS D 198 -6.02 21.88 -8.18
N ALA D 199 -4.76 21.48 -8.39
CA ALA D 199 -4.33 20.84 -9.63
C ALA D 199 -4.88 19.43 -9.73
N LEU D 200 -4.82 18.65 -8.63
CA LEU D 200 -5.01 17.21 -8.76
C LEU D 200 -6.44 16.79 -8.47
N LYS D 201 -7.13 17.52 -7.59
CA LYS D 201 -8.46 17.11 -7.14
C LYS D 201 -9.18 18.34 -6.59
N PRO D 202 -9.57 19.30 -7.46
CA PRO D 202 -10.06 20.60 -6.98
C PRO D 202 -11.36 20.56 -6.18
N SER D 203 -12.09 19.45 -6.20
CA SER D 203 -13.27 19.29 -5.36
C SER D 203 -12.89 19.17 -3.88
N VAL D 204 -11.61 18.86 -3.60
CA VAL D 204 -11.12 18.76 -2.23
C VAL D 204 -10.90 20.18 -1.69
N LYS D 205 -11.43 20.45 -0.49
N LYS D 205 -11.43 20.45 -0.49
CA LYS D 205 -11.32 21.76 0.13
CA LYS D 205 -11.32 21.77 0.12
C LYS D 205 -9.93 21.93 0.72
C LYS D 205 -9.93 21.94 0.71
N VAL D 206 -9.44 23.17 0.68
CA VAL D 206 -8.22 23.53 1.36
C VAL D 206 -8.55 24.62 2.38
N TYR D 207 -8.39 24.28 3.66
CA TYR D 207 -8.69 25.20 4.73
C TYR D 207 -7.41 25.55 5.48
N ALA D 208 -7.29 26.83 5.87
CA ALA D 208 -6.17 27.28 6.67
C ALA D 208 -6.64 27.40 8.12
N ALA D 209 -5.71 27.20 9.05
CA ALA D 209 -5.98 27.38 10.47
C ALA D 209 -4.93 28.35 11.01
N GLU D 210 -5.36 29.29 11.85
CA GLU D 210 -4.48 30.39 12.22
C GLU D 210 -4.82 30.87 13.63
N PRO D 211 -3.82 31.25 14.45
CA PRO D 211 -4.11 31.88 15.73
C PRO D 211 -4.80 33.23 15.48
N SER D 212 -5.88 33.45 16.22
CA SER D 212 -6.56 34.73 16.13
C SER D 212 -5.66 35.87 16.64
N ASN D 213 -4.66 35.54 17.47
CA ASN D 213 -3.68 36.54 17.91
C ASN D 213 -2.69 36.90 16.79
N ALA D 214 -2.74 36.17 15.68
CA ALA D 214 -1.80 36.45 14.60
C ALA D 214 -2.53 36.30 13.26
N ASP D 215 -3.63 37.06 13.08
CA ASP D 215 -4.65 36.68 12.11
C ASP D 215 -4.52 37.42 10.78
N ASP D 216 -3.29 37.71 10.32
CA ASP D 216 -3.08 38.38 9.05
C ASP D 216 -3.64 37.59 7.85
N CYS D 217 -3.59 36.25 7.89
CA CYS D 217 -4.08 35.49 6.72
C CYS D 217 -5.59 35.68 6.62
N TYR D 218 -6.26 35.54 7.76
CA TYR D 218 -7.69 35.78 7.87
C TYR D 218 -8.04 37.21 7.44
N GLN D 219 -7.30 38.20 7.95
CA GLN D 219 -7.61 39.60 7.63
C GLN D 219 -7.40 39.86 6.15
N SER D 220 -6.37 39.25 5.56
CA SER D 220 -6.06 39.41 4.15
C SER D 220 -7.18 38.82 3.29
N LYS D 221 -7.62 37.61 3.65
CA LYS D 221 -8.66 36.96 2.87
C LYS D 221 -9.95 37.76 3.01
N LEU D 222 -10.18 38.33 4.19
CA LEU D 222 -11.41 39.05 4.47
C LEU D 222 -11.46 40.30 3.59
N LYS D 223 -10.32 41.00 3.54
CA LYS D 223 -10.26 42.30 2.89
C LYS D 223 -10.00 42.16 1.41
N GLY D 224 -9.35 41.07 0.99
CA GLY D 224 -9.07 40.87 -0.42
C GLY D 224 -7.74 41.46 -0.86
N LYS D 225 -6.87 41.74 0.11
N LYS D 225 -6.88 41.76 0.14
CA LYS D 225 -5.52 42.19 -0.21
CA LYS D 225 -5.57 42.39 -0.06
C LYS D 225 -4.62 41.79 0.94
C LYS D 225 -4.61 41.83 0.98
N LEU D 226 -3.31 41.80 0.66
CA LEU D 226 -2.29 41.38 1.62
C LEU D 226 -2.18 42.41 2.77
N MET D 227 -2.47 41.95 3.99
N MET D 227 -2.51 41.96 3.99
CA MET D 227 -2.44 42.79 5.18
CA MET D 227 -2.47 42.79 5.20
C MET D 227 -1.61 42.10 6.25
C MET D 227 -1.61 42.10 6.25
N PRO D 228 -0.27 42.30 6.29
CA PRO D 228 0.58 41.64 7.27
C PRO D 228 0.25 42.09 8.69
N ASN D 229 0.67 41.30 9.69
CA ASN D 229 0.53 41.72 11.08
C ASN D 229 1.21 43.08 11.24
N LEU D 230 0.52 44.00 11.93
CA LEU D 230 1.10 45.32 12.16
C LEU D 230 2.31 45.20 13.09
N TYR D 231 2.19 44.36 14.12
CA TYR D 231 3.27 44.15 15.08
C TYR D 231 3.60 42.65 15.15
N PRO D 232 4.82 42.28 15.57
CA PRO D 232 5.14 40.87 15.78
C PRO D 232 4.09 40.29 16.73
N PRO D 233 3.37 39.21 16.34
CA PRO D 233 2.26 38.71 17.15
C PRO D 233 2.74 37.91 18.36
N GLU D 234 1.88 37.82 19.37
CA GLU D 234 2.15 37.06 20.58
C GLU D 234 1.25 35.83 20.56
N THR D 235 1.87 34.65 20.47
CA THR D 235 1.13 33.41 20.37
C THR D 235 2.05 32.27 20.80
N ILE D 236 1.46 31.27 21.45
CA ILE D 236 2.13 30.01 21.78
C ILE D 236 2.46 29.21 20.50
N ALA D 237 1.80 29.55 19.40
CA ALA D 237 2.07 28.88 18.13
C ALA D 237 3.28 29.54 17.46
N ASP D 238 4.48 29.25 17.99
CA ASP D 238 5.68 29.99 17.66
C ASP D 238 6.08 29.83 16.19
N GLY D 239 5.62 28.75 15.54
CA GLY D 239 5.99 28.45 14.16
C GLY D 239 5.16 29.20 13.12
N VAL D 240 4.11 29.91 13.55
CA VAL D 240 3.28 30.65 12.58
C VAL D 240 3.23 32.14 12.95
N LYS D 241 4.40 32.66 13.34
CA LYS D 241 4.46 34.09 13.69
C LYS D 241 4.71 34.96 12.46
N SER D 242 5.21 34.37 11.36
CA SER D 242 5.43 35.09 10.13
C SER D 242 4.09 35.53 9.55
N SER D 243 4.09 36.66 8.84
CA SER D 243 2.95 37.01 8.02
C SER D 243 3.04 36.32 6.67
N ILE D 244 1.90 36.22 5.98
CA ILE D 244 1.90 35.80 4.58
C ILE D 244 2.59 36.89 3.77
N GLY D 245 3.07 36.53 2.57
CA GLY D 245 3.95 37.40 1.78
C GLY D 245 3.53 37.48 0.32
N LEU D 246 4.36 38.14 -0.49
CA LEU D 246 3.92 38.52 -1.83
C LEU D 246 3.81 37.30 -2.74
N ASN D 247 4.55 36.21 -2.43
CA ASN D 247 4.49 35.02 -3.27
C ASN D 247 3.38 34.07 -2.82
N THR D 248 3.11 34.03 -1.50
CA THR D 248 2.12 33.08 -1.03
C THR D 248 0.71 33.65 -1.11
N TRP D 249 0.57 34.98 -0.97
CA TRP D 249 -0.75 35.59 -0.90
C TRP D 249 -1.62 35.31 -2.15
N PRO D 250 -1.17 35.53 -3.41
CA PRO D 250 -2.05 35.31 -4.57
C PRO D 250 -2.61 33.90 -4.64
N ILE D 251 -1.80 32.91 -4.24
CA ILE D 251 -2.19 31.51 -4.22
C ILE D 251 -3.30 31.32 -3.19
N ILE D 252 -3.06 31.83 -1.97
CA ILE D 252 -4.01 31.71 -0.88
C ILE D 252 -5.30 32.46 -1.21
N ARG D 253 -5.17 33.67 -1.79
CA ARG D 253 -6.34 34.44 -2.21
C ARG D 253 -7.22 33.59 -3.14
N ASP D 254 -6.60 32.93 -4.11
CA ASP D 254 -7.35 32.31 -5.19
C ASP D 254 -7.71 30.85 -4.93
N LEU D 255 -6.86 30.09 -4.19
CA LEU D 255 -7.00 28.64 -4.16
C LEU D 255 -7.36 28.10 -2.77
N VAL D 256 -7.36 28.94 -1.72
CA VAL D 256 -7.72 28.46 -0.40
C VAL D 256 -9.20 28.78 -0.13
N ASP D 257 -9.94 27.78 0.35
CA ASP D 257 -11.40 27.86 0.46
C ASP D 257 -11.82 28.71 1.66
N ASP D 258 -11.13 28.56 2.80
CA ASP D 258 -11.55 29.30 3.98
C ASP D 258 -10.41 29.30 5.00
N ILE D 259 -10.52 30.20 5.98
N ILE D 259 -10.45 30.30 5.89
CA ILE D 259 -9.53 30.31 7.03
CA ILE D 259 -9.54 30.37 7.03
C ILE D 259 -10.21 30.43 8.39
C ILE D 259 -10.39 30.24 8.30
N PHE D 260 -9.85 29.50 9.28
CA PHE D 260 -10.41 29.39 10.61
C PHE D 260 -9.41 29.94 11.63
N THR D 261 -9.85 30.89 12.45
CA THR D 261 -8.99 31.41 13.50
C THR D 261 -9.31 30.73 14.82
N VAL D 262 -8.31 30.63 15.69
CA VAL D 262 -8.45 29.89 16.93
C VAL D 262 -7.77 30.67 18.04
N THR D 263 -8.32 30.67 19.25
CA THR D 263 -7.76 31.46 20.33
C THR D 263 -6.58 30.72 20.96
N GLU D 264 -5.77 31.42 21.76
CA GLU D 264 -4.65 30.82 22.47
C GLU D 264 -5.12 29.62 23.30
N ASP D 265 -6.25 29.77 24.00
CA ASP D 265 -6.82 28.70 24.81
C ASP D 265 -7.19 27.48 23.96
N GLU D 266 -7.75 27.74 22.78
CA GLU D 266 -8.18 26.65 21.92
C GLU D 266 -6.94 25.88 21.45
N ILE D 267 -5.89 26.63 21.09
CA ILE D 267 -4.64 26.01 20.66
C ILE D 267 -4.09 25.13 21.79
N LYS D 268 -4.02 25.69 23.01
CA LYS D 268 -3.47 24.98 24.15
C LYS D 268 -4.26 23.72 24.45
N CYS D 269 -5.60 23.82 24.44
N CYS D 269 -5.60 23.84 24.45
CA CYS D 269 -6.46 22.69 24.74
CA CYS D 269 -6.49 22.72 24.72
C CYS D 269 -6.35 21.62 23.65
C CYS D 269 -6.30 21.63 23.66
N ALA D 270 -6.29 22.04 22.38
CA ALA D 270 -6.18 21.05 21.28
C ALA D 270 -4.84 20.33 21.34
N THR D 271 -3.79 21.05 21.70
CA THR D 271 -2.46 20.47 21.79
C THR D 271 -2.45 19.42 22.91
N GLN D 272 -2.97 19.80 24.07
CA GLN D 272 -2.98 18.86 25.20
C GLN D 272 -3.84 17.63 24.88
N LEU D 273 -4.94 17.84 24.15
CA LEU D 273 -5.79 16.75 23.71
C LEU D 273 -5.03 15.76 22.83
N VAL D 274 -4.24 16.27 21.87
CA VAL D 274 -3.43 15.37 21.05
C VAL D 274 -2.40 14.63 21.91
N TRP D 275 -1.69 15.34 22.80
CA TRP D 275 -0.73 14.67 23.66
C TRP D 275 -1.40 13.53 24.42
N GLU D 276 -2.52 13.84 25.07
CA GLU D 276 -3.09 12.94 26.07
C GLU D 276 -3.84 11.79 25.40
N ARG D 277 -4.54 12.08 24.29
N ARG D 277 -4.55 12.10 24.31
CA ARG D 277 -5.48 11.14 23.70
CA ARG D 277 -5.47 11.15 23.70
C ARG D 277 -4.92 10.46 22.45
C ARG D 277 -4.83 10.41 22.53
N MET D 278 -3.91 11.08 21.79
CA MET D 278 -3.27 10.44 20.65
C MET D 278 -1.84 9.99 20.96
N LYS D 279 -1.25 10.47 22.06
CA LYS D 279 0.13 10.17 22.46
C LYS D 279 1.14 10.66 21.42
N LEU D 280 0.82 11.74 20.70
CA LEU D 280 1.72 12.35 19.73
C LEU D 280 2.23 13.67 20.30
N LEU D 281 3.56 13.78 20.42
N LEU D 281 3.55 13.82 20.36
CA LEU D 281 4.19 14.99 20.91
CA LEU D 281 4.09 15.01 20.99
C LEU D 281 4.25 16.05 19.81
C LEU D 281 4.25 16.12 19.96
N ILE D 282 3.10 16.63 19.47
CA ILE D 282 3.04 17.78 18.57
C ILE D 282 3.50 19.05 19.30
N GLU D 283 4.08 19.98 18.52
CA GLU D 283 4.33 21.29 19.08
C GLU D 283 3.02 22.09 19.01
N PRO D 284 2.84 23.13 19.84
CA PRO D 284 1.57 23.85 19.84
C PRO D 284 1.17 24.40 18.45
N THR D 285 2.18 24.75 17.64
CA THR D 285 1.87 25.27 16.31
C THR D 285 1.07 24.22 15.51
N ALA D 286 1.39 22.94 15.69
CA ALA D 286 0.69 21.86 15.00
C ALA D 286 -0.70 21.66 15.63
N GLY D 287 -0.91 22.16 16.85
CA GLY D 287 -2.23 22.05 17.45
C GLY D 287 -3.25 23.01 16.83
N VAL D 288 -2.75 24.02 16.08
CA VAL D 288 -3.63 25.05 15.52
C VAL D 288 -4.66 24.42 14.58
N GLY D 289 -4.21 23.46 13.76
CA GLY D 289 -5.10 22.82 12.81
C GLY D 289 -6.16 21.98 13.53
N VAL D 290 -5.74 21.31 14.61
CA VAL D 290 -6.67 20.51 15.41
C VAL D 290 -7.71 21.42 16.07
N ALA D 291 -7.25 22.53 16.65
CA ALA D 291 -8.15 23.50 17.26
C ALA D 291 -9.17 24.02 16.25
N ALA D 292 -8.74 24.21 15.01
CA ALA D 292 -9.63 24.75 13.98
C ALA D 292 -10.78 23.79 13.73
N VAL D 293 -10.48 22.49 13.70
CA VAL D 293 -11.52 21.52 13.38
C VAL D 293 -12.46 21.36 14.59
N LEU D 294 -11.95 21.61 15.80
CA LEU D 294 -12.77 21.50 17.01
C LEU D 294 -13.56 22.79 17.24
N SER D 295 -13.24 23.84 16.47
CA SER D 295 -13.76 25.16 16.77
C SER D 295 -15.25 25.27 16.40
N GLN D 296 -15.92 26.27 17.00
N GLN D 296 -15.91 26.26 17.01
CA GLN D 296 -17.34 26.50 16.77
CA GLN D 296 -17.32 26.53 16.78
C GLN D 296 -17.58 26.81 15.29
C GLN D 296 -17.57 26.81 15.30
N HIS D 297 -16.74 27.67 14.71
CA HIS D 297 -16.96 28.10 13.33
C HIS D 297 -16.82 26.94 12.34
N PHE D 298 -16.06 25.91 12.69
CA PHE D 298 -15.90 24.79 11.77
C PHE D 298 -17.21 24.02 11.59
N GLN D 299 -18.18 24.25 12.49
CA GLN D 299 -19.47 23.58 12.38
C GLN D 299 -20.25 24.10 11.16
N THR D 300 -19.83 25.23 10.59
CA THR D 300 -20.48 25.77 9.41
C THR D 300 -20.05 25.02 8.15
N VAL D 301 -19.05 24.13 8.30
CA VAL D 301 -18.53 23.40 7.16
C VAL D 301 -19.57 22.33 6.81
N SER D 302 -19.93 22.25 5.52
CA SER D 302 -20.90 21.30 5.00
C SER D 302 -20.71 19.91 5.61
N PRO D 303 -21.82 19.17 5.89
CA PRO D 303 -21.72 17.79 6.35
C PRO D 303 -21.14 16.87 5.28
N GLU D 304 -21.15 17.31 4.02
CA GLU D 304 -20.58 16.55 2.92
C GLU D 304 -19.05 16.46 3.04
N VAL D 305 -18.44 17.38 3.81
CA VAL D 305 -17.00 17.41 4.00
C VAL D 305 -16.69 16.54 5.22
N LYS D 306 -16.53 15.24 4.98
N LYS D 306 -16.56 15.22 5.00
CA LYS D 306 -16.54 14.24 6.04
CA LYS D 306 -16.52 14.27 6.09
C LYS D 306 -15.11 13.80 6.39
C LYS D 306 -15.08 13.85 6.40
N ASN D 307 -14.32 13.56 5.34
CA ASN D 307 -12.97 13.01 5.47
C ASN D 307 -11.97 14.18 5.47
N ILE D 308 -11.43 14.48 6.66
CA ILE D 308 -10.64 15.69 6.80
C ILE D 308 -9.22 15.28 7.22
N CYS D 309 -8.23 15.71 6.42
CA CYS D 309 -6.86 15.42 6.79
C CYS D 309 -6.25 16.69 7.38
N ILE D 310 -5.78 16.59 8.63
CA ILE D 310 -5.13 17.71 9.30
C ILE D 310 -3.62 17.47 9.29
N VAL D 311 -2.86 18.51 8.92
CA VAL D 311 -1.41 18.36 8.89
C VAL D 311 -0.86 18.64 10.30
N LEU D 312 -0.34 17.59 10.96
CA LEU D 312 0.41 17.75 12.20
C LEU D 312 1.85 18.12 11.83
N SER D 313 2.08 19.44 11.80
CA SER D 313 3.17 20.00 11.03
C SER D 313 4.52 19.85 11.74
N GLY D 314 4.55 19.62 13.04
CA GLY D 314 5.86 19.53 13.67
C GLY D 314 5.78 18.99 15.09
N GLY D 315 6.92 18.53 15.59
CA GLY D 315 6.99 17.97 16.92
C GLY D 315 8.15 18.56 17.74
N ASN D 316 8.64 19.75 17.35
CA ASN D 316 9.82 20.25 18.01
C ASN D 316 9.42 21.11 19.19
N VAL D 317 9.14 20.45 20.31
CA VAL D 317 8.67 21.17 21.48
C VAL D 317 9.72 21.01 22.58
N ASP D 318 10.05 22.13 23.24
CA ASP D 318 10.86 22.13 24.44
C ASP D 318 9.99 21.60 25.58
N LEU D 319 10.26 20.37 25.99
CA LEU D 319 9.44 19.66 26.95
C LEU D 319 9.53 20.32 28.32
N THR D 320 10.53 21.18 28.50
CA THR D 320 10.72 21.96 29.72
C THR D 320 9.53 22.90 29.92
N SER D 321 9.44 23.96 29.10
CA SER D 321 8.43 24.99 29.26
C SER D 321 7.06 24.54 28.72
N SER D 322 6.92 23.24 28.49
CA SER D 322 5.72 22.66 27.89
C SER D 322 4.62 22.47 28.93
N ILE D 323 4.58 23.39 29.90
CA ILE D 323 3.61 23.33 31.00
C ILE D 323 3.13 24.75 31.28
N THR D 324 4.07 25.70 31.22
CA THR D 324 3.83 27.08 31.61
C THR D 324 2.57 27.61 30.93
N TRP D 325 2.53 27.53 29.59
CA TRP D 325 1.35 27.82 28.78
C TRP D 325 0.56 29.01 29.36
#